data_3GMV
# 
_entry.id   3GMV 
# 
_audit_conform.dict_name       mmcif_pdbx.dic 
_audit_conform.dict_version    5.399 
_audit_conform.dict_location   http://mmcif.pdb.org/dictionaries/ascii/mmcif_pdbx.dic 
# 
loop_
_database_2.database_id 
_database_2.database_code 
_database_2.pdbx_database_accession 
_database_2.pdbx_DOI 
PDB   3GMV         pdb_00003gmv 10.2210/pdb3gmv/pdb 
RCSB  RCSB052058   ?            ?                   
WWPDB D_1000052058 ?            ?                   
# 
loop_
_pdbx_audit_revision_history.ordinal 
_pdbx_audit_revision_history.data_content_type 
_pdbx_audit_revision_history.major_revision 
_pdbx_audit_revision_history.minor_revision 
_pdbx_audit_revision_history.revision_date 
1 'Structure model' 1 0 2009-03-31 
2 'Structure model' 1 1 2011-07-13 
3 'Structure model' 1 2 2017-11-01 
4 'Structure model' 1 3 2024-11-27 
# 
_pdbx_audit_revision_details.ordinal             1 
_pdbx_audit_revision_details.revision_ordinal    1 
_pdbx_audit_revision_details.data_content_type   'Structure model' 
_pdbx_audit_revision_details.provider            repository 
_pdbx_audit_revision_details.type                'Initial release' 
_pdbx_audit_revision_details.description         ? 
_pdbx_audit_revision_details.details             ? 
# 
loop_
_pdbx_audit_revision_group.ordinal 
_pdbx_audit_revision_group.revision_ordinal 
_pdbx_audit_revision_group.data_content_type 
_pdbx_audit_revision_group.group 
1 2 'Structure model' 'Version format compliance' 
2 3 'Structure model' 'Refinement description'    
3 4 'Structure model' 'Data collection'           
4 4 'Structure model' 'Database references'       
5 4 'Structure model' 'Derived calculations'      
6 4 'Structure model' 'Structure summary'         
# 
loop_
_pdbx_audit_revision_category.ordinal 
_pdbx_audit_revision_category.revision_ordinal 
_pdbx_audit_revision_category.data_content_type 
_pdbx_audit_revision_category.category 
1 3 'Structure model' software                  
2 4 'Structure model' chem_comp_atom            
3 4 'Structure model' chem_comp_bond            
4 4 'Structure model' database_2                
5 4 'Structure model' pdbx_entry_details        
6 4 'Structure model' pdbx_modification_feature 
7 4 'Structure model' struct_site               
# 
loop_
_pdbx_audit_revision_item.ordinal 
_pdbx_audit_revision_item.revision_ordinal 
_pdbx_audit_revision_item.data_content_type 
_pdbx_audit_revision_item.item 
1 4 'Structure model' '_database_2.pdbx_DOI'                
2 4 'Structure model' '_database_2.pdbx_database_accession' 
3 4 'Structure model' '_struct_site.pdbx_auth_asym_id'      
4 4 'Structure model' '_struct_site.pdbx_auth_comp_id'      
5 4 'Structure model' '_struct_site.pdbx_auth_seq_id'       
# 
_pdbx_database_status.entry_id                        3GMV 
_pdbx_database_status.deposit_site                    RCSB 
_pdbx_database_status.process_site                    RCSB 
_pdbx_database_status.recvd_initial_deposition_date   2009-03-15 
_pdbx_database_status.status_code                     REL 
_pdbx_database_status.status_code_sf                  REL 
_pdbx_database_status.status_code_mr                  ? 
_pdbx_database_status.SG_entry                        ? 
_pdbx_database_status.pdb_format_compatible           Y 
_pdbx_database_status.status_code_cs                  ? 
_pdbx_database_status.methods_development_category    ? 
_pdbx_database_status.status_code_nmr_data            ? 
# 
loop_
_pdbx_database_related.db_name 
_pdbx_database_related.db_id 
_pdbx_database_related.details 
_pdbx_database_related.content_type 
PDB 3GMU 'BLIP homologue from Streptomyces clavuligerus' unspecified 
PDB 3GMW .                                               unspecified 
PDB 3GMX .                                               unspecified 
PDB 3GMY .                                               unspecified 
# 
loop_
_audit_author.name 
_audit_author.pdbx_ordinal 
_audit_author.identifier_ORCID 
'Lim, D.C.'         1 ? 
'Gretes, M.'        2 ? 
'Strynadka, N.C.J.' 3 ? 
# 
_citation.id                        primary 
_citation.title                     
;Insights into positive and negative requirements for protein-protein interactions by crystallographic analysis of the beta-lactamase inhibitory proteins BLIP, BLIP-I, and BLP.
;
_citation.journal_abbrev            J.Mol.Biol. 
_citation.journal_volume            389 
_citation.page_first                289 
_citation.page_last                 305 
_citation.year                      2009 
_citation.journal_id_ASTM           JMOBAK 
_citation.country                   UK 
_citation.journal_id_ISSN           0022-2836 
_citation.journal_id_CSD            0070 
_citation.book_publisher            ? 
_citation.pdbx_database_id_PubMed   19332077 
_citation.pdbx_database_id_DOI      10.1016/j.jmb.2009.03.058 
# 
loop_
_citation_author.citation_id 
_citation_author.name 
_citation_author.ordinal 
_citation_author.identifier_ORCID 
primary 'Gretes, M.'      1 ? 
primary 'Lim, D.C.'       2 ? 
primary 'de Castro, L.'   3 ? 
primary 'Jensen, S.E.'    4 ? 
primary 'Kang, S.G.'      5 ? 
primary 'Lee, K.J.'       6 ? 
primary 'Strynadka, N.C.' 7 ? 
# 
loop_
_entity.id 
_entity.type 
_entity.src_method 
_entity.pdbx_description 
_entity.formula_weight 
_entity.pdbx_number_of_molecules 
_entity.pdbx_ec 
_entity.pdbx_mutation 
_entity.pdbx_fragment 
_entity.details 
1 polymer     man 'Beta-lactamase inhibitory protein BLIP-I' 17218.963 1   ? ? ? ? 
2 non-polymer syn 'TRIS(HYDROXYETHYL)AMINOMETHANE'           163.215   1   ? ? ? ? 
3 water       nat water                                      18.015    201 ? ? ? ? 
# 
_entity_poly.entity_id                      1 
_entity_poly.type                           'polypeptide(L)' 
_entity_poly.nstd_linkage                   no 
_entity_poly.nstd_monomer                   no 
_entity_poly.pdbx_seq_one_letter_code       
;SGFSAEKYEQIQFGMTFDEVWEIGGGEAACDTGGVIGDSILCFTESGDYAPYGGFSFTDEGELWSKRNEYLYKAKTPSVK
LSHYNRTALGMTEAQLWAAVPKDSCVSQGESYPNWPAKTGFEEKYYCAAATGLFPPSASFHLTDGVLTYRYQRSLT
;
_entity_poly.pdbx_seq_one_letter_code_can   
;SGFSAEKYEQIQFGMTFDEVWEIGGGEAACDTGGVIGDSILCFTESGDYAPYGGFSFTDEGELWSKRNEYLYKAKTPSVK
LSHYNRTALGMTEAQLWAAVPKDSCVSQGESYPNWPAKTGFEEKYYCAAATGLFPPSASFHLTDGVLTYRYQRSLT
;
_entity_poly.pdbx_strand_id                 X 
_entity_poly.pdbx_target_identifier         ? 
# 
loop_
_pdbx_entity_nonpoly.entity_id 
_pdbx_entity_nonpoly.name 
_pdbx_entity_nonpoly.comp_id 
2 'TRIS(HYDROXYETHYL)AMINOMETHANE' TAM 
3 water                            HOH 
# 
loop_
_entity_poly_seq.entity_id 
_entity_poly_seq.num 
_entity_poly_seq.mon_id 
_entity_poly_seq.hetero 
1 1   SER n 
1 2   GLY n 
1 3   PHE n 
1 4   SER n 
1 5   ALA n 
1 6   GLU n 
1 7   LYS n 
1 8   TYR n 
1 9   GLU n 
1 10  GLN n 
1 11  ILE n 
1 12  GLN n 
1 13  PHE n 
1 14  GLY n 
1 15  MET n 
1 16  THR n 
1 17  PHE n 
1 18  ASP n 
1 19  GLU n 
1 20  VAL n 
1 21  TRP n 
1 22  GLU n 
1 23  ILE n 
1 24  GLY n 
1 25  GLY n 
1 26  GLY n 
1 27  GLU n 
1 28  ALA n 
1 29  ALA n 
1 30  CYS n 
1 31  ASP n 
1 32  THR n 
1 33  GLY n 
1 34  GLY n 
1 35  VAL n 
1 36  ILE n 
1 37  GLY n 
1 38  ASP n 
1 39  SER n 
1 40  ILE n 
1 41  LEU n 
1 42  CYS n 
1 43  PHE n 
1 44  THR n 
1 45  GLU n 
1 46  SER n 
1 47  GLY n 
1 48  ASP n 
1 49  TYR n 
1 50  ALA n 
1 51  PRO n 
1 52  TYR n 
1 53  GLY n 
1 54  GLY n 
1 55  PHE n 
1 56  SER n 
1 57  PHE n 
1 58  THR n 
1 59  ASP n 
1 60  GLU n 
1 61  GLY n 
1 62  GLU n 
1 63  LEU n 
1 64  TRP n 
1 65  SER n 
1 66  LYS n 
1 67  ARG n 
1 68  ASN n 
1 69  GLU n 
1 70  TYR n 
1 71  LEU n 
1 72  TYR n 
1 73  LYS n 
1 74  ALA n 
1 75  LYS n 
1 76  THR n 
1 77  PRO n 
1 78  SER n 
1 79  VAL n 
1 80  LYS n 
1 81  LEU n 
1 82  SER n 
1 83  HIS n 
1 84  TYR n 
1 85  ASN n 
1 86  ARG n 
1 87  THR n 
1 88  ALA n 
1 89  LEU n 
1 90  GLY n 
1 91  MET n 
1 92  THR n 
1 93  GLU n 
1 94  ALA n 
1 95  GLN n 
1 96  LEU n 
1 97  TRP n 
1 98  ALA n 
1 99  ALA n 
1 100 VAL n 
1 101 PRO n 
1 102 LYS n 
1 103 ASP n 
1 104 SER n 
1 105 CYS n 
1 106 VAL n 
1 107 SER n 
1 108 GLN n 
1 109 GLY n 
1 110 GLU n 
1 111 SER n 
1 112 TYR n 
1 113 PRO n 
1 114 ASN n 
1 115 TRP n 
1 116 PRO n 
1 117 ALA n 
1 118 LYS n 
1 119 THR n 
1 120 GLY n 
1 121 PHE n 
1 122 GLU n 
1 123 GLU n 
1 124 LYS n 
1 125 TYR n 
1 126 TYR n 
1 127 CYS n 
1 128 ALA n 
1 129 ALA n 
1 130 ALA n 
1 131 THR n 
1 132 GLY n 
1 133 LEU n 
1 134 PHE n 
1 135 PRO n 
1 136 PRO n 
1 137 SER n 
1 138 ALA n 
1 139 SER n 
1 140 PHE n 
1 141 HIS n 
1 142 LEU n 
1 143 THR n 
1 144 ASP n 
1 145 GLY n 
1 146 VAL n 
1 147 LEU n 
1 148 THR n 
1 149 TYR n 
1 150 ARG n 
1 151 TYR n 
1 152 GLN n 
1 153 ARG n 
1 154 SER n 
1 155 LEU n 
1 156 THR n 
# 
_entity_src_gen.entity_id                          1 
_entity_src_gen.pdbx_src_id                        1 
_entity_src_gen.pdbx_alt_source_flag               sample 
_entity_src_gen.pdbx_seq_type                      ? 
_entity_src_gen.pdbx_beg_seq_num                   ? 
_entity_src_gen.pdbx_end_seq_num                   ? 
_entity_src_gen.gene_src_common_name               'Streptomyces hydrogenans' 
_entity_src_gen.gene_src_genus                     ? 
_entity_src_gen.pdbx_gene_src_gene                 bliA 
_entity_src_gen.gene_src_species                   ? 
_entity_src_gen.gene_src_strain                    SMF19 
_entity_src_gen.gene_src_tissue                    ? 
_entity_src_gen.gene_src_tissue_fraction           ? 
_entity_src_gen.gene_src_details                   ? 
_entity_src_gen.pdbx_gene_src_fragment             ? 
_entity_src_gen.pdbx_gene_src_scientific_name      'Streptomyces exfoliatus' 
_entity_src_gen.pdbx_gene_src_ncbi_taxonomy_id     1905 
_entity_src_gen.pdbx_gene_src_variant              ? 
_entity_src_gen.pdbx_gene_src_cell_line            ? 
_entity_src_gen.pdbx_gene_src_atcc                 ? 
_entity_src_gen.pdbx_gene_src_organ                ? 
_entity_src_gen.pdbx_gene_src_organelle            ? 
_entity_src_gen.pdbx_gene_src_cell                 ? 
_entity_src_gen.pdbx_gene_src_cellular_location    ? 
_entity_src_gen.host_org_common_name               ? 
_entity_src_gen.pdbx_host_org_scientific_name      'Escherichia coli' 
_entity_src_gen.pdbx_host_org_ncbi_taxonomy_id     562 
_entity_src_gen.host_org_genus                     ? 
_entity_src_gen.pdbx_host_org_gene                 ? 
_entity_src_gen.pdbx_host_org_organ                ? 
_entity_src_gen.host_org_species                   ? 
_entity_src_gen.pdbx_host_org_tissue               ? 
_entity_src_gen.pdbx_host_org_tissue_fraction      ? 
_entity_src_gen.pdbx_host_org_strain               'BL21(DE3)pLysS' 
_entity_src_gen.pdbx_host_org_variant              ? 
_entity_src_gen.pdbx_host_org_cell_line            ? 
_entity_src_gen.pdbx_host_org_atcc                 ? 
_entity_src_gen.pdbx_host_org_culture_collection   ? 
_entity_src_gen.pdbx_host_org_cell                 ? 
_entity_src_gen.pdbx_host_org_organelle            ? 
_entity_src_gen.pdbx_host_org_cellular_location    ? 
_entity_src_gen.pdbx_host_org_vector_type          plasmid 
_entity_src_gen.pdbx_host_org_vector               ? 
_entity_src_gen.host_org_details                   ? 
_entity_src_gen.expression_system_id               ? 
_entity_src_gen.plasmid_name                       'pET30a(+)' 
_entity_src_gen.plasmid_details                    ? 
_entity_src_gen.pdbx_description                   ? 
# 
loop_
_chem_comp.id 
_chem_comp.type 
_chem_comp.mon_nstd_flag 
_chem_comp.name 
_chem_comp.pdbx_synonyms 
_chem_comp.formula 
_chem_comp.formula_weight 
ALA 'L-peptide linking' y ALANINE                          ? 'C3 H7 N O2'     89.093  
ARG 'L-peptide linking' y ARGININE                         ? 'C6 H15 N4 O2 1' 175.209 
ASN 'L-peptide linking' y ASPARAGINE                       ? 'C4 H8 N2 O3'    132.118 
ASP 'L-peptide linking' y 'ASPARTIC ACID'                  ? 'C4 H7 N O4'     133.103 
CYS 'L-peptide linking' y CYSTEINE                         ? 'C3 H7 N O2 S'   121.158 
GLN 'L-peptide linking' y GLUTAMINE                        ? 'C5 H10 N2 O3'   146.144 
GLU 'L-peptide linking' y 'GLUTAMIC ACID'                  ? 'C5 H9 N O4'     147.129 
GLY 'peptide linking'   y GLYCINE                          ? 'C2 H5 N O2'     75.067  
HIS 'L-peptide linking' y HISTIDINE                        ? 'C6 H10 N3 O2 1' 156.162 
HOH non-polymer         . WATER                            ? 'H2 O'           18.015  
ILE 'L-peptide linking' y ISOLEUCINE                       ? 'C6 H13 N O2'    131.173 
LEU 'L-peptide linking' y LEUCINE                          ? 'C6 H13 N O2'    131.173 
LYS 'L-peptide linking' y LYSINE                           ? 'C6 H15 N2 O2 1' 147.195 
MET 'L-peptide linking' y METHIONINE                       ? 'C5 H11 N O2 S'  149.211 
PHE 'L-peptide linking' y PHENYLALANINE                    ? 'C9 H11 N O2'    165.189 
PRO 'L-peptide linking' y PROLINE                          ? 'C5 H9 N O2'     115.130 
SER 'L-peptide linking' y SERINE                           ? 'C3 H7 N O3'     105.093 
TAM non-polymer         . 'TRIS(HYDROXYETHYL)AMINOMETHANE' ? 'C7 H17 N O3'    163.215 
THR 'L-peptide linking' y THREONINE                        ? 'C4 H9 N O3'     119.119 
TRP 'L-peptide linking' y TRYPTOPHAN                       ? 'C11 H12 N2 O2'  204.225 
TYR 'L-peptide linking' y TYROSINE                         ? 'C9 H11 N O3'    181.189 
VAL 'L-peptide linking' y VALINE                           ? 'C5 H11 N O2'    117.146 
# 
loop_
_pdbx_poly_seq_scheme.asym_id 
_pdbx_poly_seq_scheme.entity_id 
_pdbx_poly_seq_scheme.seq_id 
_pdbx_poly_seq_scheme.mon_id 
_pdbx_poly_seq_scheme.ndb_seq_num 
_pdbx_poly_seq_scheme.pdb_seq_num 
_pdbx_poly_seq_scheme.auth_seq_num 
_pdbx_poly_seq_scheme.pdb_mon_id 
_pdbx_poly_seq_scheme.auth_mon_id 
_pdbx_poly_seq_scheme.pdb_strand_id 
_pdbx_poly_seq_scheme.pdb_ins_code 
_pdbx_poly_seq_scheme.hetero 
A 1 1   SER 1   2   2   SER SER X . n 
A 1 2   GLY 2   3   3   GLY GLY X . n 
A 1 3   PHE 3   4   4   PHE PHE X . n 
A 1 4   SER 4   5   5   SER SER X . n 
A 1 5   ALA 5   6   6   ALA ALA X . n 
A 1 6   GLU 6   7   7   GLU GLU X . n 
A 1 7   LYS 7   8   8   LYS LYS X . n 
A 1 8   TYR 8   9   9   TYR TYR X . n 
A 1 9   GLU 9   10  10  GLU GLU X . n 
A 1 10  GLN 10  11  11  GLN GLN X . n 
A 1 11  ILE 11  12  12  ILE ILE X . n 
A 1 12  GLN 12  13  13  GLN GLN X . n 
A 1 13  PHE 13  14  14  PHE PHE X . n 
A 1 14  GLY 14  15  15  GLY GLY X . n 
A 1 15  MET 15  16  16  MET MET X . n 
A 1 16  THR 16  17  17  THR THR X . n 
A 1 17  PHE 17  18  18  PHE PHE X . n 
A 1 18  ASP 18  19  19  ASP ASP X . n 
A 1 19  GLU 19  20  20  GLU GLU X . n 
A 1 20  VAL 20  21  21  VAL VAL X . n 
A 1 21  TRP 21  22  22  TRP TRP X . n 
A 1 22  GLU 22  23  23  GLU GLU X . n 
A 1 23  ILE 23  24  24  ILE ILE X . n 
A 1 24  GLY 24  25  25  GLY GLY X . n 
A 1 25  GLY 25  26  26  GLY GLY X . n 
A 1 26  GLY 26  27  27  GLY GLY X . n 
A 1 27  GLU 27  28  28  GLU GLU X . n 
A 1 28  ALA 28  29  29  ALA ALA X . n 
A 1 29  ALA 29  30  30  ALA ALA X . n 
A 1 30  CYS 30  31  31  CYS CYS X . n 
A 1 31  ASP 31  32  32  ASP ASP X . n 
A 1 32  THR 32  33  33  THR THR X . n 
A 1 33  GLY 33  34  34  GLY GLY X . n 
A 1 34  GLY 34  35  35  GLY GLY X . n 
A 1 35  VAL 35  36  36  VAL VAL X . n 
A 1 36  ILE 36  37  37  ILE ILE X . n 
A 1 37  GLY 37  38  38  GLY GLY X . n 
A 1 38  ASP 38  39  39  ASP ASP X . n 
A 1 39  SER 39  40  40  SER SER X . n 
A 1 40  ILE 40  41  41  ILE ILE X . n 
A 1 41  LEU 41  42  42  LEU LEU X . n 
A 1 42  CYS 42  43  43  CYS CYS X . n 
A 1 43  PHE 43  44  44  PHE PHE X . n 
A 1 44  THR 44  45  45  THR THR X . n 
A 1 45  GLU 45  46  46  GLU GLU X . n 
A 1 46  SER 46  47  47  SER SER X . n 
A 1 47  GLY 47  48  48  GLY GLY X . n 
A 1 48  ASP 48  49  49  ASP ASP X . n 
A 1 49  TYR 49  50  50  TYR TYR X . n 
A 1 50  ALA 50  51  51  ALA ALA X . n 
A 1 51  PRO 51  52  52  PRO PRO X . n 
A 1 52  TYR 52  53  53  TYR TYR X . n 
A 1 53  GLY 53  54  54  GLY GLY X . n 
A 1 54  GLY 54  55  55  GLY GLY X . n 
A 1 55  PHE 55  56  56  PHE PHE X . n 
A 1 56  SER 56  57  57  SER SER X . n 
A 1 57  PHE 57  58  58  PHE PHE X . n 
A 1 58  THR 58  59  59  THR THR X . n 
A 1 59  ASP 59  60  60  ASP ASP X . n 
A 1 60  GLU 60  61  61  GLU GLU X . n 
A 1 61  GLY 61  62  62  GLY GLY X . n 
A 1 62  GLU 62  63  63  GLU GLU X . n 
A 1 63  LEU 63  64  64  LEU LEU X . n 
A 1 64  TRP 64  65  65  TRP TRP X . n 
A 1 65  SER 65  66  66  SER SER X . n 
A 1 66  LYS 66  67  67  LYS LYS X . n 
A 1 67  ARG 67  68  68  ARG ARG X . n 
A 1 68  ASN 68  69  69  ASN ASN X . n 
A 1 69  GLU 69  70  70  GLU GLU X . n 
A 1 70  TYR 70  71  71  TYR TYR X . n 
A 1 71  LEU 71  72  72  LEU LEU X . n 
A 1 72  TYR 72  73  73  TYR TYR X . n 
A 1 73  LYS 73  74  74  LYS LYS X . n 
A 1 74  ALA 74  75  75  ALA ALA X . n 
A 1 75  LYS 75  76  76  LYS LYS X . n 
A 1 76  THR 76  77  77  THR THR X . n 
A 1 77  PRO 77  78  78  PRO PRO X . n 
A 1 78  SER 78  79  79  SER SER X . n 
A 1 79  VAL 79  80  80  VAL VAL X . n 
A 1 80  LYS 80  81  81  LYS LYS X . n 
A 1 81  LEU 81  82  82  LEU LEU X . n 
A 1 82  SER 82  83  83  SER SER X . n 
A 1 83  HIS 83  84  84  HIS HIS X . n 
A 1 84  TYR 84  85  85  TYR TYR X . n 
A 1 85  ASN 85  86  86  ASN ASN X . n 
A 1 86  ARG 86  87  87  ARG ARG X . n 
A 1 87  THR 87  88  88  THR THR X . n 
A 1 88  ALA 88  89  89  ALA ALA X . n 
A 1 89  LEU 89  90  90  LEU LEU X . n 
A 1 90  GLY 90  91  91  GLY GLY X . n 
A 1 91  MET 91  92  92  MET MET X . n 
A 1 92  THR 92  93  93  THR THR X . n 
A 1 93  GLU 93  94  94  GLU GLU X . n 
A 1 94  ALA 94  95  95  ALA ALA X . n 
A 1 95  GLN 95  96  96  GLN GLN X . n 
A 1 96  LEU 96  97  97  LEU LEU X . n 
A 1 97  TRP 97  98  98  TRP TRP X . n 
A 1 98  ALA 98  99  99  ALA ALA X . n 
A 1 99  ALA 99  100 100 ALA ALA X . n 
A 1 100 VAL 100 101 101 VAL VAL X . n 
A 1 101 PRO 101 102 102 PRO PRO X . n 
A 1 102 LYS 102 103 103 LYS LYS X . n 
A 1 103 ASP 103 104 104 ASP ASP X . n 
A 1 104 SER 104 105 105 SER SER X . n 
A 1 105 CYS 105 106 106 CYS CYS X . n 
A 1 106 VAL 106 107 107 VAL VAL X . n 
A 1 107 SER 107 108 108 SER SER X . n 
A 1 108 GLN 108 109 109 GLN GLN X . n 
A 1 109 GLY 109 110 110 GLY GLY X . n 
A 1 110 GLU 110 111 111 GLU GLU X . n 
A 1 111 SER 111 112 112 SER SER X . n 
A 1 112 TYR 112 113 113 TYR TYR X . n 
A 1 113 PRO 113 114 114 PRO PRO X . n 
A 1 114 ASN 114 115 115 ASN ASN X . n 
A 1 115 TRP 115 116 116 TRP TRP X . n 
A 1 116 PRO 116 117 117 PRO PRO X . n 
A 1 117 ALA 117 118 118 ALA ALA X . n 
A 1 118 LYS 118 119 119 LYS LYS X . n 
A 1 119 THR 119 120 120 THR THR X . n 
A 1 120 GLY 120 121 121 GLY GLY X . n 
A 1 121 PHE 121 122 122 PHE PHE X . n 
A 1 122 GLU 122 123 123 GLU GLU X . n 
A 1 123 GLU 123 124 124 GLU GLU X . n 
A 1 124 LYS 124 125 125 LYS LYS X . n 
A 1 125 TYR 125 126 126 TYR TYR X . n 
A 1 126 TYR 126 127 127 TYR TYR X . n 
A 1 127 CYS 127 128 128 CYS CYS X . n 
A 1 128 ALA 128 129 129 ALA ALA X . n 
A 1 129 ALA 129 130 130 ALA ALA X . n 
A 1 130 ALA 130 131 131 ALA ALA X . n 
A 1 131 THR 131 132 132 THR THR X . n 
A 1 132 GLY 132 133 133 GLY GLY X . n 
A 1 133 LEU 133 134 134 LEU LEU X . n 
A 1 134 PHE 134 135 135 PHE PHE X . n 
A 1 135 PRO 135 136 136 PRO PRO X . n 
A 1 136 PRO 136 137 137 PRO PRO X . n 
A 1 137 SER 137 138 138 SER SER X . n 
A 1 138 ALA 138 139 139 ALA ALA X . n 
A 1 139 SER 139 140 140 SER SER X . n 
A 1 140 PHE 140 141 141 PHE PHE X . n 
A 1 141 HIS 141 142 142 HIS HIS X . n 
A 1 142 LEU 142 143 143 LEU LEU X . n 
A 1 143 THR 143 144 144 THR THR X . n 
A 1 144 ASP 144 145 145 ASP ASP X . n 
A 1 145 GLY 145 146 146 GLY GLY X . n 
A 1 146 VAL 146 147 147 VAL VAL X . n 
A 1 147 LEU 147 148 148 LEU LEU X . n 
A 1 148 THR 148 149 149 THR THR X . n 
A 1 149 TYR 149 150 150 TYR TYR X . n 
A 1 150 ARG 150 151 151 ARG ARG X . n 
A 1 151 TYR 151 152 152 TYR TYR X . n 
A 1 152 GLN 152 153 153 GLN GLN X . n 
A 1 153 ARG 153 154 154 ARG ARG X . n 
A 1 154 SER 154 155 155 SER SER X . n 
A 1 155 LEU 155 156 156 LEU LEU X . n 
A 1 156 THR 156 157 157 THR THR X . n 
# 
loop_
_pdbx_nonpoly_scheme.asym_id 
_pdbx_nonpoly_scheme.entity_id 
_pdbx_nonpoly_scheme.mon_id 
_pdbx_nonpoly_scheme.ndb_seq_num 
_pdbx_nonpoly_scheme.pdb_seq_num 
_pdbx_nonpoly_scheme.auth_seq_num 
_pdbx_nonpoly_scheme.pdb_mon_id 
_pdbx_nonpoly_scheme.auth_mon_id 
_pdbx_nonpoly_scheme.pdb_strand_id 
_pdbx_nonpoly_scheme.pdb_ins_code 
B 2 TAM 1   1   1   TAM TAM X . 
C 3 HOH 1   158 158 HOH HOH X . 
C 3 HOH 2   159 159 HOH HOH X . 
C 3 HOH 3   160 160 HOH HOH X . 
C 3 HOH 4   161 161 HOH HOH X . 
C 3 HOH 5   162 162 HOH HOH X . 
C 3 HOH 6   163 163 HOH HOH X . 
C 3 HOH 7   164 164 HOH HOH X . 
C 3 HOH 8   165 165 HOH HOH X . 
C 3 HOH 9   166 166 HOH HOH X . 
C 3 HOH 10  167 167 HOH HOH X . 
C 3 HOH 11  168 168 HOH HOH X . 
C 3 HOH 12  169 1   HOH HOH X . 
C 3 HOH 13  170 170 HOH HOH X . 
C 3 HOH 14  171 171 HOH HOH X . 
C 3 HOH 15  172 172 HOH HOH X . 
C 3 HOH 16  173 173 HOH HOH X . 
C 3 HOH 17  174 174 HOH HOH X . 
C 3 HOH 18  175 175 HOH HOH X . 
C 3 HOH 19  176 176 HOH HOH X . 
C 3 HOH 20  177 177 HOH HOH X . 
C 3 HOH 21  178 178 HOH HOH X . 
C 3 HOH 22  179 179 HOH HOH X . 
C 3 HOH 23  180 180 HOH HOH X . 
C 3 HOH 24  181 181 HOH HOH X . 
C 3 HOH 25  182 182 HOH HOH X . 
C 3 HOH 26  183 183 HOH HOH X . 
C 3 HOH 27  184 184 HOH HOH X . 
C 3 HOH 28  185 185 HOH HOH X . 
C 3 HOH 29  186 186 HOH HOH X . 
C 3 HOH 30  187 187 HOH HOH X . 
C 3 HOH 31  188 188 HOH HOH X . 
C 3 HOH 32  189 189 HOH HOH X . 
C 3 HOH 33  190 190 HOH HOH X . 
C 3 HOH 34  191 191 HOH HOH X . 
C 3 HOH 35  192 192 HOH HOH X . 
C 3 HOH 36  193 193 HOH HOH X . 
C 3 HOH 37  194 194 HOH HOH X . 
C 3 HOH 38  195 195 HOH HOH X . 
C 3 HOH 39  196 196 HOH HOH X . 
C 3 HOH 40  197 197 HOH HOH X . 
C 3 HOH 41  198 198 HOH HOH X . 
C 3 HOH 42  199 199 HOH HOH X . 
C 3 HOH 43  200 200 HOH HOH X . 
C 3 HOH 44  201 201 HOH HOH X . 
C 3 HOH 45  202 202 HOH HOH X . 
C 3 HOH 46  203 203 HOH HOH X . 
C 3 HOH 47  204 2   HOH HOH X . 
C 3 HOH 48  205 3   HOH HOH X . 
C 3 HOH 49  206 4   HOH HOH X . 
C 3 HOH 50  207 5   HOH HOH X . 
C 3 HOH 51  208 6   HOH HOH X . 
C 3 HOH 52  209 7   HOH HOH X . 
C 3 HOH 53  210 8   HOH HOH X . 
C 3 HOH 54  211 9   HOH HOH X . 
C 3 HOH 55  212 10  HOH HOH X . 
C 3 HOH 56  213 11  HOH HOH X . 
C 3 HOH 57  214 12  HOH HOH X . 
C 3 HOH 58  215 13  HOH HOH X . 
C 3 HOH 59  216 14  HOH HOH X . 
C 3 HOH 60  217 15  HOH HOH X . 
C 3 HOH 61  218 16  HOH HOH X . 
C 3 HOH 62  219 17  HOH HOH X . 
C 3 HOH 63  220 18  HOH HOH X . 
C 3 HOH 64  221 19  HOH HOH X . 
C 3 HOH 65  222 20  HOH HOH X . 
C 3 HOH 66  223 21  HOH HOH X . 
C 3 HOH 67  224 22  HOH HOH X . 
C 3 HOH 68  225 23  HOH HOH X . 
C 3 HOH 69  226 24  HOH HOH X . 
C 3 HOH 70  227 25  HOH HOH X . 
C 3 HOH 71  228 26  HOH HOH X . 
C 3 HOH 72  229 27  HOH HOH X . 
C 3 HOH 73  230 28  HOH HOH X . 
C 3 HOH 74  231 29  HOH HOH X . 
C 3 HOH 75  232 30  HOH HOH X . 
C 3 HOH 76  233 31  HOH HOH X . 
C 3 HOH 77  234 32  HOH HOH X . 
C 3 HOH 78  235 33  HOH HOH X . 
C 3 HOH 79  236 34  HOH HOH X . 
C 3 HOH 80  237 35  HOH HOH X . 
C 3 HOH 81  238 36  HOH HOH X . 
C 3 HOH 82  239 37  HOH HOH X . 
C 3 HOH 83  240 38  HOH HOH X . 
C 3 HOH 84  241 39  HOH HOH X . 
C 3 HOH 85  242 40  HOH HOH X . 
C 3 HOH 86  243 41  HOH HOH X . 
C 3 HOH 87  244 42  HOH HOH X . 
C 3 HOH 88  245 43  HOH HOH X . 
C 3 HOH 89  246 44  HOH HOH X . 
C 3 HOH 90  247 45  HOH HOH X . 
C 3 HOH 91  248 46  HOH HOH X . 
C 3 HOH 92  249 47  HOH HOH X . 
C 3 HOH 93  250 48  HOH HOH X . 
C 3 HOH 94  251 49  HOH HOH X . 
C 3 HOH 95  252 50  HOH HOH X . 
C 3 HOH 96  253 51  HOH HOH X . 
C 3 HOH 97  254 52  HOH HOH X . 
C 3 HOH 98  255 53  HOH HOH X . 
C 3 HOH 99  256 54  HOH HOH X . 
C 3 HOH 100 257 55  HOH HOH X . 
C 3 HOH 101 258 56  HOH HOH X . 
C 3 HOH 102 259 57  HOH HOH X . 
C 3 HOH 103 260 58  HOH HOH X . 
C 3 HOH 104 261 59  HOH HOH X . 
C 3 HOH 105 262 60  HOH HOH X . 
C 3 HOH 106 263 61  HOH HOH X . 
C 3 HOH 107 264 62  HOH HOH X . 
C 3 HOH 108 265 63  HOH HOH X . 
C 3 HOH 109 266 64  HOH HOH X . 
C 3 HOH 110 267 65  HOH HOH X . 
C 3 HOH 111 268 66  HOH HOH X . 
C 3 HOH 112 269 67  HOH HOH X . 
C 3 HOH 113 270 68  HOH HOH X . 
C 3 HOH 114 271 69  HOH HOH X . 
C 3 HOH 115 272 70  HOH HOH X . 
C 3 HOH 116 273 71  HOH HOH X . 
C 3 HOH 117 274 72  HOH HOH X . 
C 3 HOH 118 275 73  HOH HOH X . 
C 3 HOH 119 276 74  HOH HOH X . 
C 3 HOH 120 277 75  HOH HOH X . 
C 3 HOH 121 278 76  HOH HOH X . 
C 3 HOH 122 279 77  HOH HOH X . 
C 3 HOH 123 280 78  HOH HOH X . 
C 3 HOH 124 281 79  HOH HOH X . 
C 3 HOH 125 282 80  HOH HOH X . 
C 3 HOH 126 283 81  HOH HOH X . 
C 3 HOH 127 284 82  HOH HOH X . 
C 3 HOH 128 285 84  HOH HOH X . 
C 3 HOH 129 286 85  HOH HOH X . 
C 3 HOH 130 287 86  HOH HOH X . 
C 3 HOH 131 288 87  HOH HOH X . 
C 3 HOH 132 289 88  HOH HOH X . 
C 3 HOH 133 290 89  HOH HOH X . 
C 3 HOH 134 291 90  HOH HOH X . 
C 3 HOH 135 292 91  HOH HOH X . 
C 3 HOH 136 293 92  HOH HOH X . 
C 3 HOH 137 294 93  HOH HOH X . 
C 3 HOH 138 295 94  HOH HOH X . 
C 3 HOH 139 296 95  HOH HOH X . 
C 3 HOH 140 297 96  HOH HOH X . 
C 3 HOH 141 298 97  HOH HOH X . 
C 3 HOH 142 299 98  HOH HOH X . 
C 3 HOH 143 300 99  HOH HOH X . 
C 3 HOH 144 301 100 HOH HOH X . 
C 3 HOH 145 302 101 HOH HOH X . 
C 3 HOH 146 303 102 HOH HOH X . 
C 3 HOH 147 304 103 HOH HOH X . 
C 3 HOH 148 305 104 HOH HOH X . 
C 3 HOH 149 306 105 HOH HOH X . 
C 3 HOH 150 307 106 HOH HOH X . 
C 3 HOH 151 308 107 HOH HOH X . 
C 3 HOH 152 309 108 HOH HOH X . 
C 3 HOH 153 310 109 HOH HOH X . 
C 3 HOH 154 311 110 HOH HOH X . 
C 3 HOH 155 312 111 HOH HOH X . 
C 3 HOH 156 313 112 HOH HOH X . 
C 3 HOH 157 314 113 HOH HOH X . 
C 3 HOH 158 315 114 HOH HOH X . 
C 3 HOH 159 316 115 HOH HOH X . 
C 3 HOH 160 317 116 HOH HOH X . 
C 3 HOH 161 318 117 HOH HOH X . 
C 3 HOH 162 319 118 HOH HOH X . 
C 3 HOH 163 320 119 HOH HOH X . 
C 3 HOH 164 321 120 HOH HOH X . 
C 3 HOH 165 322 121 HOH HOH X . 
C 3 HOH 166 323 122 HOH HOH X . 
C 3 HOH 167 324 123 HOH HOH X . 
C 3 HOH 168 325 124 HOH HOH X . 
C 3 HOH 169 326 125 HOH HOH X . 
C 3 HOH 170 327 126 HOH HOH X . 
C 3 HOH 171 328 127 HOH HOH X . 
C 3 HOH 172 329 128 HOH HOH X . 
C 3 HOH 173 330 129 HOH HOH X . 
C 3 HOH 174 331 130 HOH HOH X . 
C 3 HOH 175 332 131 HOH HOH X . 
C 3 HOH 176 333 132 HOH HOH X . 
C 3 HOH 177 334 133 HOH HOH X . 
C 3 HOH 178 335 134 HOH HOH X . 
C 3 HOH 179 336 135 HOH HOH X . 
C 3 HOH 180 337 136 HOH HOH X . 
C 3 HOH 181 338 137 HOH HOH X . 
C 3 HOH 182 339 138 HOH HOH X . 
C 3 HOH 183 340 139 HOH HOH X . 
C 3 HOH 184 341 140 HOH HOH X . 
C 3 HOH 185 342 141 HOH HOH X . 
C 3 HOH 186 343 142 HOH HOH X . 
C 3 HOH 187 344 143 HOH HOH X . 
C 3 HOH 188 345 144 HOH HOH X . 
C 3 HOH 189 346 145 HOH HOH X . 
C 3 HOH 190 347 146 HOH HOH X . 
C 3 HOH 191 348 147 HOH HOH X . 
C 3 HOH 192 349 148 HOH HOH X . 
C 3 HOH 193 350 149 HOH HOH X . 
C 3 HOH 194 351 150 HOH HOH X . 
C 3 HOH 195 352 151 HOH HOH X . 
C 3 HOH 196 353 152 HOH HOH X . 
C 3 HOH 197 354 153 HOH HOH X . 
C 3 HOH 198 355 154 HOH HOH X . 
C 3 HOH 199 356 155 HOH HOH X . 
C 3 HOH 200 357 156 HOH HOH X . 
C 3 HOH 201 358 157 HOH HOH X . 
# 
loop_
_software.name 
_software.version 
_software.date 
_software.type 
_software.contact_author 
_software.contact_author_email 
_software.classification 
_software.location 
_software.language 
_software.citation_id 
_software.pdbx_ordinal 
DENZO       .     ?               package 'Zbyszek Otwinowski' hkl@hkl-xray.com            'data reduction'  
http://www.hkl-xray.com/                     ?          ? 1 
SCALEPACK   .     ?               package 'Zbyszek Otwinowski' hkl@hkl-xray.com            'data scaling'    
http://www.hkl-xray.com/                     ?          ? 2 
PHASER      .     ?               program 'Randy J. Read'      cimr-phaser@lists.cam.ac.uk phasing           
http://www-structmed.cimr.cam.ac.uk/phaser/  ?          ? 3 
REFMAC      .     ?               program 'Garib N. Murshudov' garib@ysbl.york.ac.uk       refinement        
http://www.ccp4.ac.uk/dist/html/refmac5.html Fortran_77 ? 4 
PDB_EXTRACT 3.006 'June 11, 2008' package PDB                  help@deposit.rcsb.org       'data extraction' 
http://sw-tools.pdb.org/apps/PDB_EXTRACT/    C++        ? 5 
MAR345dtb   .     ?               ?       ?                    ?                           'data collection' ? ?          ? 6 
# 
_cell.entry_id           3GMV 
_cell.length_a           98.735 
_cell.length_b           44.071 
_cell.length_c           45.291 
_cell.angle_alpha        90.00 
_cell.angle_beta         104.58 
_cell.angle_gamma        90.00 
_cell.Z_PDB              4 
_cell.pdbx_unique_axis   ? 
_cell.length_a_esd       ? 
_cell.length_b_esd       ? 
_cell.length_c_esd       ? 
_cell.angle_alpha_esd    ? 
_cell.angle_beta_esd     ? 
_cell.angle_gamma_esd    ? 
# 
_symmetry.entry_id                         3GMV 
_symmetry.space_group_name_H-M             'C 1 2 1' 
_symmetry.pdbx_full_space_group_name_H-M   ? 
_symmetry.cell_setting                     ? 
_symmetry.Int_Tables_number                5 
_symmetry.space_group_name_Hall            ? 
# 
_exptl.entry_id          3GMV 
_exptl.method            'X-RAY DIFFRACTION' 
_exptl.crystals_number   1 
# 
_exptl_crystal.id                    1 
_exptl_crystal.density_meas          ? 
_exptl_crystal.density_Matthews      2.77 
_exptl_crystal.density_percent_sol   55.58 
_exptl_crystal.description           ? 
_exptl_crystal.F_000                 ? 
_exptl_crystal.preparation           ? 
# 
_exptl_crystal_grow.crystal_id      1 
_exptl_crystal_grow.method          'hanging drop vapor batch' 
_exptl_crystal_grow.temp            294 
_exptl_crystal_grow.temp_details    ? 
_exptl_crystal_grow.pH              ? 
_exptl_crystal_grow.pdbx_pH_range   ? 
_exptl_crystal_grow.pdbx_details    
;20 mg/ml protein in 50 mM tris, pH 8.0, 50 mM NaCl mixed 1:1 with well solution 30% PEG 4000, 0.3 M lithium chloride, 0.1 M TrisCl, pH 8.5, hanging drop vapor batch, temperature 294K
;
# 
_diffrn.id                     1 
_diffrn.ambient_temp           100 
_diffrn.ambient_temp_details   ? 
_diffrn.crystal_id             1 
# 
_diffrn_detector.diffrn_id              1 
_diffrn_detector.detector               'IMAGE PLATE' 
_diffrn_detector.type                   'MAR scanner 345 mm plate' 
_diffrn_detector.pdbx_collection_date   2000-10-13 
_diffrn_detector.details                ? 
# 
_diffrn_radiation.diffrn_id                        1 
_diffrn_radiation.wavelength_id                    1 
_diffrn_radiation.pdbx_monochromatic_or_laue_m_l   M 
_diffrn_radiation.monochromator                    'DOUBLE CRYSTAL SILICON (111)' 
_diffrn_radiation.pdbx_diffrn_protocol             'SINGLE WAVELENGTH' 
_diffrn_radiation.pdbx_scattering_type             x-ray 
# 
_diffrn_radiation_wavelength.id           1 
_diffrn_radiation_wavelength.wavelength   1.0000 
_diffrn_radiation_wavelength.wt           1.0 
# 
_diffrn_source.diffrn_id                   1 
_diffrn_source.source                      SYNCHROTRON 
_diffrn_source.type                        'ALS BEAMLINE 8.2.1' 
_diffrn_source.pdbx_synchrotron_site       ALS 
_diffrn_source.pdbx_synchrotron_beamline   8.2.1 
_diffrn_source.pdbx_wavelength             ? 
_diffrn_source.pdbx_wavelength_list        1.0000 
# 
_reflns.entry_id                     3GMV 
_reflns.observed_criterion_sigma_I   ? 
_reflns.observed_criterion_sigma_F   ? 
_reflns.d_resolution_low             25.000 
_reflns.d_resolution_high            1.750 
_reflns.number_obs                   17522 
_reflns.number_all                   ? 
_reflns.percent_possible_obs         91.000 
_reflns.pdbx_Rmerge_I_obs            ? 
_reflns.pdbx_Rsym_value              0.041 
_reflns.pdbx_netI_over_sigmaI        28.336 
_reflns.B_iso_Wilson_estimate        ? 
_reflns.pdbx_redundancy              ? 
_reflns.R_free_details               ? 
_reflns.limit_h_max                  ? 
_reflns.limit_h_min                  ? 
_reflns.limit_k_max                  ? 
_reflns.limit_k_min                  ? 
_reflns.limit_l_max                  ? 
_reflns.limit_l_min                  ? 
_reflns.observed_criterion_F_max     ? 
_reflns.observed_criterion_F_min     ? 
_reflns.pdbx_chi_squared             ? 
_reflns.pdbx_scaling_rejects         ? 
_reflns.pdbx_diffrn_id               1 
_reflns.pdbx_ordinal                 1 
# 
_reflns_shell.d_res_high             1.75 
_reflns_shell.d_res_low              1.81 
_reflns_shell.percent_possible_all   68.70 
_reflns_shell.Rmerge_I_obs           ? 
_reflns_shell.pdbx_Rsym_value        0.094 
_reflns_shell.meanI_over_sigI_obs    11.6 
_reflns_shell.pdbx_redundancy        5.7 
_reflns_shell.percent_possible_obs   ? 
_reflns_shell.number_unique_all      ? 
_reflns_shell.number_measured_all    ? 
_reflns_shell.number_measured_obs    ? 
_reflns_shell.number_unique_obs      ? 
_reflns_shell.pdbx_chi_squared       ? 
_reflns_shell.pdbx_diffrn_id         ? 
_reflns_shell.pdbx_ordinal           1 
# 
_refine.pdbx_refine_id                           'X-RAY DIFFRACTION' 
_refine.entry_id                                 3GMV 
_refine.ls_number_reflns_obs                     15645 
_refine.ls_number_reflns_all                     ? 
_refine.pdbx_ls_sigma_I                          ? 
_refine.pdbx_ls_sigma_F                          . 
_refine.pdbx_data_cutoff_high_absF               ? 
_refine.pdbx_data_cutoff_low_absF                ? 
_refine.pdbx_data_cutoff_high_rms_absF           ? 
_refine.ls_d_res_low                             20.49 
_refine.ls_d_res_high                            1.80 
_refine.ls_percent_reflns_obs                    100.00 
_refine.ls_R_factor_obs                          0.18740 
_refine.ls_R_factor_all                          ? 
_refine.ls_R_factor_R_work                       0.18543 
_refine.ls_R_factor_R_free                       0.22695 
_refine.ls_R_factor_R_free_error                 ? 
_refine.ls_R_factor_R_free_error_details         ? 
_refine.ls_percent_reflns_R_free                 4.8 
_refine.ls_number_reflns_R_free                  795 
_refine.ls_number_parameters                     ? 
_refine.ls_number_restraints                     ? 
_refine.occupancy_min                            0.50 
_refine.occupancy_max                            1.00 
_refine.correlation_coeff_Fo_to_Fc               0.931 
_refine.correlation_coeff_Fo_to_Fc_free          0.901 
_refine.B_iso_mean                               14.960 
_refine.aniso_B[1][1]                            -0.28 
_refine.aniso_B[2][2]                            0.60 
_refine.aniso_B[3][3]                            -0.21 
_refine.aniso_B[1][2]                            -0.00 
_refine.aniso_B[1][3]                            0.23 
_refine.aniso_B[2][3]                            0.00 
_refine.solvent_model_details                    MASK 
_refine.solvent_model_param_ksol                 ? 
_refine.solvent_model_param_bsol                 ? 
_refine.pdbx_solvent_vdw_probe_radii             1.20 
_refine.pdbx_solvent_ion_probe_radii             0.80 
_refine.pdbx_solvent_shrinkage_radii             0.80 
_refine.pdbx_ls_cross_valid_method               THROUGHOUT 
_refine.details                                  'HYDROGENS HAVE BEEN ADDED IN THE RIDING POSITIONS' 
_refine.pdbx_starting_model                      ? 
_refine.pdbx_method_to_determine_struct          'MOLECULAR REPLACEMENT' 
_refine.pdbx_isotropic_thermal_model             ? 
_refine.pdbx_stereochemistry_target_values       'MAXIMUM LIKELIHOOD' 
_refine.pdbx_stereochem_target_val_spec_case     ? 
_refine.pdbx_R_Free_selection_details            RANDOM 
_refine.pdbx_overall_ESU_R                       0.129 
_refine.pdbx_overall_ESU_R_Free                  0.126 
_refine.overall_SU_ML                            0.067 
_refine.pdbx_overall_phase_error                 ? 
_refine.overall_SU_B                             2.053 
_refine.ls_redundancy_reflns_obs                 ? 
_refine.B_iso_min                                ? 
_refine.B_iso_max                                ? 
_refine.overall_SU_R_Cruickshank_DPI             ? 
_refine.overall_SU_R_free                        ? 
_refine.ls_wR_factor_R_free                      ? 
_refine.ls_wR_factor_R_work                      ? 
_refine.overall_FOM_free_R_set                   ? 
_refine.overall_FOM_work_R_set                   ? 
_refine.pdbx_diffrn_id                           1 
_refine.pdbx_TLS_residual_ADP_flag               ? 
_refine.pdbx_overall_SU_R_free_Cruickshank_DPI   ? 
_refine.pdbx_overall_SU_R_Blow_DPI               ? 
_refine.pdbx_overall_SU_R_free_Blow_DPI          ? 
# 
_refine_hist.pdbx_refine_id                   'X-RAY DIFFRACTION' 
_refine_hist.cycle_id                         LAST 
_refine_hist.pdbx_number_atoms_protein        1221 
_refine_hist.pdbx_number_atoms_nucleic_acid   0 
_refine_hist.pdbx_number_atoms_ligand         11 
_refine_hist.number_atoms_solvent             201 
_refine_hist.number_atoms_total               1433 
_refine_hist.d_res_high                       1.80 
_refine_hist.d_res_low                        20.49 
# 
loop_
_refine_ls_restr.type 
_refine_ls_restr.dev_ideal 
_refine_ls_restr.dev_ideal_target 
_refine_ls_restr.weight 
_refine_ls_restr.number 
_refine_ls_restr.pdbx_refine_id 
_refine_ls_restr.pdbx_restraint_function 
r_bond_refined_d             0.013  0.022  ? 1270 'X-RAY DIFFRACTION' ? 
r_bond_other_d               ?      ?      ? ?    'X-RAY DIFFRACTION' ? 
r_angle_refined_deg          1.35   1.949  ? 1725 'X-RAY DIFFRACTION' ? 
r_angle_other_deg            ?      ?      ? ?    'X-RAY DIFFRACTION' ? 
r_dihedral_angle_1_deg       5.990  5.000  ? 157  'X-RAY DIFFRACTION' ? 
r_dihedral_angle_2_deg       34.817 24.237 ? 59   'X-RAY DIFFRACTION' ? 
r_dihedral_angle_3_deg       11.105 15.000 ? 188  'X-RAY DIFFRACTION' ? 
r_dihedral_angle_4_deg       15.107 15.000 ? 4    'X-RAY DIFFRACTION' ? 
r_chiral_restr               0.111  0.200  ? 173  'X-RAY DIFFRACTION' ? 
r_gen_planes_refined         0.007  0.021  ? 995  'X-RAY DIFFRACTION' ? 
r_gen_planes_other           ?      ?      ? ?    'X-RAY DIFFRACTION' ? 
r_nbd_refined                0.194  0.200  ? 591  'X-RAY DIFFRACTION' ? 
r_nbd_other                  ?      ?      ? ?    'X-RAY DIFFRACTION' ? 
r_nbtor_refined              0.305  0.200  ? 872  'X-RAY DIFFRACTION' ? 
r_nbtor_other                ?      ?      ? ?    'X-RAY DIFFRACTION' ? 
r_xyhbond_nbd_refined        0.148  0.200  ? 148  'X-RAY DIFFRACTION' ? 
r_xyhbond_nbd_other          ?      ?      ? ?    'X-RAY DIFFRACTION' ? 
r_metal_ion_refined          ?      ?      ? ?    'X-RAY DIFFRACTION' ? 
r_metal_ion_other            ?      ?      ? ?    'X-RAY DIFFRACTION' ? 
r_symmetry_vdw_refined       0.109  0.200  ? 26   'X-RAY DIFFRACTION' ? 
r_symmetry_vdw_other         ?      ?      ? ?    'X-RAY DIFFRACTION' ? 
r_symmetry_hbond_refined     0.151  0.200  ? 25   'X-RAY DIFFRACTION' ? 
r_symmetry_hbond_other       ?      ?      ? ?    'X-RAY DIFFRACTION' ? 
r_symmetry_metal_ion_refined ?      ?      ? ?    'X-RAY DIFFRACTION' ? 
r_symmetry_metal_ion_other   ?      ?      ? ?    'X-RAY DIFFRACTION' ? 
r_mcbond_it                  0.852  1.500  ? 777  'X-RAY DIFFRACTION' ? 
r_mcbond_other               ?      ?      ? ?    'X-RAY DIFFRACTION' ? 
r_mcangle_it                 1.497  2.000  ? 1237 'X-RAY DIFFRACTION' ? 
r_scbond_it                  2.391  3.000  ? 493  'X-RAY DIFFRACTION' ? 
r_scangle_it                 3.883  4.500  ? 487  'X-RAY DIFFRACTION' ? 
r_rigid_bond_restr           ?      ?      ? ?    'X-RAY DIFFRACTION' ? 
r_sphericity_free            ?      ?      ? ?    'X-RAY DIFFRACTION' ? 
r_sphericity_bonded          ?      ?      ? ?    'X-RAY DIFFRACTION' ? 
# 
_refine_ls_shell.pdbx_refine_id                   'X-RAY DIFFRACTION' 
_refine_ls_shell.pdbx_total_number_of_bins_used   20 
_refine_ls_shell.d_res_high                       1.800 
_refine_ls_shell.d_res_low                        1.846 
_refine_ls_shell.number_reflns_R_work             1087 
_refine_ls_shell.R_factor_R_work                  0.211 
_refine_ls_shell.percent_reflns_obs               100.00 
_refine_ls_shell.R_factor_R_free                  0.315 
_refine_ls_shell.R_factor_R_free_error            ? 
_refine_ls_shell.percent_reflns_R_free            ? 
_refine_ls_shell.number_reflns_R_free             48 
_refine_ls_shell.number_reflns_all                ? 
_refine_ls_shell.R_factor_all                     ? 
_refine_ls_shell.redundancy_reflns_obs            ? 
_refine_ls_shell.number_reflns_obs                ? 
# 
_struct.entry_id                  3GMV 
_struct.title                     'Crystal Structure of Beta-Lactamse Inhibitory Protein-I (BLIP-I) in Apo Form' 
_struct.pdbx_model_details        ? 
_struct.pdbx_CASP_flag            ? 
_struct.pdbx_model_type_details   ? 
# 
_struct_keywords.entry_id        3GMV 
_struct_keywords.text            '2-layer alpha/beta sandwich, PROTEIN BINDING' 
_struct_keywords.pdbx_keywords   'PROTEIN BINDING' 
# 
loop_
_struct_asym.id 
_struct_asym.pdbx_blank_PDB_chainid_flag 
_struct_asym.pdbx_modified 
_struct_asym.entity_id 
_struct_asym.details 
A N N 1 ? 
B N N 2 ? 
C N N 3 ? 
# 
_struct_ref.id                         1 
_struct_ref.db_name                    UNP 
_struct_ref.db_code                    Q9KJ90_STREX 
_struct_ref.pdbx_db_accession          Q9KJ90 
_struct_ref.entity_id                  1 
_struct_ref.pdbx_seq_one_letter_code   
;SGFSAEKYEQIQFGMTFDEVWEIGGGEAACDTGGVIGDSILCFTESGDYAPYGGFSFTDEGELWSKRNEYLYKAKTPSVK
LSHYNRTALGMTEAQLWAAVPKDSCVSQGESYPNWPAKTGFEEKYYCAAATGLFPPSASFHLTDGVLTYRYQRSLT
;
_struct_ref.pdbx_align_begin           31 
_struct_ref.pdbx_db_isoform            ? 
# 
_struct_ref_seq.align_id                      1 
_struct_ref_seq.ref_id                        1 
_struct_ref_seq.pdbx_PDB_id_code              3GMV 
_struct_ref_seq.pdbx_strand_id                X 
_struct_ref_seq.seq_align_beg                 1 
_struct_ref_seq.pdbx_seq_align_beg_ins_code   ? 
_struct_ref_seq.seq_align_end                 156 
_struct_ref_seq.pdbx_seq_align_end_ins_code   ? 
_struct_ref_seq.pdbx_db_accession             Q9KJ90 
_struct_ref_seq.db_align_beg                  31 
_struct_ref_seq.pdbx_db_align_beg_ins_code    ? 
_struct_ref_seq.db_align_end                  186 
_struct_ref_seq.pdbx_db_align_end_ins_code    ? 
_struct_ref_seq.pdbx_auth_seq_align_beg       2 
_struct_ref_seq.pdbx_auth_seq_align_end       157 
# 
_pdbx_struct_assembly.id                   1 
_pdbx_struct_assembly.details              author_and_software_defined_assembly 
_pdbx_struct_assembly.method_details       PISA 
_pdbx_struct_assembly.oligomeric_details   monomeric 
_pdbx_struct_assembly.oligomeric_count     1 
# 
_pdbx_struct_assembly_gen.assembly_id       1 
_pdbx_struct_assembly_gen.oper_expression   1 
_pdbx_struct_assembly_gen.asym_id_list      A,B,C 
# 
_pdbx_struct_oper_list.id                   1 
_pdbx_struct_oper_list.type                 'identity operation' 
_pdbx_struct_oper_list.name                 1_555 
_pdbx_struct_oper_list.symmetry_operation   x,y,z 
_pdbx_struct_oper_list.matrix[1][1]         1.0000000000 
_pdbx_struct_oper_list.matrix[1][2]         0.0000000000 
_pdbx_struct_oper_list.matrix[1][3]         0.0000000000 
_pdbx_struct_oper_list.vector[1]            0.0000000000 
_pdbx_struct_oper_list.matrix[2][1]         0.0000000000 
_pdbx_struct_oper_list.matrix[2][2]         1.0000000000 
_pdbx_struct_oper_list.matrix[2][3]         0.0000000000 
_pdbx_struct_oper_list.vector[2]            0.0000000000 
_pdbx_struct_oper_list.matrix[3][1]         0.0000000000 
_pdbx_struct_oper_list.matrix[3][2]         0.0000000000 
_pdbx_struct_oper_list.matrix[3][3]         1.0000000000 
_pdbx_struct_oper_list.vector[3]            0.0000000000 
# 
loop_
_struct_conf.conf_type_id 
_struct_conf.id 
_struct_conf.pdbx_PDB_helix_id 
_struct_conf.beg_label_comp_id 
_struct_conf.beg_label_asym_id 
_struct_conf.beg_label_seq_id 
_struct_conf.pdbx_beg_PDB_ins_code 
_struct_conf.end_label_comp_id 
_struct_conf.end_label_asym_id 
_struct_conf.end_label_seq_id 
_struct_conf.pdbx_end_PDB_ins_code 
_struct_conf.beg_auth_comp_id 
_struct_conf.beg_auth_asym_id 
_struct_conf.beg_auth_seq_id 
_struct_conf.end_auth_comp_id 
_struct_conf.end_auth_asym_id 
_struct_conf.end_auth_seq_id 
_struct_conf.pdbx_PDB_helix_class 
_struct_conf.details 
_struct_conf.pdbx_PDB_helix_length 
HELX_P HELX_P1 1 SER A 4   ? ILE A 11  ? SER X 5   ILE X 12  1 ? 8  
HELX_P HELX_P2 2 THR A 16  ? GLY A 25  ? THR X 17  GLY X 26  1 ? 10 
HELX_P HELX_P3 3 GLY A 25  ? ALA A 29  ? GLY X 26  ALA X 30  1 ? 5  
HELX_P HELX_P4 4 GLY A 33  ? GLY A 37  ? GLY X 34  GLY X 38  5 ? 5  
HELX_P HELX_P5 5 LYS A 80  ? ASN A 85  ? LYS X 81  ASN X 86  1 ? 6  
HELX_P HELX_P6 6 THR A 92  ? VAL A 100 ? THR X 93  VAL X 101 1 ? 9  
HELX_P HELX_P7 7 PRO A 101 ? ASP A 103 ? PRO X 102 ASP X 104 5 ? 3  
# 
_struct_conf_type.id          HELX_P 
_struct_conf_type.criteria    ? 
_struct_conf_type.reference   ? 
# 
loop_
_struct_conn.id 
_struct_conn.conn_type_id 
_struct_conn.pdbx_leaving_atom_flag 
_struct_conn.pdbx_PDB_id 
_struct_conn.ptnr1_label_asym_id 
_struct_conn.ptnr1_label_comp_id 
_struct_conn.ptnr1_label_seq_id 
_struct_conn.ptnr1_label_atom_id 
_struct_conn.pdbx_ptnr1_label_alt_id 
_struct_conn.pdbx_ptnr1_PDB_ins_code 
_struct_conn.pdbx_ptnr1_standard_comp_id 
_struct_conn.ptnr1_symmetry 
_struct_conn.ptnr2_label_asym_id 
_struct_conn.ptnr2_label_comp_id 
_struct_conn.ptnr2_label_seq_id 
_struct_conn.ptnr2_label_atom_id 
_struct_conn.pdbx_ptnr2_label_alt_id 
_struct_conn.pdbx_ptnr2_PDB_ins_code 
_struct_conn.ptnr1_auth_asym_id 
_struct_conn.ptnr1_auth_comp_id 
_struct_conn.ptnr1_auth_seq_id 
_struct_conn.ptnr2_auth_asym_id 
_struct_conn.ptnr2_auth_comp_id 
_struct_conn.ptnr2_auth_seq_id 
_struct_conn.ptnr2_symmetry 
_struct_conn.pdbx_ptnr3_label_atom_id 
_struct_conn.pdbx_ptnr3_label_seq_id 
_struct_conn.pdbx_ptnr3_label_comp_id 
_struct_conn.pdbx_ptnr3_label_asym_id 
_struct_conn.pdbx_ptnr3_label_alt_id 
_struct_conn.pdbx_ptnr3_PDB_ins_code 
_struct_conn.details 
_struct_conn.pdbx_dist_value 
_struct_conn.pdbx_value_order 
_struct_conn.pdbx_role 
disulf1 disulf ? ? A CYS 30  SG ? ? ? 1_555 A CYS 42  SG ? ? X CYS 31  X CYS 43  1_555 ? ? ? ? ? ? ? 2.049 ? ? 
disulf2 disulf ? ? A CYS 105 SG ? ? ? 1_555 A CYS 127 SG ? ? X CYS 106 X CYS 128 1_555 ? ? ? ? ? ? ? 2.031 ? ? 
# 
_struct_conn_type.id          disulf 
_struct_conn_type.criteria    ? 
_struct_conn_type.reference   ? 
# 
loop_
_pdbx_modification_feature.ordinal 
_pdbx_modification_feature.label_comp_id 
_pdbx_modification_feature.label_asym_id 
_pdbx_modification_feature.label_seq_id 
_pdbx_modification_feature.label_alt_id 
_pdbx_modification_feature.modified_residue_label_comp_id 
_pdbx_modification_feature.modified_residue_label_asym_id 
_pdbx_modification_feature.modified_residue_label_seq_id 
_pdbx_modification_feature.modified_residue_label_alt_id 
_pdbx_modification_feature.auth_comp_id 
_pdbx_modification_feature.auth_asym_id 
_pdbx_modification_feature.auth_seq_id 
_pdbx_modification_feature.PDB_ins_code 
_pdbx_modification_feature.symmetry 
_pdbx_modification_feature.modified_residue_auth_comp_id 
_pdbx_modification_feature.modified_residue_auth_asym_id 
_pdbx_modification_feature.modified_residue_auth_seq_id 
_pdbx_modification_feature.modified_residue_PDB_ins_code 
_pdbx_modification_feature.modified_residue_symmetry 
_pdbx_modification_feature.comp_id_linking_atom 
_pdbx_modification_feature.modified_residue_id_linking_atom 
_pdbx_modification_feature.modified_residue_id 
_pdbx_modification_feature.ref_pcm_id 
_pdbx_modification_feature.ref_comp_id 
_pdbx_modification_feature.type 
_pdbx_modification_feature.category 
1 CYS A 30  ? CYS A 42  ? CYS X 31  ? 1_555 CYS X 43  ? 1_555 SG SG . . . None 'Disulfide bridge' 
2 CYS A 105 ? CYS A 127 ? CYS X 106 ? 1_555 CYS X 128 ? 1_555 SG SG . . . None 'Disulfide bridge' 
# 
_struct_mon_prot_cis.pdbx_id                1 
_struct_mon_prot_cis.label_comp_id          TRP 
_struct_mon_prot_cis.label_seq_id           115 
_struct_mon_prot_cis.label_asym_id          A 
_struct_mon_prot_cis.label_alt_id           . 
_struct_mon_prot_cis.pdbx_PDB_ins_code      ? 
_struct_mon_prot_cis.auth_comp_id           TRP 
_struct_mon_prot_cis.auth_seq_id            116 
_struct_mon_prot_cis.auth_asym_id           X 
_struct_mon_prot_cis.pdbx_label_comp_id_2   PRO 
_struct_mon_prot_cis.pdbx_label_seq_id_2    116 
_struct_mon_prot_cis.pdbx_label_asym_id_2   A 
_struct_mon_prot_cis.pdbx_PDB_ins_code_2    ? 
_struct_mon_prot_cis.pdbx_auth_comp_id_2    PRO 
_struct_mon_prot_cis.pdbx_auth_seq_id_2     117 
_struct_mon_prot_cis.pdbx_auth_asym_id_2    X 
_struct_mon_prot_cis.pdbx_PDB_model_num     1 
_struct_mon_prot_cis.pdbx_omega_angle       8.58 
# 
_struct_sheet.id               A 
_struct_sheet.type             ? 
_struct_sheet.number_strands   8 
_struct_sheet.details          ? 
# 
loop_
_struct_sheet_order.sheet_id 
_struct_sheet_order.range_id_1 
_struct_sheet_order.range_id_2 
_struct_sheet_order.offset 
_struct_sheet_order.sense 
A 1 2 ? anti-parallel 
A 2 3 ? anti-parallel 
A 3 4 ? anti-parallel 
A 4 5 ? anti-parallel 
A 5 6 ? anti-parallel 
A 6 7 ? anti-parallel 
A 7 8 ? anti-parallel 
# 
loop_
_struct_sheet_range.sheet_id 
_struct_sheet_range.id 
_struct_sheet_range.beg_label_comp_id 
_struct_sheet_range.beg_label_asym_id 
_struct_sheet_range.beg_label_seq_id 
_struct_sheet_range.pdbx_beg_PDB_ins_code 
_struct_sheet_range.end_label_comp_id 
_struct_sheet_range.end_label_asym_id 
_struct_sheet_range.end_label_seq_id 
_struct_sheet_range.pdbx_end_PDB_ins_code 
_struct_sheet_range.beg_auth_comp_id 
_struct_sheet_range.beg_auth_asym_id 
_struct_sheet_range.beg_auth_seq_id 
_struct_sheet_range.end_auth_comp_id 
_struct_sheet_range.end_auth_asym_id 
_struct_sheet_range.end_auth_seq_id 
A 1 CYS A 30  ? ASP A 31  ? CYS X 31  ASP X 32  
A 2 ILE A 40  ? PHE A 43  ? ILE X 41  PHE X 44  
A 3 TYR A 52  ? PHE A 57  ? TYR X 53  PHE X 58  
A 4 LEU A 63  ? GLU A 69  ? LEU X 64  GLU X 70  
A 5 CYS A 105 ? SER A 111 ? CYS X 106 SER X 112 
A 6 GLU A 122 ? ALA A 128 ? GLU X 123 ALA X 129 
A 7 SER A 137 ? THR A 143 ? SER X 138 THR X 144 
A 8 VAL A 146 ? ARG A 153 ? VAL X 147 ARG X 154 
# 
loop_
_pdbx_struct_sheet_hbond.sheet_id 
_pdbx_struct_sheet_hbond.range_id_1 
_pdbx_struct_sheet_hbond.range_id_2 
_pdbx_struct_sheet_hbond.range_1_label_atom_id 
_pdbx_struct_sheet_hbond.range_1_label_comp_id 
_pdbx_struct_sheet_hbond.range_1_label_asym_id 
_pdbx_struct_sheet_hbond.range_1_label_seq_id 
_pdbx_struct_sheet_hbond.range_1_PDB_ins_code 
_pdbx_struct_sheet_hbond.range_1_auth_atom_id 
_pdbx_struct_sheet_hbond.range_1_auth_comp_id 
_pdbx_struct_sheet_hbond.range_1_auth_asym_id 
_pdbx_struct_sheet_hbond.range_1_auth_seq_id 
_pdbx_struct_sheet_hbond.range_2_label_atom_id 
_pdbx_struct_sheet_hbond.range_2_label_comp_id 
_pdbx_struct_sheet_hbond.range_2_label_asym_id 
_pdbx_struct_sheet_hbond.range_2_label_seq_id 
_pdbx_struct_sheet_hbond.range_2_PDB_ins_code 
_pdbx_struct_sheet_hbond.range_2_auth_atom_id 
_pdbx_struct_sheet_hbond.range_2_auth_comp_id 
_pdbx_struct_sheet_hbond.range_2_auth_asym_id 
_pdbx_struct_sheet_hbond.range_2_auth_seq_id 
A 1 2 N ASP A 31  ? N ASP X 32  O LEU A 41  ? O LEU X 42  
A 2 3 N CYS A 42  ? N CYS X 43  O GLY A 53  ? O GLY X 54  
A 3 4 N GLY A 54  ? N GLY X 55  O ARG A 67  ? O ARG X 68  
A 4 5 N LYS A 66  ? N LYS X 67  O GLU A 110 ? O GLU X 111 
A 5 6 N GLN A 108 ? N GLN X 109 O LYS A 124 ? O LYS X 125 
A 6 7 N CYS A 127 ? N CYS X 128 O ALA A 138 ? O ALA X 139 
A 7 8 N SER A 139 ? N SER X 140 O TYR A 151 ? O TYR X 152 
# 
_struct_site.id                   AC1 
_struct_site.pdbx_evidence_code   Software 
_struct_site.pdbx_auth_asym_id    X 
_struct_site.pdbx_auth_comp_id    TAM 
_struct_site.pdbx_auth_seq_id     1 
_struct_site.pdbx_auth_ins_code   ? 
_struct_site.pdbx_num_residues    5 
_struct_site.details              'BINDING SITE FOR RESIDUE TAM X 1' 
# 
loop_
_struct_site_gen.id 
_struct_site_gen.site_id 
_struct_site_gen.pdbx_num_res 
_struct_site_gen.label_comp_id 
_struct_site_gen.label_asym_id 
_struct_site_gen.label_seq_id 
_struct_site_gen.pdbx_auth_ins_code 
_struct_site_gen.auth_comp_id 
_struct_site_gen.auth_asym_id 
_struct_site_gen.auth_seq_id 
_struct_site_gen.label_atom_id 
_struct_site_gen.label_alt_id 
_struct_site_gen.symmetry 
_struct_site_gen.details 
1 AC1 5 THR A 58  ? THR X 59  . ? 1_555 ? 
2 AC1 5 TRP A 64  ? TRP X 65  . ? 1_555 ? 
3 AC1 5 PRO A 113 ? PRO X 114 . ? 1_555 ? 
4 AC1 5 HOH C .   ? HOH X 230 . ? 1_555 ? 
5 AC1 5 HOH C .   ? HOH X 346 . ? 1_555 ? 
# 
_pdbx_entry_details.entry_id                   3GMV 
_pdbx_entry_details.compound_details           ? 
_pdbx_entry_details.source_details             ? 
_pdbx_entry_details.nonpolymer_details         ? 
_pdbx_entry_details.sequence_details           ? 
_pdbx_entry_details.has_ligand_of_interest     ? 
_pdbx_entry_details.has_protein_modification   Y 
# 
loop_
_pdbx_validate_close_contact.id 
_pdbx_validate_close_contact.PDB_model_num 
_pdbx_validate_close_contact.auth_atom_id_1 
_pdbx_validate_close_contact.auth_asym_id_1 
_pdbx_validate_close_contact.auth_comp_id_1 
_pdbx_validate_close_contact.auth_seq_id_1 
_pdbx_validate_close_contact.PDB_ins_code_1 
_pdbx_validate_close_contact.label_alt_id_1 
_pdbx_validate_close_contact.auth_atom_id_2 
_pdbx_validate_close_contact.auth_asym_id_2 
_pdbx_validate_close_contact.auth_comp_id_2 
_pdbx_validate_close_contact.auth_seq_id_2 
_pdbx_validate_close_contact.PDB_ins_code_2 
_pdbx_validate_close_contact.label_alt_id_2 
_pdbx_validate_close_contact.dist 
1 1 O   X HOH 181 ? ? O X HOH 291 ? ? 2.02 
2 1 O   X HOH 177 ? ? O X HOH 333 ? ? 2.06 
3 1 NE2 X GLN 13  ? ? O X HOH 257 ? ? 2.18 
# 
_pdbx_validate_symm_contact.id                1 
_pdbx_validate_symm_contact.PDB_model_num     1 
_pdbx_validate_symm_contact.auth_atom_id_1    O 
_pdbx_validate_symm_contact.auth_asym_id_1    X 
_pdbx_validate_symm_contact.auth_comp_id_1    HOH 
_pdbx_validate_symm_contact.auth_seq_id_1     162 
_pdbx_validate_symm_contact.PDB_ins_code_1    ? 
_pdbx_validate_symm_contact.label_alt_id_1    ? 
_pdbx_validate_symm_contact.site_symmetry_1   1_555 
_pdbx_validate_symm_contact.auth_atom_id_2    O 
_pdbx_validate_symm_contact.auth_asym_id_2    X 
_pdbx_validate_symm_contact.auth_comp_id_2    HOH 
_pdbx_validate_symm_contact.auth_seq_id_2     180 
_pdbx_validate_symm_contact.PDB_ins_code_2    ? 
_pdbx_validate_symm_contact.label_alt_id_2    ? 
_pdbx_validate_symm_contact.site_symmetry_2   1_554 
_pdbx_validate_symm_contact.dist              1.96 
# 
_pdbx_validate_torsion.id              1 
_pdbx_validate_torsion.PDB_model_num   1 
_pdbx_validate_torsion.auth_comp_id    SER 
_pdbx_validate_torsion.auth_asym_id    X 
_pdbx_validate_torsion.auth_seq_id     79 
_pdbx_validate_torsion.PDB_ins_code    ? 
_pdbx_validate_torsion.label_alt_id    ? 
_pdbx_validate_torsion.phi             -163.89 
_pdbx_validate_torsion.psi             4.44 
# 
_phasing.method   MR 
# 
loop_
_chem_comp_atom.comp_id 
_chem_comp_atom.atom_id 
_chem_comp_atom.type_symbol 
_chem_comp_atom.pdbx_aromatic_flag 
_chem_comp_atom.pdbx_stereo_config 
_chem_comp_atom.pdbx_ordinal 
ALA N    N N N 1   
ALA CA   C N S 2   
ALA C    C N N 3   
ALA O    O N N 4   
ALA CB   C N N 5   
ALA OXT  O N N 6   
ALA H    H N N 7   
ALA H2   H N N 8   
ALA HA   H N N 9   
ALA HB1  H N N 10  
ALA HB2  H N N 11  
ALA HB3  H N N 12  
ALA HXT  H N N 13  
ARG N    N N N 14  
ARG CA   C N S 15  
ARG C    C N N 16  
ARG O    O N N 17  
ARG CB   C N N 18  
ARG CG   C N N 19  
ARG CD   C N N 20  
ARG NE   N N N 21  
ARG CZ   C N N 22  
ARG NH1  N N N 23  
ARG NH2  N N N 24  
ARG OXT  O N N 25  
ARG H    H N N 26  
ARG H2   H N N 27  
ARG HA   H N N 28  
ARG HB2  H N N 29  
ARG HB3  H N N 30  
ARG HG2  H N N 31  
ARG HG3  H N N 32  
ARG HD2  H N N 33  
ARG HD3  H N N 34  
ARG HE   H N N 35  
ARG HH11 H N N 36  
ARG HH12 H N N 37  
ARG HH21 H N N 38  
ARG HH22 H N N 39  
ARG HXT  H N N 40  
ASN N    N N N 41  
ASN CA   C N S 42  
ASN C    C N N 43  
ASN O    O N N 44  
ASN CB   C N N 45  
ASN CG   C N N 46  
ASN OD1  O N N 47  
ASN ND2  N N N 48  
ASN OXT  O N N 49  
ASN H    H N N 50  
ASN H2   H N N 51  
ASN HA   H N N 52  
ASN HB2  H N N 53  
ASN HB3  H N N 54  
ASN HD21 H N N 55  
ASN HD22 H N N 56  
ASN HXT  H N N 57  
ASP N    N N N 58  
ASP CA   C N S 59  
ASP C    C N N 60  
ASP O    O N N 61  
ASP CB   C N N 62  
ASP CG   C N N 63  
ASP OD1  O N N 64  
ASP OD2  O N N 65  
ASP OXT  O N N 66  
ASP H    H N N 67  
ASP H2   H N N 68  
ASP HA   H N N 69  
ASP HB2  H N N 70  
ASP HB3  H N N 71  
ASP HD2  H N N 72  
ASP HXT  H N N 73  
CYS N    N N N 74  
CYS CA   C N R 75  
CYS C    C N N 76  
CYS O    O N N 77  
CYS CB   C N N 78  
CYS SG   S N N 79  
CYS OXT  O N N 80  
CYS H    H N N 81  
CYS H2   H N N 82  
CYS HA   H N N 83  
CYS HB2  H N N 84  
CYS HB3  H N N 85  
CYS HG   H N N 86  
CYS HXT  H N N 87  
GLN N    N N N 88  
GLN CA   C N S 89  
GLN C    C N N 90  
GLN O    O N N 91  
GLN CB   C N N 92  
GLN CG   C N N 93  
GLN CD   C N N 94  
GLN OE1  O N N 95  
GLN NE2  N N N 96  
GLN OXT  O N N 97  
GLN H    H N N 98  
GLN H2   H N N 99  
GLN HA   H N N 100 
GLN HB2  H N N 101 
GLN HB3  H N N 102 
GLN HG2  H N N 103 
GLN HG3  H N N 104 
GLN HE21 H N N 105 
GLN HE22 H N N 106 
GLN HXT  H N N 107 
GLU N    N N N 108 
GLU CA   C N S 109 
GLU C    C N N 110 
GLU O    O N N 111 
GLU CB   C N N 112 
GLU CG   C N N 113 
GLU CD   C N N 114 
GLU OE1  O N N 115 
GLU OE2  O N N 116 
GLU OXT  O N N 117 
GLU H    H N N 118 
GLU H2   H N N 119 
GLU HA   H N N 120 
GLU HB2  H N N 121 
GLU HB3  H N N 122 
GLU HG2  H N N 123 
GLU HG3  H N N 124 
GLU HE2  H N N 125 
GLU HXT  H N N 126 
GLY N    N N N 127 
GLY CA   C N N 128 
GLY C    C N N 129 
GLY O    O N N 130 
GLY OXT  O N N 131 
GLY H    H N N 132 
GLY H2   H N N 133 
GLY HA2  H N N 134 
GLY HA3  H N N 135 
GLY HXT  H N N 136 
HIS N    N N N 137 
HIS CA   C N S 138 
HIS C    C N N 139 
HIS O    O N N 140 
HIS CB   C N N 141 
HIS CG   C Y N 142 
HIS ND1  N Y N 143 
HIS CD2  C Y N 144 
HIS CE1  C Y N 145 
HIS NE2  N Y N 146 
HIS OXT  O N N 147 
HIS H    H N N 148 
HIS H2   H N N 149 
HIS HA   H N N 150 
HIS HB2  H N N 151 
HIS HB3  H N N 152 
HIS HD1  H N N 153 
HIS HD2  H N N 154 
HIS HE1  H N N 155 
HIS HE2  H N N 156 
HIS HXT  H N N 157 
HOH O    O N N 158 
HOH H1   H N N 159 
HOH H2   H N N 160 
ILE N    N N N 161 
ILE CA   C N S 162 
ILE C    C N N 163 
ILE O    O N N 164 
ILE CB   C N S 165 
ILE CG1  C N N 166 
ILE CG2  C N N 167 
ILE CD1  C N N 168 
ILE OXT  O N N 169 
ILE H    H N N 170 
ILE H2   H N N 171 
ILE HA   H N N 172 
ILE HB   H N N 173 
ILE HG12 H N N 174 
ILE HG13 H N N 175 
ILE HG21 H N N 176 
ILE HG22 H N N 177 
ILE HG23 H N N 178 
ILE HD11 H N N 179 
ILE HD12 H N N 180 
ILE HD13 H N N 181 
ILE HXT  H N N 182 
LEU N    N N N 183 
LEU CA   C N S 184 
LEU C    C N N 185 
LEU O    O N N 186 
LEU CB   C N N 187 
LEU CG   C N N 188 
LEU CD1  C N N 189 
LEU CD2  C N N 190 
LEU OXT  O N N 191 
LEU H    H N N 192 
LEU H2   H N N 193 
LEU HA   H N N 194 
LEU HB2  H N N 195 
LEU HB3  H N N 196 
LEU HG   H N N 197 
LEU HD11 H N N 198 
LEU HD12 H N N 199 
LEU HD13 H N N 200 
LEU HD21 H N N 201 
LEU HD22 H N N 202 
LEU HD23 H N N 203 
LEU HXT  H N N 204 
LYS N    N N N 205 
LYS CA   C N S 206 
LYS C    C N N 207 
LYS O    O N N 208 
LYS CB   C N N 209 
LYS CG   C N N 210 
LYS CD   C N N 211 
LYS CE   C N N 212 
LYS NZ   N N N 213 
LYS OXT  O N N 214 
LYS H    H N N 215 
LYS H2   H N N 216 
LYS HA   H N N 217 
LYS HB2  H N N 218 
LYS HB3  H N N 219 
LYS HG2  H N N 220 
LYS HG3  H N N 221 
LYS HD2  H N N 222 
LYS HD3  H N N 223 
LYS HE2  H N N 224 
LYS HE3  H N N 225 
LYS HZ1  H N N 226 
LYS HZ2  H N N 227 
LYS HZ3  H N N 228 
LYS HXT  H N N 229 
MET N    N N N 230 
MET CA   C N S 231 
MET C    C N N 232 
MET O    O N N 233 
MET CB   C N N 234 
MET CG   C N N 235 
MET SD   S N N 236 
MET CE   C N N 237 
MET OXT  O N N 238 
MET H    H N N 239 
MET H2   H N N 240 
MET HA   H N N 241 
MET HB2  H N N 242 
MET HB3  H N N 243 
MET HG2  H N N 244 
MET HG3  H N N 245 
MET HE1  H N N 246 
MET HE2  H N N 247 
MET HE3  H N N 248 
MET HXT  H N N 249 
PHE N    N N N 250 
PHE CA   C N S 251 
PHE C    C N N 252 
PHE O    O N N 253 
PHE CB   C N N 254 
PHE CG   C Y N 255 
PHE CD1  C Y N 256 
PHE CD2  C Y N 257 
PHE CE1  C Y N 258 
PHE CE2  C Y N 259 
PHE CZ   C Y N 260 
PHE OXT  O N N 261 
PHE H    H N N 262 
PHE H2   H N N 263 
PHE HA   H N N 264 
PHE HB2  H N N 265 
PHE HB3  H N N 266 
PHE HD1  H N N 267 
PHE HD2  H N N 268 
PHE HE1  H N N 269 
PHE HE2  H N N 270 
PHE HZ   H N N 271 
PHE HXT  H N N 272 
PRO N    N N N 273 
PRO CA   C N S 274 
PRO C    C N N 275 
PRO O    O N N 276 
PRO CB   C N N 277 
PRO CG   C N N 278 
PRO CD   C N N 279 
PRO OXT  O N N 280 
PRO H    H N N 281 
PRO HA   H N N 282 
PRO HB2  H N N 283 
PRO HB3  H N N 284 
PRO HG2  H N N 285 
PRO HG3  H N N 286 
PRO HD2  H N N 287 
PRO HD3  H N N 288 
PRO HXT  H N N 289 
SER N    N N N 290 
SER CA   C N S 291 
SER C    C N N 292 
SER O    O N N 293 
SER CB   C N N 294 
SER OG   O N N 295 
SER OXT  O N N 296 
SER H    H N N 297 
SER H2   H N N 298 
SER HA   H N N 299 
SER HB2  H N N 300 
SER HB3  H N N 301 
SER HG   H N N 302 
SER HXT  H N N 303 
TAM C    C N N 304 
TAM C1   C N N 305 
TAM C2   C N N 306 
TAM C3   C N N 307 
TAM C4   C N N 308 
TAM C5   C N N 309 
TAM C6   C N N 310 
TAM N    N N N 311 
TAM O4   O N N 312 
TAM O5   O N N 313 
TAM O6   O N N 314 
TAM H11  H N N 315 
TAM H12  H N N 316 
TAM H21  H N N 317 
TAM H22  H N N 318 
TAM H31  H N N 319 
TAM H32  H N N 320 
TAM H41  H N N 321 
TAM H42  H N N 322 
TAM H51  H N N 323 
TAM H52  H N N 324 
TAM H61  H N N 325 
TAM H62  H N N 326 
TAM HN1  H N N 327 
TAM HN2  H N N 328 
TAM HO4  H N N 329 
TAM HO5  H N N 330 
TAM HO6  H N N 331 
THR N    N N N 332 
THR CA   C N S 333 
THR C    C N N 334 
THR O    O N N 335 
THR CB   C N R 336 
THR OG1  O N N 337 
THR CG2  C N N 338 
THR OXT  O N N 339 
THR H    H N N 340 
THR H2   H N N 341 
THR HA   H N N 342 
THR HB   H N N 343 
THR HG1  H N N 344 
THR HG21 H N N 345 
THR HG22 H N N 346 
THR HG23 H N N 347 
THR HXT  H N N 348 
TRP N    N N N 349 
TRP CA   C N S 350 
TRP C    C N N 351 
TRP O    O N N 352 
TRP CB   C N N 353 
TRP CG   C Y N 354 
TRP CD1  C Y N 355 
TRP CD2  C Y N 356 
TRP NE1  N Y N 357 
TRP CE2  C Y N 358 
TRP CE3  C Y N 359 
TRP CZ2  C Y N 360 
TRP CZ3  C Y N 361 
TRP CH2  C Y N 362 
TRP OXT  O N N 363 
TRP H    H N N 364 
TRP H2   H N N 365 
TRP HA   H N N 366 
TRP HB2  H N N 367 
TRP HB3  H N N 368 
TRP HD1  H N N 369 
TRP HE1  H N N 370 
TRP HE3  H N N 371 
TRP HZ2  H N N 372 
TRP HZ3  H N N 373 
TRP HH2  H N N 374 
TRP HXT  H N N 375 
TYR N    N N N 376 
TYR CA   C N S 377 
TYR C    C N N 378 
TYR O    O N N 379 
TYR CB   C N N 380 
TYR CG   C Y N 381 
TYR CD1  C Y N 382 
TYR CD2  C Y N 383 
TYR CE1  C Y N 384 
TYR CE2  C Y N 385 
TYR CZ   C Y N 386 
TYR OH   O N N 387 
TYR OXT  O N N 388 
TYR H    H N N 389 
TYR H2   H N N 390 
TYR HA   H N N 391 
TYR HB2  H N N 392 
TYR HB3  H N N 393 
TYR HD1  H N N 394 
TYR HD2  H N N 395 
TYR HE1  H N N 396 
TYR HE2  H N N 397 
TYR HH   H N N 398 
TYR HXT  H N N 399 
VAL N    N N N 400 
VAL CA   C N S 401 
VAL C    C N N 402 
VAL O    O N N 403 
VAL CB   C N N 404 
VAL CG1  C N N 405 
VAL CG2  C N N 406 
VAL OXT  O N N 407 
VAL H    H N N 408 
VAL H2   H N N 409 
VAL HA   H N N 410 
VAL HB   H N N 411 
VAL HG11 H N N 412 
VAL HG12 H N N 413 
VAL HG13 H N N 414 
VAL HG21 H N N 415 
VAL HG22 H N N 416 
VAL HG23 H N N 417 
VAL HXT  H N N 418 
# 
loop_
_chem_comp_bond.comp_id 
_chem_comp_bond.atom_id_1 
_chem_comp_bond.atom_id_2 
_chem_comp_bond.value_order 
_chem_comp_bond.pdbx_aromatic_flag 
_chem_comp_bond.pdbx_stereo_config 
_chem_comp_bond.pdbx_ordinal 
ALA N   CA   sing N N 1   
ALA N   H    sing N N 2   
ALA N   H2   sing N N 3   
ALA CA  C    sing N N 4   
ALA CA  CB   sing N N 5   
ALA CA  HA   sing N N 6   
ALA C   O    doub N N 7   
ALA C   OXT  sing N N 8   
ALA CB  HB1  sing N N 9   
ALA CB  HB2  sing N N 10  
ALA CB  HB3  sing N N 11  
ALA OXT HXT  sing N N 12  
ARG N   CA   sing N N 13  
ARG N   H    sing N N 14  
ARG N   H2   sing N N 15  
ARG CA  C    sing N N 16  
ARG CA  CB   sing N N 17  
ARG CA  HA   sing N N 18  
ARG C   O    doub N N 19  
ARG C   OXT  sing N N 20  
ARG CB  CG   sing N N 21  
ARG CB  HB2  sing N N 22  
ARG CB  HB3  sing N N 23  
ARG CG  CD   sing N N 24  
ARG CG  HG2  sing N N 25  
ARG CG  HG3  sing N N 26  
ARG CD  NE   sing N N 27  
ARG CD  HD2  sing N N 28  
ARG CD  HD3  sing N N 29  
ARG NE  CZ   sing N N 30  
ARG NE  HE   sing N N 31  
ARG CZ  NH1  sing N N 32  
ARG CZ  NH2  doub N N 33  
ARG NH1 HH11 sing N N 34  
ARG NH1 HH12 sing N N 35  
ARG NH2 HH21 sing N N 36  
ARG NH2 HH22 sing N N 37  
ARG OXT HXT  sing N N 38  
ASN N   CA   sing N N 39  
ASN N   H    sing N N 40  
ASN N   H2   sing N N 41  
ASN CA  C    sing N N 42  
ASN CA  CB   sing N N 43  
ASN CA  HA   sing N N 44  
ASN C   O    doub N N 45  
ASN C   OXT  sing N N 46  
ASN CB  CG   sing N N 47  
ASN CB  HB2  sing N N 48  
ASN CB  HB3  sing N N 49  
ASN CG  OD1  doub N N 50  
ASN CG  ND2  sing N N 51  
ASN ND2 HD21 sing N N 52  
ASN ND2 HD22 sing N N 53  
ASN OXT HXT  sing N N 54  
ASP N   CA   sing N N 55  
ASP N   H    sing N N 56  
ASP N   H2   sing N N 57  
ASP CA  C    sing N N 58  
ASP CA  CB   sing N N 59  
ASP CA  HA   sing N N 60  
ASP C   O    doub N N 61  
ASP C   OXT  sing N N 62  
ASP CB  CG   sing N N 63  
ASP CB  HB2  sing N N 64  
ASP CB  HB3  sing N N 65  
ASP CG  OD1  doub N N 66  
ASP CG  OD2  sing N N 67  
ASP OD2 HD2  sing N N 68  
ASP OXT HXT  sing N N 69  
CYS N   CA   sing N N 70  
CYS N   H    sing N N 71  
CYS N   H2   sing N N 72  
CYS CA  C    sing N N 73  
CYS CA  CB   sing N N 74  
CYS CA  HA   sing N N 75  
CYS C   O    doub N N 76  
CYS C   OXT  sing N N 77  
CYS CB  SG   sing N N 78  
CYS CB  HB2  sing N N 79  
CYS CB  HB3  sing N N 80  
CYS SG  HG   sing N N 81  
CYS OXT HXT  sing N N 82  
GLN N   CA   sing N N 83  
GLN N   H    sing N N 84  
GLN N   H2   sing N N 85  
GLN CA  C    sing N N 86  
GLN CA  CB   sing N N 87  
GLN CA  HA   sing N N 88  
GLN C   O    doub N N 89  
GLN C   OXT  sing N N 90  
GLN CB  CG   sing N N 91  
GLN CB  HB2  sing N N 92  
GLN CB  HB3  sing N N 93  
GLN CG  CD   sing N N 94  
GLN CG  HG2  sing N N 95  
GLN CG  HG3  sing N N 96  
GLN CD  OE1  doub N N 97  
GLN CD  NE2  sing N N 98  
GLN NE2 HE21 sing N N 99  
GLN NE2 HE22 sing N N 100 
GLN OXT HXT  sing N N 101 
GLU N   CA   sing N N 102 
GLU N   H    sing N N 103 
GLU N   H2   sing N N 104 
GLU CA  C    sing N N 105 
GLU CA  CB   sing N N 106 
GLU CA  HA   sing N N 107 
GLU C   O    doub N N 108 
GLU C   OXT  sing N N 109 
GLU CB  CG   sing N N 110 
GLU CB  HB2  sing N N 111 
GLU CB  HB3  sing N N 112 
GLU CG  CD   sing N N 113 
GLU CG  HG2  sing N N 114 
GLU CG  HG3  sing N N 115 
GLU CD  OE1  doub N N 116 
GLU CD  OE2  sing N N 117 
GLU OE2 HE2  sing N N 118 
GLU OXT HXT  sing N N 119 
GLY N   CA   sing N N 120 
GLY N   H    sing N N 121 
GLY N   H2   sing N N 122 
GLY CA  C    sing N N 123 
GLY CA  HA2  sing N N 124 
GLY CA  HA3  sing N N 125 
GLY C   O    doub N N 126 
GLY C   OXT  sing N N 127 
GLY OXT HXT  sing N N 128 
HIS N   CA   sing N N 129 
HIS N   H    sing N N 130 
HIS N   H2   sing N N 131 
HIS CA  C    sing N N 132 
HIS CA  CB   sing N N 133 
HIS CA  HA   sing N N 134 
HIS C   O    doub N N 135 
HIS C   OXT  sing N N 136 
HIS CB  CG   sing N N 137 
HIS CB  HB2  sing N N 138 
HIS CB  HB3  sing N N 139 
HIS CG  ND1  sing Y N 140 
HIS CG  CD2  doub Y N 141 
HIS ND1 CE1  doub Y N 142 
HIS ND1 HD1  sing N N 143 
HIS CD2 NE2  sing Y N 144 
HIS CD2 HD2  sing N N 145 
HIS CE1 NE2  sing Y N 146 
HIS CE1 HE1  sing N N 147 
HIS NE2 HE2  sing N N 148 
HIS OXT HXT  sing N N 149 
HOH O   H1   sing N N 150 
HOH O   H2   sing N N 151 
ILE N   CA   sing N N 152 
ILE N   H    sing N N 153 
ILE N   H2   sing N N 154 
ILE CA  C    sing N N 155 
ILE CA  CB   sing N N 156 
ILE CA  HA   sing N N 157 
ILE C   O    doub N N 158 
ILE C   OXT  sing N N 159 
ILE CB  CG1  sing N N 160 
ILE CB  CG2  sing N N 161 
ILE CB  HB   sing N N 162 
ILE CG1 CD1  sing N N 163 
ILE CG1 HG12 sing N N 164 
ILE CG1 HG13 sing N N 165 
ILE CG2 HG21 sing N N 166 
ILE CG2 HG22 sing N N 167 
ILE CG2 HG23 sing N N 168 
ILE CD1 HD11 sing N N 169 
ILE CD1 HD12 sing N N 170 
ILE CD1 HD13 sing N N 171 
ILE OXT HXT  sing N N 172 
LEU N   CA   sing N N 173 
LEU N   H    sing N N 174 
LEU N   H2   sing N N 175 
LEU CA  C    sing N N 176 
LEU CA  CB   sing N N 177 
LEU CA  HA   sing N N 178 
LEU C   O    doub N N 179 
LEU C   OXT  sing N N 180 
LEU CB  CG   sing N N 181 
LEU CB  HB2  sing N N 182 
LEU CB  HB3  sing N N 183 
LEU CG  CD1  sing N N 184 
LEU CG  CD2  sing N N 185 
LEU CG  HG   sing N N 186 
LEU CD1 HD11 sing N N 187 
LEU CD1 HD12 sing N N 188 
LEU CD1 HD13 sing N N 189 
LEU CD2 HD21 sing N N 190 
LEU CD2 HD22 sing N N 191 
LEU CD2 HD23 sing N N 192 
LEU OXT HXT  sing N N 193 
LYS N   CA   sing N N 194 
LYS N   H    sing N N 195 
LYS N   H2   sing N N 196 
LYS CA  C    sing N N 197 
LYS CA  CB   sing N N 198 
LYS CA  HA   sing N N 199 
LYS C   O    doub N N 200 
LYS C   OXT  sing N N 201 
LYS CB  CG   sing N N 202 
LYS CB  HB2  sing N N 203 
LYS CB  HB3  sing N N 204 
LYS CG  CD   sing N N 205 
LYS CG  HG2  sing N N 206 
LYS CG  HG3  sing N N 207 
LYS CD  CE   sing N N 208 
LYS CD  HD2  sing N N 209 
LYS CD  HD3  sing N N 210 
LYS CE  NZ   sing N N 211 
LYS CE  HE2  sing N N 212 
LYS CE  HE3  sing N N 213 
LYS NZ  HZ1  sing N N 214 
LYS NZ  HZ2  sing N N 215 
LYS NZ  HZ3  sing N N 216 
LYS OXT HXT  sing N N 217 
MET N   CA   sing N N 218 
MET N   H    sing N N 219 
MET N   H2   sing N N 220 
MET CA  C    sing N N 221 
MET CA  CB   sing N N 222 
MET CA  HA   sing N N 223 
MET C   O    doub N N 224 
MET C   OXT  sing N N 225 
MET CB  CG   sing N N 226 
MET CB  HB2  sing N N 227 
MET CB  HB3  sing N N 228 
MET CG  SD   sing N N 229 
MET CG  HG2  sing N N 230 
MET CG  HG3  sing N N 231 
MET SD  CE   sing N N 232 
MET CE  HE1  sing N N 233 
MET CE  HE2  sing N N 234 
MET CE  HE3  sing N N 235 
MET OXT HXT  sing N N 236 
PHE N   CA   sing N N 237 
PHE N   H    sing N N 238 
PHE N   H2   sing N N 239 
PHE CA  C    sing N N 240 
PHE CA  CB   sing N N 241 
PHE CA  HA   sing N N 242 
PHE C   O    doub N N 243 
PHE C   OXT  sing N N 244 
PHE CB  CG   sing N N 245 
PHE CB  HB2  sing N N 246 
PHE CB  HB3  sing N N 247 
PHE CG  CD1  doub Y N 248 
PHE CG  CD2  sing Y N 249 
PHE CD1 CE1  sing Y N 250 
PHE CD1 HD1  sing N N 251 
PHE CD2 CE2  doub Y N 252 
PHE CD2 HD2  sing N N 253 
PHE CE1 CZ   doub Y N 254 
PHE CE1 HE1  sing N N 255 
PHE CE2 CZ   sing Y N 256 
PHE CE2 HE2  sing N N 257 
PHE CZ  HZ   sing N N 258 
PHE OXT HXT  sing N N 259 
PRO N   CA   sing N N 260 
PRO N   CD   sing N N 261 
PRO N   H    sing N N 262 
PRO CA  C    sing N N 263 
PRO CA  CB   sing N N 264 
PRO CA  HA   sing N N 265 
PRO C   O    doub N N 266 
PRO C   OXT  sing N N 267 
PRO CB  CG   sing N N 268 
PRO CB  HB2  sing N N 269 
PRO CB  HB3  sing N N 270 
PRO CG  CD   sing N N 271 
PRO CG  HG2  sing N N 272 
PRO CG  HG3  sing N N 273 
PRO CD  HD2  sing N N 274 
PRO CD  HD3  sing N N 275 
PRO OXT HXT  sing N N 276 
SER N   CA   sing N N 277 
SER N   H    sing N N 278 
SER N   H2   sing N N 279 
SER CA  C    sing N N 280 
SER CA  CB   sing N N 281 
SER CA  HA   sing N N 282 
SER C   O    doub N N 283 
SER C   OXT  sing N N 284 
SER CB  OG   sing N N 285 
SER CB  HB2  sing N N 286 
SER CB  HB3  sing N N 287 
SER OG  HG   sing N N 288 
SER OXT HXT  sing N N 289 
TAM C   C1   sing N N 290 
TAM C   C2   sing N N 291 
TAM C   C3   sing N N 292 
TAM C   N    sing N N 293 
TAM C1  C4   sing N N 294 
TAM C1  H11  sing N N 295 
TAM C1  H12  sing N N 296 
TAM C2  C5   sing N N 297 
TAM C2  H21  sing N N 298 
TAM C2  H22  sing N N 299 
TAM C3  C6   sing N N 300 
TAM C3  H31  sing N N 301 
TAM C3  H32  sing N N 302 
TAM C4  O4   sing N N 303 
TAM C4  H41  sing N N 304 
TAM C4  H42  sing N N 305 
TAM C5  O5   sing N N 306 
TAM C5  H51  sing N N 307 
TAM C5  H52  sing N N 308 
TAM C6  O6   sing N N 309 
TAM C6  H61  sing N N 310 
TAM C6  H62  sing N N 311 
TAM N   HN1  sing N N 312 
TAM N   HN2  sing N N 313 
TAM O4  HO4  sing N N 314 
TAM O5  HO5  sing N N 315 
TAM O6  HO6  sing N N 316 
THR N   CA   sing N N 317 
THR N   H    sing N N 318 
THR N   H2   sing N N 319 
THR CA  C    sing N N 320 
THR CA  CB   sing N N 321 
THR CA  HA   sing N N 322 
THR C   O    doub N N 323 
THR C   OXT  sing N N 324 
THR CB  OG1  sing N N 325 
THR CB  CG2  sing N N 326 
THR CB  HB   sing N N 327 
THR OG1 HG1  sing N N 328 
THR CG2 HG21 sing N N 329 
THR CG2 HG22 sing N N 330 
THR CG2 HG23 sing N N 331 
THR OXT HXT  sing N N 332 
TRP N   CA   sing N N 333 
TRP N   H    sing N N 334 
TRP N   H2   sing N N 335 
TRP CA  C    sing N N 336 
TRP CA  CB   sing N N 337 
TRP CA  HA   sing N N 338 
TRP C   O    doub N N 339 
TRP C   OXT  sing N N 340 
TRP CB  CG   sing N N 341 
TRP CB  HB2  sing N N 342 
TRP CB  HB3  sing N N 343 
TRP CG  CD1  doub Y N 344 
TRP CG  CD2  sing Y N 345 
TRP CD1 NE1  sing Y N 346 
TRP CD1 HD1  sing N N 347 
TRP CD2 CE2  doub Y N 348 
TRP CD2 CE3  sing Y N 349 
TRP NE1 CE2  sing Y N 350 
TRP NE1 HE1  sing N N 351 
TRP CE2 CZ2  sing Y N 352 
TRP CE3 CZ3  doub Y N 353 
TRP CE3 HE3  sing N N 354 
TRP CZ2 CH2  doub Y N 355 
TRP CZ2 HZ2  sing N N 356 
TRP CZ3 CH2  sing Y N 357 
TRP CZ3 HZ3  sing N N 358 
TRP CH2 HH2  sing N N 359 
TRP OXT HXT  sing N N 360 
TYR N   CA   sing N N 361 
TYR N   H    sing N N 362 
TYR N   H2   sing N N 363 
TYR CA  C    sing N N 364 
TYR CA  CB   sing N N 365 
TYR CA  HA   sing N N 366 
TYR C   O    doub N N 367 
TYR C   OXT  sing N N 368 
TYR CB  CG   sing N N 369 
TYR CB  HB2  sing N N 370 
TYR CB  HB3  sing N N 371 
TYR CG  CD1  doub Y N 372 
TYR CG  CD2  sing Y N 373 
TYR CD1 CE1  sing Y N 374 
TYR CD1 HD1  sing N N 375 
TYR CD2 CE2  doub Y N 376 
TYR CD2 HD2  sing N N 377 
TYR CE1 CZ   doub Y N 378 
TYR CE1 HE1  sing N N 379 
TYR CE2 CZ   sing Y N 380 
TYR CE2 HE2  sing N N 381 
TYR CZ  OH   sing N N 382 
TYR OH  HH   sing N N 383 
TYR OXT HXT  sing N N 384 
VAL N   CA   sing N N 385 
VAL N   H    sing N N 386 
VAL N   H2   sing N N 387 
VAL CA  C    sing N N 388 
VAL CA  CB   sing N N 389 
VAL CA  HA   sing N N 390 
VAL C   O    doub N N 391 
VAL C   OXT  sing N N 392 
VAL CB  CG1  sing N N 393 
VAL CB  CG2  sing N N 394 
VAL CB  HB   sing N N 395 
VAL CG1 HG11 sing N N 396 
VAL CG1 HG12 sing N N 397 
VAL CG1 HG13 sing N N 398 
VAL CG2 HG21 sing N N 399 
VAL CG2 HG22 sing N N 400 
VAL CG2 HG23 sing N N 401 
VAL OXT HXT  sing N N 402 
# 
_atom_sites.entry_id                    3GMV 
_atom_sites.fract_transf_matrix[1][1]   0.00633580 
_atom_sites.fract_transf_matrix[1][2]   0.00331548 
_atom_sites.fract_transf_matrix[1][3]   -0.00764065 
_atom_sites.fract_transf_matrix[2][1]   -0.01805961 
_atom_sites.fract_transf_matrix[2][2]   0.00552710 
_atom_sites.fract_transf_matrix[2][3]   -0.01257708 
_atom_sites.fract_transf_matrix[3][1]   0.00352597 
_atom_sites.fract_transf_matrix[3][2]   0.02205901 
_atom_sites.fract_transf_matrix[3][3]   0.00463102 
_atom_sites.fract_transf_vector[1]      0.317661 
_atom_sites.fract_transf_vector[2]      0.018484 
_atom_sites.fract_transf_vector[3]      0.473746 
# 
loop_
_atom_type.symbol 
C 
N 
O 
S 
# 
loop_
_atom_site.group_PDB 
_atom_site.id 
_atom_site.type_symbol 
_atom_site.label_atom_id 
_atom_site.label_alt_id 
_atom_site.label_comp_id 
_atom_site.label_asym_id 
_atom_site.label_entity_id 
_atom_site.label_seq_id 
_atom_site.pdbx_PDB_ins_code 
_atom_site.Cartn_x 
_atom_site.Cartn_y 
_atom_site.Cartn_z 
_atom_site.occupancy 
_atom_site.B_iso_or_equiv 
_atom_site.pdbx_formal_charge 
_atom_site.auth_seq_id 
_atom_site.auth_comp_id 
_atom_site.auth_asym_id 
_atom_site.auth_atom_id 
_atom_site.pdbx_PDB_model_num 
ATOM   1    N N   . SER A 1 1   ? 17.384  13.712  -0.433  1.00 33.15 ? 2   SER X N   1 
ATOM   2    C CA  . SER A 1 1   ? 16.572  14.731  -1.149  1.00 32.59 ? 2   SER X CA  1 
ATOM   3    C C   . SER A 1 1   ? 15.070  14.410  -1.173  1.00 31.25 ? 2   SER X C   1 
ATOM   4    O O   . SER A 1 1   ? 14.324  14.726  -0.222  1.00 31.80 ? 2   SER X O   1 
ATOM   5    C CB  . SER A 1 1   ? 17.091  14.905  -2.581  1.00 33.40 ? 2   SER X CB  1 
ATOM   6    O OG  . SER A 1 1   ? 16.174  15.653  -3.377  1.00 35.12 ? 2   SER X OG  1 
ATOM   7    N N   . GLY A 1 2   ? 14.630  13.799  -2.269  1.00 28.94 ? 3   GLY X N   1 
ATOM   8    C CA  . GLY A 1 2   ? 13.201  13.597  -2.530  1.00 25.95 ? 3   GLY X CA  1 
ATOM   9    C C   . GLY A 1 2   ? 12.613  12.404  -1.799  1.00 23.60 ? 3   GLY X C   1 
ATOM   10   O O   . GLY A 1 2   ? 13.298  11.714  -1.049  1.00 24.57 ? 3   GLY X O   1 
ATOM   11   N N   . PHE A 1 3   ? 11.331  12.164  -2.014  1.00 20.97 ? 4   PHE X N   1 
ATOM   12   C CA  . PHE A 1 3   ? 10.658  11.031  -1.388  1.00 17.76 ? 4   PHE X CA  1 
ATOM   13   C C   . PHE A 1 3   ? 11.223  9.691   -1.883  1.00 17.06 ? 4   PHE X C   1 
ATOM   14   O O   . PHE A 1 3   ? 11.759  9.622   -2.997  1.00 16.76 ? 4   PHE X O   1 
ATOM   15   C CB  . PHE A 1 3   ? 9.168   11.117  -1.686  1.00 17.27 ? 4   PHE X CB  1 
ATOM   16   C CG  . PHE A 1 3   ? 8.348   10.118  -0.912  1.00 15.31 ? 4   PHE X CG  1 
ATOM   17   C CD1 . PHE A 1 3   ? 8.321   10.155  0.474   1.00 16.24 ? 4   PHE X CD1 1 
ATOM   18   C CD2 . PHE A 1 3   ? 7.601   9.161   -1.572  1.00 14.40 ? 4   PHE X CD2 1 
ATOM   19   C CE1 . PHE A 1 3   ? 7.552   9.220   1.185   1.00 13.66 ? 4   PHE X CE1 1 
ATOM   20   C CE2 . PHE A 1 3   ? 6.861   8.244   -0.868  1.00 14.46 ? 4   PHE X CE2 1 
ATOM   21   C CZ  . PHE A 1 3   ? 6.841   8.277   0.491   1.00 14.65 ? 4   PHE X CZ  1 
ATOM   22   N N   . SER A 1 4   ? 11.069  8.626   -1.093  1.00 14.65 ? 5   SER X N   1 
ATOM   23   C CA  . SER A 1 4   ? 11.649  7.313   -1.412  1.00 14.13 ? 5   SER X CA  1 
ATOM   24   C C   . SER A 1 4   ? 10.990  6.227   -0.590  1.00 14.38 ? 5   SER X C   1 
ATOM   25   O O   . SER A 1 4   ? 10.348  6.531   0.412   1.00 12.81 ? 5   SER X O   1 
ATOM   26   C CB  . SER A 1 4   ? 13.146  7.308   -1.072  1.00 13.81 ? 5   SER X CB  1 
ATOM   27   O OG  . SER A 1 4   ? 13.377  7.264   0.329   1.00 14.55 ? 5   SER X OG  1 
ATOM   28   N N   . ALA A 1 5   ? 11.141  4.968   -1.004  1.00 14.07 ? 6   ALA X N   1 
ATOM   29   C CA  . ALA A 1 5   ? 10.593  3.828   -0.253  1.00 14.92 ? 6   ALA X CA  1 
ATOM   30   C C   . ALA A 1 5   ? 11.157  3.832   1.167   1.00 15.05 ? 6   ALA X C   1 
ATOM   31   O O   . ALA A 1 5   ? 10.453  3.522   2.134   1.00 14.44 ? 6   ALA X O   1 
ATOM   32   C CB  . ALA A 1 5   ? 10.956  2.501   -0.965  1.00 15.09 ? 6   ALA X CB  1 
ATOM   33   N N   . GLU A 1 6   ? 12.436  4.196   1.295   1.00 13.89 ? 7   GLU X N   1 
ATOM   34   C CA  . GLU A 1 6   ? 13.028  4.281   2.622   1.00 14.07 ? 7   GLU X CA  1 
ATOM   35   C C   . GLU A 1 6   ? 12.311  5.307   3.499   1.00 12.42 ? 7   GLU X C   1 
ATOM   36   O O   . GLU A 1 6   ? 12.054  5.029   4.672   1.00 12.57 ? 7   GLU X O   1 
ATOM   37   C CB  . GLU A 1 6   ? 14.551  4.542   2.547   1.00 14.21 ? 7   GLU X CB  1 
ATOM   38   C CG  . GLU A 1 6   ? 15.327  3.349   1.982   1.00 19.00 ? 7   GLU X CG  1 
ATOM   39   C CD  . GLU A 1 6   ? 15.079  3.079   0.474   1.00 23.08 ? 7   GLU X CD  1 
ATOM   40   O OE1 . GLU A 1 6   ? 14.804  4.016   -0.310  1.00 21.44 ? 7   GLU X OE1 1 
ATOM   41   O OE2 . GLU A 1 6   ? 15.183  1.894   0.068   1.00 27.42 ? 7   GLU X OE2 1 
ATOM   42   N N   . LYS A 1 7   ? 11.969  6.475   2.950   1.00 11.71 ? 8   LYS X N   1 
ATOM   43   C CA  . LYS A 1 7   ? 11.210  7.467   3.724   1.00 11.28 ? 8   LYS X CA  1 
ATOM   44   C C   . LYS A 1 7   ? 9.826   6.930   4.107   1.00 10.15 ? 8   LYS X C   1 
ATOM   45   O O   . LYS A 1 7   ? 9.348   7.125   5.229   1.00 9.87  ? 8   LYS X O   1 
ATOM   46   C CB  . LYS A 1 7   ? 11.108  8.804   2.956   1.00 11.15 ? 8   LYS X CB  1 
ATOM   47   C CG  . LYS A 1 7   ? 12.502  9.482   2.851   1.00 13.57 ? 8   LYS X CG  1 
ATOM   48   C CD  . LYS A 1 7   ? 12.587  10.651  1.925   1.00 16.44 ? 8   LYS X CD  1 
ATOM   49   C CE  . LYS A 1 7   ? 13.916  11.357  2.219   1.00 20.92 ? 8   LYS X CE  1 
ATOM   50   N NZ  . LYS A 1 7   ? 13.868  12.065  3.536   1.00 26.12 ? 8   LYS X NZ  1 
ATOM   51   N N   . TYR A 1 8   ? 9.171   6.273   3.154   1.00 9.37  ? 9   TYR X N   1 
ATOM   52   C CA  . TYR A 1 8   ? 7.887   5.599   3.410   1.00 9.65  ? 9   TYR X CA  1 
ATOM   53   C C   . TYR A 1 8   ? 7.967   4.687   4.635   1.00 9.90  ? 9   TYR X C   1 
ATOM   54   O O   . TYR A 1 8   ? 7.089   4.718   5.487   1.00 10.24 ? 9   TYR X O   1 
ATOM   55   C CB  . TYR A 1 8   ? 7.472   4.779   2.173   1.00 8.82  ? 9   TYR X CB  1 
ATOM   56   C CG  . TYR A 1 8   ? 6.088   4.115   2.211   1.00 10.31 ? 9   TYR X CG  1 
ATOM   57   C CD1 . TYR A 1 8   ? 4.936   4.846   1.970   1.00 9.99  ? 9   TYR X CD1 1 
ATOM   58   C CD2 . TYR A 1 8   ? 5.963   2.742   2.437   1.00 11.69 ? 9   TYR X CD2 1 
ATOM   59   C CE1 . TYR A 1 8   ? 3.647   4.215   1.984   1.00 9.99  ? 9   TYR X CE1 1 
ATOM   60   C CE2 . TYR A 1 8   ? 4.711   2.111   2.418   1.00 10.29 ? 9   TYR X CE2 1 
ATOM   61   C CZ  . TYR A 1 8   ? 3.574   2.857   2.201   1.00 9.07  ? 9   TYR X CZ  1 
ATOM   62   O OH  . TYR A 1 8   ? 2.319   2.247   2.190   1.00 8.59  ? 9   TYR X OH  1 
ATOM   63   N N   . GLU A 1 9   ? 9.008   3.868   4.713   1.00 9.81  ? 10  GLU X N   1 
ATOM   64   C CA  . GLU A 1 9   ? 9.188   2.959   5.851   1.00 10.40 ? 10  GLU X CA  1 
ATOM   65   C C   . GLU A 1 9   ? 9.494   3.673   7.176   1.00 10.80 ? 10  GLU X C   1 
ATOM   66   O O   . GLU A 1 9   ? 9.133   3.169   8.234   1.00 11.21 ? 10  GLU X O   1 
ATOM   67   C CB  . GLU A 1 9   ? 10.258  1.900   5.517   1.00 12.58 ? 10  GLU X CB  1 
ATOM   68   C CG  . GLU A 1 9   ? 9.882   1.088   4.250   1.00 13.84 ? 10  GLU X CG  1 
ATOM   69   C CD  . GLU A 1 9   ? 11.089  0.412   3.578   1.00 23.04 ? 10  GLU X CD  1 
ATOM   70   O OE1 . GLU A 1 9   ? 12.200  0.413   4.161   1.00 23.79 ? 10  GLU X OE1 1 
ATOM   71   O OE2 . GLU A 1 9   ? 10.922  -0.104  2.459   1.00 21.49 ? 10  GLU X OE2 1 
ATOM   72   N N   . GLN A 1 10  ? 10.171  4.816   7.117   1.00 9.73  ? 11  GLN X N   1 
ATOM   73   C CA  . GLN A 1 10  ? 10.499  5.585   8.311   1.00 10.38 ? 11  GLN X CA  1 
ATOM   74   C C   . GLN A 1 10  ? 9.223   6.209   8.898   1.00 10.72 ? 11  GLN X C   1 
ATOM   75   O O   . GLN A 1 10  ? 9.186   6.530   10.090  1.00 11.38 ? 11  GLN X O   1 
ATOM   76   C CB  . GLN A 1 10  ? 11.487  6.699   7.952   1.00 10.51 ? 11  GLN X CB  1 
ATOM   77   C CG  . GLN A 1 10  ? 12.879  6.148   7.696   1.00 12.80 ? 11  GLN X CG  1 
ATOM   78   C CD  . GLN A 1 10  ? 13.737  7.070   6.893   1.00 19.26 ? 11  GLN X CD  1 
ATOM   79   O OE1 . GLN A 1 10  ? 13.553  8.280   6.910   1.00 20.73 ? 11  GLN X OE1 1 
ATOM   80   N NE2 . GLN A 1 10  ? 14.703  6.495   6.175   1.00 22.76 ? 11  GLN X NE2 1 
ATOM   81   N N   . ILE A 1 11  ? 8.223   6.421   8.037   1.00 8.79  ? 12  ILE X N   1 
ATOM   82   C CA  . ILE A 1 11  ? 6.942   7.038   8.433   1.00 9.18  ? 12  ILE X CA  1 
ATOM   83   C C   . ILE A 1 11  ? 6.106   5.966   9.129   1.00 10.28 ? 12  ILE X C   1 
ATOM   84   O O   . ILE A 1 11  ? 5.977   4.856   8.606   1.00 10.60 ? 12  ILE X O   1 
ATOM   85   C CB  . ILE A 1 11  ? 6.221   7.635   7.209   1.00 9.09  ? 12  ILE X CB  1 
ATOM   86   C CG1 . ILE A 1 11  ? 6.967   8.920   6.814   1.00 10.13 ? 12  ILE X CG1 1 
ATOM   87   C CG2 . ILE A 1 11  ? 4.762   7.992   7.530   1.00 7.80  ? 12  ILE X CG2 1 
ATOM   88   C CD1 . ILE A 1 11  ? 6.720   9.396   5.360   1.00 10.34 ? 12  ILE X CD1 1 
ATOM   89   N N   . GLN A 1 12  ? 5.574   6.298   10.313  1.00 9.23  ? 13  GLN X N   1 
ATOM   90   C CA  . GLN A 1 12  ? 4.952   5.320   11.183  1.00 9.39  ? 13  GLN X CA  1 
ATOM   91   C C   . GLN A 1 12  ? 3.607   5.780   11.721  1.00 9.12  ? 13  GLN X C   1 
ATOM   92   O O   . GLN A 1 12  ? 3.382   6.981   11.948  1.00 8.62  ? 13  GLN X O   1 
ATOM   93   C CB  . GLN A 1 12  ? 5.893   5.035   12.370  1.00 10.47 ? 13  GLN X CB  1 
ATOM   94   C CG  . GLN A 1 12  ? 7.099   4.171   11.932  1.00 12.41 ? 13  GLN X CG  1 
ATOM   95   C CD  . GLN A 1 12  ? 8.179   4.109   12.943  1.00 13.86 ? 13  GLN X CD  1 
ATOM   96   O OE1 . GLN A 1 12  ? 9.278   4.668   12.730  1.00 18.43 ? 13  GLN X OE1 1 
ATOM   97   N NE2 . GLN A 1 12  ? 7.917   3.433   14.046  1.00 12.64 ? 13  GLN X NE2 1 
ATOM   98   N N   . PHE A 1 13  ? 2.722   4.826   11.975  1.00 7.57  ? 14  PHE X N   1 
ATOM   99   C CA  . PHE A 1 13  ? 1.397   5.211   12.472  1.00 7.02  ? 14  PHE X CA  1 
ATOM   100  C C   . PHE A 1 13  ? 1.499   5.971   13.792  1.00 6.71  ? 14  PHE X C   1 
ATOM   101  O O   . PHE A 1 13  ? 2.341   5.650   14.669  1.00 7.43  ? 14  PHE X O   1 
ATOM   102  C CB  . PHE A 1 13  ? 0.494   3.982   12.597  1.00 7.20  ? 14  PHE X CB  1 
ATOM   103  C CG  . PHE A 1 13  ? 0.265   3.315   11.260  1.00 8.04  ? 14  PHE X CG  1 
ATOM   104  C CD1 . PHE A 1 13  ? -0.526  3.931   10.284  1.00 8.78  ? 14  PHE X CD1 1 
ATOM   105  C CD2 . PHE A 1 13  ? 0.914   2.128   10.957  1.00 11.84 ? 14  PHE X CD2 1 
ATOM   106  C CE1 . PHE A 1 13  ? -0.688  3.347   9.036   1.00 9.64  ? 14  PHE X CE1 1 
ATOM   107  C CE2 . PHE A 1 13  ? 0.752   1.542   9.698   1.00 13.69 ? 14  PHE X CE2 1 
ATOM   108  C CZ  . PHE A 1 13  ? -0.045  2.150   8.751   1.00 10.64 ? 14  PHE X CZ  1 
ATOM   109  N N   . GLY A 1 14  ? 0.651   6.988   13.915  1.00 6.74  ? 15  GLY X N   1 
ATOM   110  C CA  . GLY A 1 14  ? 0.645   7.853   15.095  1.00 6.67  ? 15  GLY X CA  1 
ATOM   111  C C   . GLY A 1 14  ? 1.460   9.127   14.915  1.00 7.64  ? 15  GLY X C   1 
ATOM   112  O O   . GLY A 1 14  ? 1.272   10.106  15.674  1.00 7.55  ? 15  GLY X O   1 
ATOM   113  N N   . MET A 1 15  ? 2.402   9.133   13.961  1.00 7.51  ? 16  MET X N   1 
ATOM   114  C CA  . MET A 1 15  ? 3.189   10.353  13.748  1.00 7.83  ? 16  MET X CA  1 
ATOM   115  C C   . MET A 1 15  ? 2.318   11.552  13.409  1.00 7.32  ? 16  MET X C   1 
ATOM   116  O O   . MET A 1 15  ? 1.249   11.429  12.791  1.00 7.75  ? 16  MET X O   1 
ATOM   117  C CB  . MET A 1 15  ? 4.250   10.205  12.656  1.00 6.82  ? 16  MET X CB  1 
ATOM   118  C CG  . MET A 1 15  ? 5.398   9.310   13.027  1.00 7.87  ? 16  MET X CG  1 
ATOM   119  S SD  . MET A 1 15  ? 6.605   9.300   11.715  1.00 8.48  ? 16  MET X SD  1 
ATOM   120  C CE  . MET A 1 15  ? 8.040   8.542   12.549  1.00 9.60  ? 16  MET X CE  1 
ATOM   121  N N   . THR A 1 16  ? 2.794   12.728  13.777  1.00 7.42  ? 17  THR X N   1 
ATOM   122  C CA  . THR A 1 16  ? 2.044   13.937  13.427  1.00 7.60  ? 17  THR X CA  1 
ATOM   123  C C   . THR A 1 16  ? 2.185   14.293  11.939  1.00 7.55  ? 17  THR X C   1 
ATOM   124  O O   . THR A 1 16  ? 3.093   13.824  11.237  1.00 7.79  ? 17  THR X O   1 
ATOM   125  C CB  . THR A 1 16  ? 2.508   15.166  14.226  1.00 7.90  ? 17  THR X CB  1 
ATOM   126  O OG1 . THR A 1 16  ? 3.839   15.527  13.839  1.00 9.51  ? 17  THR X OG1 1 
ATOM   127  C CG2 . THR A 1 16  ? 2.467   14.904  15.745  1.00 8.43  ? 17  THR X CG2 1 
ATOM   128  N N   . PHE A 1 17  ? 1.274   15.144  11.467  1.00 6.70  ? 18  PHE X N   1 
ATOM   129  C CA  . PHE A 1 17  ? 1.386   15.710  10.138  1.00 7.17  ? 18  PHE X CA  1 
ATOM   130  C C   . PHE A 1 17  ? 2.782   16.306  9.903   1.00 7.69  ? 18  PHE X C   1 
ATOM   131  O O   . PHE A 1 17  ? 3.398   16.070  8.863   1.00 6.54  ? 18  PHE X O   1 
ATOM   132  C CB  . PHE A 1 17  ? 0.302   16.806  9.964   1.00 8.28  ? 18  PHE X CB  1 
ATOM   133  C CG  . PHE A 1 17  ? 0.303   17.452  8.595   1.00 8.16  ? 18  PHE X CG  1 
ATOM   134  C CD1 . PHE A 1 17  ? 1.205   18.475  8.299   1.00 9.41  ? 18  PHE X CD1 1 
ATOM   135  C CD2 . PHE A 1 17  ? -0.626  17.065  7.629   1.00 10.63 ? 18  PHE X CD2 1 
ATOM   136  C CE1 . PHE A 1 17  ? 1.231   19.071  7.057   1.00 9.00  ? 18  PHE X CE1 1 
ATOM   137  C CE2 . PHE A 1 17  ? -0.636  17.693  6.367   1.00 9.54  ? 18  PHE X CE2 1 
ATOM   138  C CZ  . PHE A 1 17  ? 0.277   18.694  6.088   1.00 7.49  ? 18  PHE X CZ  1 
ATOM   139  N N   . ASP A 1 18  ? 3.269   17.108  10.845  1.00 6.61  ? 19  ASP X N   1 
ATOM   140  C CA  . ASP A 1 18  ? 4.556   17.770  10.644  1.00 7.39  ? 19  ASP X CA  1 
ATOM   141  C C   . ASP A 1 18  ? 5.683   16.743  10.564  1.00 6.08  ? 19  ASP X C   1 
ATOM   142  O O   . ASP A 1 18  ? 6.615   16.891  9.756   1.00 7.43  ? 19  ASP X O   1 
ATOM   143  C CB  . ASP A 1 18  ? 4.842   18.784  11.757  1.00 7.20  ? 19  ASP X CB  1 
ATOM   144  C CG  . ASP A 1 18  ? 3.994   20.047  11.611  1.00 10.46 ? 19  ASP X CG  1 
ATOM   145  O OD1 . ASP A 1 18  ? 3.517   20.287  10.476  1.00 10.23 ? 19  ASP X OD1 1 
ATOM   146  O OD2 . ASP A 1 18  ? 3.801   20.747  12.637  1.00 13.94 ? 19  ASP X OD2 1 
ATOM   147  N N   . GLU A 1 19  ? 5.598   15.695  11.397  1.00 6.27  ? 20  GLU X N   1 
ATOM   148  C CA  . GLU A 1 19  ? 6.638   14.667  11.389  1.00 6.04  ? 20  GLU X CA  1 
ATOM   149  C C   . GLU A 1 19  ? 6.679   13.962  10.036  1.00 5.95  ? 20  GLU X C   1 
ATOM   150  O O   . GLU A 1 19  ? 7.745   13.700  9.469   1.00 5.45  ? 20  GLU X O   1 
ATOM   151  C CB  . GLU A 1 19  ? 6.419   13.644  12.525  1.00 6.45  ? 20  GLU X CB  1 
ATOM   152  C CG  . GLU A 1 19  ? 6.989   14.214  13.832  1.00 7.41  ? 20  GLU X CG  1 
ATOM   153  C CD  . GLU A 1 19  ? 6.569   13.430  15.062  1.00 8.50  ? 20  GLU X CD  1 
ATOM   154  O OE1 . GLU A 1 19  ? 5.589   12.667  15.009  1.00 10.08 ? 20  GLU X OE1 1 
ATOM   155  O OE2 . GLU A 1 19  ? 7.264   13.561  16.082  1.00 10.48 ? 20  GLU X OE2 1 
ATOM   156  N N   . VAL A 1 20  ? 5.507   13.612  9.534   1.00 5.59  ? 21  VAL X N   1 
ATOM   157  C CA  . VAL A 1 20  ? 5.436   12.942  8.257   1.00 6.33  ? 21  VAL X CA  1 
ATOM   158  C C   . VAL A 1 20  ? 5.891   13.840  7.105   1.00 6.91  ? 21  VAL X C   1 
ATOM   159  O O   . VAL A 1 20  ? 6.621   13.393  6.222   1.00 7.17  ? 21  VAL X O   1 
ATOM   160  C CB  . VAL A 1 20  ? 3.984   12.433  8.005   1.00 6.75  ? 21  VAL X CB  1 
ATOM   161  C CG1 . VAL A 1 20  ? 3.901   11.859  6.594   1.00 8.70  ? 21  VAL X CG1 1 
ATOM   162  C CG2 . VAL A 1 20  ? 3.639   11.355  9.049   1.00 7.79  ? 21  VAL X CG2 1 
ATOM   163  N N   . TRP A 1 21  ? 5.442   15.101  7.106   1.00 7.57  ? 22  TRP X N   1 
ATOM   164  C CA  . TRP A 1 21  ? 5.863   16.086  6.097   1.00 8.27  ? 22  TRP X CA  1 
ATOM   165  C C   . TRP A 1 21  ? 7.404   16.208  6.073   1.00 9.40  ? 22  TRP X C   1 
ATOM   166  O O   . TRP A 1 21  ? 8.010   16.229  4.987   1.00 9.58  ? 22  TRP X O   1 
ATOM   167  C CB  . TRP A 1 21  ? 5.209   17.437  6.425   1.00 9.37  ? 22  TRP X CB  1 
ATOM   168  C CG  . TRP A 1 21  ? 5.430   18.550  5.412   1.00 8.74  ? 22  TRP X CG  1 
ATOM   169  C CD1 . TRP A 1 21  ? 6.313   19.565  5.512   1.00 11.92 ? 22  TRP X CD1 1 
ATOM   170  C CD2 . TRP A 1 21  ? 4.688   18.767  4.213   1.00 9.75  ? 22  TRP X CD2 1 
ATOM   171  N NE1 . TRP A 1 21  ? 6.191   20.411  4.435   1.00 11.25 ? 22  TRP X NE1 1 
ATOM   172  C CE2 . TRP A 1 21  ? 5.195   19.936  3.619   1.00 10.04 ? 22  TRP X CE2 1 
ATOM   173  C CE3 . TRP A 1 21  ? 3.640   18.078  3.579   1.00 8.14  ? 22  TRP X CE3 1 
ATOM   174  C CZ2 . TRP A 1 21  ? 4.709   20.432  2.410   1.00 11.13 ? 22  TRP X CZ2 1 
ATOM   175  C CZ3 . TRP A 1 21  ? 3.156   18.556  2.404   1.00 9.12  ? 22  TRP X CZ3 1 
ATOM   176  C CH2 . TRP A 1 21  ? 3.699   19.731  1.806   1.00 10.06 ? 22  TRP X CH2 1 
ATOM   177  N N   . GLU A 1 22  ? 8.025   16.257  7.249   1.00 8.96  ? 23  GLU X N   1 
ATOM   178  C CA  . GLU A 1 22  ? 9.475   16.394  7.345   1.00 10.27 ? 23  GLU X CA  1 
ATOM   179  C C   . GLU A 1 22  ? 10.159  15.153  6.754   1.00 9.34  ? 23  GLU X C   1 
ATOM   180  O O   . GLU A 1 22  ? 11.073  15.261  5.922   1.00 9.82  ? 23  GLU X O   1 
ATOM   181  C CB  . GLU A 1 22  ? 9.910   16.642  8.801   1.00 10.86 ? 23  GLU X CB  1 
ATOM   182  C CG  . GLU A 1 22  ? 11.445  16.501  9.014   1.00 14.36 ? 23  GLU X CG  1 
ATOM   183  C CD  . GLU A 1 22  ? 12.247  17.664  8.463   1.00 22.03 ? 23  GLU X CD  1 
ATOM   184  O OE1 . GLU A 1 22  ? 11.673  18.741  8.235   1.00 24.49 ? 23  GLU X OE1 1 
ATOM   185  O OE2 . GLU A 1 22  ? 13.479  17.524  8.280   1.00 25.89 ? 23  GLU X OE2 1 
ATOM   186  N N   . ILE A 1 23  ? 9.725   13.978  7.172   1.00 9.37  ? 24  ILE X N   1 
ATOM   187  C CA  . ILE A 1 23  ? 10.358  12.742  6.699   1.00 9.21  ? 24  ILE X CA  1 
ATOM   188  C C   . ILE A 1 23  ? 10.157  12.578  5.188   1.00 9.93  ? 24  ILE X C   1 
ATOM   189  O O   . ILE A 1 23  ? 11.072  12.193  4.462   1.00 10.55 ? 24  ILE X O   1 
ATOM   190  C CB  . ILE A 1 23  ? 9.827   11.505  7.449   1.00 8.99  ? 24  ILE X CB  1 
ATOM   191  C CG1 . ILE A 1 23  ? 10.345  11.524  8.903   1.00 8.10  ? 24  ILE X CG1 1 
ATOM   192  C CG2 . ILE A 1 23  ? 10.311  10.252  6.748   1.00 9.98  ? 24  ILE X CG2 1 
ATOM   193  C CD1 . ILE A 1 23  ? 9.550   10.571  9.811   1.00 6.77  ? 24  ILE X CD1 1 
ATOM   194  N N   . GLY A 1 24  ? 8.950   12.865  4.707   1.00 9.90  ? 25  GLY X N   1 
ATOM   195  C CA  . GLY A 1 24  ? 8.656   12.722  3.296   1.00 10.24 ? 25  GLY X CA  1 
ATOM   196  C C   . GLY A 1 24  ? 9.486   13.607  2.384   1.00 11.75 ? 25  GLY X C   1 
ATOM   197  O O   . GLY A 1 24  ? 9.614   13.309  1.209   1.00 12.31 ? 25  GLY X O   1 
ATOM   198  N N   . GLY A 1 25  ? 10.014  14.712  2.902   1.00 11.57 ? 26  GLY X N   1 
ATOM   199  C CA  . GLY A 1 25  ? 10.787  15.615  2.041   1.00 13.23 ? 26  GLY X CA  1 
ATOM   200  C C   . GLY A 1 25  ? 10.237  17.017  1.907   1.00 13.31 ? 26  GLY X C   1 
ATOM   201  O O   . GLY A 1 25  ? 10.783  17.808  1.154   1.00 13.64 ? 26  GLY X O   1 
ATOM   202  N N   . GLY A 1 26  ? 9.171   17.327  2.646   1.00 13.29 ? 27  GLY X N   1 
ATOM   203  C CA  . GLY A 1 26  ? 8.634   18.690  2.718   1.00 13.60 ? 27  GLY X CA  1 
ATOM   204  C C   . GLY A 1 26  ? 8.147   19.193  1.377   1.00 14.24 ? 27  GLY X C   1 
ATOM   205  O O   . GLY A 1 26  ? 7.763   18.410  0.530   1.00 12.87 ? 27  GLY X O   1 
ATOM   206  N N   . GLU A 1 27  ? 8.213   20.507  1.193   1.00 15.13 ? 28  GLU X N   1 
ATOM   207  C CA  . GLU A 1 27  ? 7.628   21.178  0.034   1.00 17.15 ? 28  GLU X CA  1 
ATOM   208  C C   . GLU A 1 27  ? 8.188   20.654  -1.268  1.00 16.25 ? 28  GLU X C   1 
ATOM   209  O O   . GLU A 1 27  ? 7.463   20.464  -2.226  1.00 16.78 ? 28  GLU X O   1 
ATOM   210  C CB  . GLU A 1 27  ? 7.908   22.689  0.118   1.00 18.08 ? 28  GLU X CB  1 
ATOM   211  C CG  . GLU A 1 27  ? 7.538   23.320  1.445   1.00 21.48 ? 28  GLU X CG  1 
ATOM   212  C CD  . GLU A 1 27  ? 6.074   23.783  1.498   1.00 26.23 ? 28  GLU X CD  1 
ATOM   213  O OE1 . GLU A 1 27  ? 5.360   23.654  0.467   1.00 28.76 ? 28  GLU X OE1 1 
ATOM   214  O OE2 . GLU A 1 27  ? 5.658   24.268  2.576   1.00 26.46 ? 28  GLU X OE2 1 
ATOM   215  N N   . ALA A 1 28  ? 9.497   20.427  -1.320  1.00 16.84 ? 29  ALA X N   1 
ATOM   216  C CA  . ALA A 1 28  ? 10.101  19.982  -2.577  1.00 17.05 ? 29  ALA X CA  1 
ATOM   217  C C   . ALA A 1 28  ? 9.611   18.615  -3.021  1.00 16.44 ? 29  ALA X C   1 
ATOM   218  O O   . ALA A 1 28  ? 9.621   18.317  -4.216  1.00 15.86 ? 29  ALA X O   1 
ATOM   219  C CB  . ALA A 1 28  ? 11.642  20.003  -2.487  1.00 17.44 ? 29  ALA X CB  1 
ATOM   220  N N   . ALA A 1 29  ? 9.185   17.771  -2.075  1.00 14.23 ? 30  ALA X N   1 
ATOM   221  C CA  . ALA A 1 29  ? 8.810   16.388  -2.420  1.00 13.76 ? 30  ALA X CA  1 
ATOM   222  C C   . ALA A 1 29  ? 7.316   16.045  -2.288  1.00 12.62 ? 30  ALA X C   1 
ATOM   223  O O   . ALA A 1 29  ? 6.824   15.084  -2.867  1.00 13.00 ? 30  ALA X O   1 
ATOM   224  C CB  . ALA A 1 29  ? 9.645   15.395  -1.579  1.00 14.42 ? 30  ALA X CB  1 
ATOM   225  N N   . CYS A 1 30  ? 6.593   16.843  -1.521  1.00 11.75 ? 31  CYS X N   1 
ATOM   226  C CA  . CYS A 1 30  ? 5.235   16.474  -1.129  1.00 10.71 ? 31  CYS X CA  1 
ATOM   227  C C   . CYS A 1 30  ? 4.285   17.635  -1.346  1.00 11.28 ? 31  CYS X C   1 
ATOM   228  O O   . CYS A 1 30  ? 4.722   18.787  -1.558  1.00 12.87 ? 31  CYS X O   1 
ATOM   229  C CB  . CYS A 1 30  ? 5.200   16.096  0.355   1.00 10.59 ? 31  CYS X CB  1 
ATOM   230  S SG  . CYS A 1 30  ? 6.389   14.829  0.802   1.00 10.10 ? 31  CYS X SG  1 
ATOM   231  N N   . ASP A 1 31  ? 2.989   17.336  -1.313  1.00 11.09 ? 32  ASP X N   1 
ATOM   232  C CA  . ASP A 1 31  ? 1.948   18.347  -1.408  1.00 11.19 ? 32  ASP X CA  1 
ATOM   233  C C   . ASP A 1 31  ? 0.794   18.018  -0.472  1.00 10.32 ? 32  ASP X C   1 
ATOM   234  O O   . ASP A 1 31  ? 0.575   16.867  -0.107  1.00 10.36 ? 32  ASP X O   1 
ATOM   235  C CB  . ASP A 1 31  ? 1.402   18.397  -2.840  1.00 11.85 ? 32  ASP X CB  1 
ATOM   236  C CG  . ASP A 1 31  ? 2.420   18.920  -3.821  1.00 17.09 ? 32  ASP X CG  1 
ATOM   237  O OD1 . ASP A 1 31  ? 2.624   20.142  -3.863  1.00 22.25 ? 32  ASP X OD1 1 
ATOM   238  O OD2 . ASP A 1 31  ? 2.981   18.114  -4.582  1.00 22.58 ? 32  ASP X OD2 1 
ATOM   239  N N   . THR A 1 32  ? 0.069   19.048  -0.075  1.00 9.32  ? 33  THR X N   1 
ATOM   240  C CA  . THR A 1 32  ? -1.139  18.888  0.693   1.00 10.28 ? 33  THR X CA  1 
ATOM   241  C C   . THR A 1 32  ? -2.170  19.875  0.098   1.00 10.31 ? 33  THR X C   1 
ATOM   242  O O   . THR A 1 32  ? -1.816  20.740  -0.723  1.00 9.46  ? 33  THR X O   1 
ATOM   243  C CB  . THR A 1 32  ? -0.908  19.154  2.214   1.00 9.97  ? 33  THR X CB  1 
ATOM   244  O OG1 . THR A 1 32  ? -2.137  18.963  2.928   1.00 11.58 ? 33  THR X OG1 1 
ATOM   245  C CG2 . THR A 1 32  ? -0.438  20.562  2.448   1.00 11.35 ? 33  THR X CG2 1 
ATOM   246  N N   . GLY A 1 33  ? -3.440  19.704  0.471   1.00 10.93 ? 34  GLY X N   1 
ATOM   247  C CA  . GLY A 1 33  ? -4.500  20.577  -0.034  1.00 11.95 ? 34  GLY X CA  1 
ATOM   248  C C   . GLY A 1 33  ? -4.911  20.330  -1.480  1.00 13.15 ? 34  GLY X C   1 
ATOM   249  O O   . GLY A 1 33  ? -4.583  19.301  -2.099  1.00 12.29 ? 34  GLY X O   1 
ATOM   250  N N   . GLY A 1 34  ? -5.626  21.289  -2.057  1.00 12.35 ? 35  GLY X N   1 
ATOM   251  C CA  . GLY A 1 34  ? -6.289  20.983  -3.323  1.00 13.92 ? 35  GLY X CA  1 
ATOM   252  C C   . GLY A 1 34  ? -7.039  19.664  -3.197  1.00 13.94 ? 35  GLY X C   1 
ATOM   253  O O   . GLY A 1 34  ? -7.656  19.371  -2.188  1.00 15.57 ? 35  GLY X O   1 
ATOM   254  N N   . VAL A 1 35  ? -6.996  18.840  -4.236  1.00 15.36 ? 36  VAL X N   1 
ATOM   255  C CA  . VAL A 1 35  ? -7.693  17.556  -4.202  1.00 15.15 ? 36  VAL X CA  1 
ATOM   256  C C   . VAL A 1 35  ? -7.157  16.565  -3.153  1.00 14.99 ? 36  VAL X C   1 
ATOM   257  O O   . VAL A 1 35  ? -7.826  15.595  -2.815  1.00 15.14 ? 36  VAL X O   1 
ATOM   258  C CB  . VAL A 1 35  ? -7.658  16.892  -5.611  1.00 16.10 ? 36  VAL X CB  1 
ATOM   259  C CG1 . VAL A 1 35  ? -8.410  17.733  -6.587  1.00 18.41 ? 36  VAL X CG1 1 
ATOM   260  C CG2 . VAL A 1 35  ? -6.222  16.725  -6.052  1.00 17.36 ? 36  VAL X CG2 1 
ATOM   261  N N   . ILE A 1 36  ? -5.930  16.788  -2.672  1.00 13.59 ? 37  ILE X N   1 
ATOM   262  C CA  . ILE A 1 36  ? -5.327  15.960  -1.606  1.00 12.38 ? 37  ILE X CA  1 
ATOM   263  C C   . ILE A 1 36  ? -5.981  16.215  -0.264  1.00 12.45 ? 37  ILE X C   1 
ATOM   264  O O   . ILE A 1 36  ? -5.948  15.351  0.619   1.00 13.44 ? 37  ILE X O   1 
ATOM   265  C CB  . ILE A 1 36  ? -3.796  16.258  -1.496  1.00 12.46 ? 37  ILE X CB  1 
ATOM   266  C CG1 . ILE A 1 36  ? -3.129  15.918  -2.814  1.00 12.32 ? 37  ILE X CG1 1 
ATOM   267  C CG2 . ILE A 1 36  ? -3.093  15.458  -0.380  1.00 11.59 ? 37  ILE X CG2 1 
ATOM   268  C CD1 . ILE A 1 36  ? -1.731  16.608  -2.969  1.00 13.99 ? 37  ILE X CD1 1 
ATOM   269  N N   . GLY A 1 37  ? -6.537  17.415  -0.093  1.00 11.76 ? 38  GLY X N   1 
ATOM   270  C CA  . GLY A 1 37  ? -7.198  17.785  1.166   1.00 10.80 ? 38  GLY X CA  1 
ATOM   271  C C   . GLY A 1 37  ? -6.230  17.817  2.336   1.00 10.86 ? 38  GLY X C   1 
ATOM   272  O O   . GLY A 1 37  ? -5.086  18.210  2.162   1.00 10.93 ? 38  GLY X O   1 
ATOM   273  N N   . ASP A 1 38  ? -6.688  17.394  3.520   1.00 11.06 ? 39  ASP X N   1 
ATOM   274  C CA  . ASP A 1 38  ? -5.870  17.457  4.736   1.00 10.60 ? 39  ASP X CA  1 
ATOM   275  C C   . ASP A 1 38  ? -4.681  16.476  4.691   1.00 9.98  ? 39  ASP X C   1 
ATOM   276  O O   . ASP A 1 38  ? -3.800  16.512  5.560   1.00 9.55  ? 39  ASP X O   1 
ATOM   277  C CB  . ASP A 1 38  ? -6.718  17.142  5.968   1.00 10.86 ? 39  ASP X CB  1 
ATOM   278  C CG  . ASP A 1 38  ? -7.712  18.262  6.301   1.00 12.23 ? 39  ASP X CG  1 
ATOM   279  O OD1 . ASP A 1 38  ? -7.619  19.345  5.722   1.00 11.27 ? 39  ASP X OD1 1 
ATOM   280  O OD2 . ASP A 1 38  ? -8.579  18.031  7.149   1.00 14.37 ? 39  ASP X OD2 1 
ATOM   281  N N   . SER A 1 39  ? -4.666  15.593  3.695   1.00 9.64  ? 40  SER X N   1 
ATOM   282  C CA  . SER A 1 39  ? -3.657  14.535  3.620   1.00 9.98  ? 40  SER X CA  1 
ATOM   283  C C   . SER A 1 39  ? -2.325  15.018  3.034   1.00 9.65  ? 40  SER X C   1 
ATOM   284  O O   . SER A 1 39  ? -2.157  16.203  2.750   1.00 10.34 ? 40  SER X O   1 
ATOM   285  C CB  . SER A 1 39  ? -4.223  13.357  2.833   1.00 9.86  ? 40  SER X CB  1 
ATOM   286  O OG  . SER A 1 39  ? -5.352  12.802  3.550   1.00 8.69  ? 40  SER X OG  1 
ATOM   287  N N   . ILE A 1 40  ? -1.361  14.110  2.891   1.00 9.13  ? 41  ILE X N   1 
ATOM   288  C CA  . ILE A 1 40  ? -0.100  14.468  2.239   1.00 7.75  ? 41  ILE X CA  1 
ATOM   289  C C   . ILE A 1 40  ? 0.118   13.473  1.149   1.00 8.66  ? 41  ILE X C   1 
ATOM   290  O O   . ILE A 1 40  ? -0.122  12.284  1.364   1.00 8.99  ? 41  ILE X O   1 
ATOM   291  C CB  . ILE A 1 40  ? 1.089   14.338  3.259   1.00 8.15  ? 41  ILE X CB  1 
ATOM   292  C CG1 . ILE A 1 40  ? 0.958   15.407  4.360   1.00 8.29  ? 41  ILE X CG1 1 
ATOM   293  C CG2 . ILE A 1 40  ? 2.423   14.486  2.540   1.00 6.99  ? 41  ILE X CG2 1 
ATOM   294  C CD1 . ILE A 1 40  ? 1.931   15.237  5.546   1.00 6.24  ? 41  ILE X CD1 1 
ATOM   295  N N   . LEU A 1 41  ? 0.662   13.912  0.013   1.00 10.16 ? 42  LEU X N   1 
ATOM   296  C CA  . LEU A 1 41  ? 1.019   12.986  -1.061  1.00 11.05 ? 42  LEU X CA  1 
ATOM   297  C C   . LEU A 1 41  ? 2.428   13.365  -1.504  1.00 11.92 ? 42  LEU X C   1 
ATOM   298  O O   . LEU A 1 41  ? 2.713   14.555  -1.704  1.00 11.89 ? 42  LEU X O   1 
ATOM   299  C CB  . LEU A 1 41  ? 0.063   13.196  -2.239  1.00 12.55 ? 42  LEU X CB  1 
ATOM   300  C CG  . LEU A 1 41  ? 0.160   12.297  -3.471  1.00 15.26 ? 42  LEU X CG  1 
ATOM   301  C CD1 . LEU A 1 41  ? -0.104  10.872  -3.068  1.00 17.96 ? 42  LEU X CD1 1 
ATOM   302  C CD2 . LEU A 1 41  ? -0.883  12.757  -4.510  1.00 18.35 ? 42  LEU X CD2 1 
ATOM   303  N N   . CYS A 1 42  ? 3.303   12.371  -1.626  1.00 11.54 ? 43  CYS X N   1 
ATOM   304  C CA  . CYS A 1 42  ? 4.701   12.605  -2.035  1.00 12.92 ? 43  CYS X CA  1 
ATOM   305  C C   . CYS A 1 42  ? 5.009   11.667  -3.205  1.00 14.06 ? 43  CYS X C   1 
ATOM   306  O O   . CYS A 1 42  ? 4.723   10.478  -3.138  1.00 11.34 ? 43  CYS X O   1 
ATOM   307  C CB  . CYS A 1 42  ? 5.676   12.315  -0.882  1.00 12.55 ? 43  CYS X CB  1 
ATOM   308  S SG  . CYS A 1 42  ? 5.273   13.112  0.731   1.00 13.10 ? 43  CYS X SG  1 
ATOM   309  N N   . PHE A 1 43  ? 5.602   12.212  -4.266  1.00 16.41 ? 44  PHE X N   1 
ATOM   310  C CA  . PHE A 1 43  ? 5.977   11.436  -5.461  1.00 17.28 ? 44  PHE X CA  1 
ATOM   311  C C   . PHE A 1 43  ? 7.488   11.254  -5.495  1.00 17.09 ? 44  PHE X C   1 
ATOM   312  O O   . PHE A 1 43  ? 8.216   12.155  -5.127  1.00 17.35 ? 44  PHE X O   1 
ATOM   313  C CB  . PHE A 1 43  ? 5.515   12.158  -6.733  1.00 18.06 ? 44  PHE X CB  1 
ATOM   314  C CG  . PHE A 1 43  ? 4.035   12.046  -7.009  1.00 20.18 ? 44  PHE X CG  1 
ATOM   315  C CD1 . PHE A 1 43  ? 3.513   10.940  -7.658  1.00 23.29 ? 44  PHE X CD1 1 
ATOM   316  C CD2 . PHE A 1 43  ? 3.161   13.067  -6.625  1.00 24.94 ? 44  PHE X CD2 1 
ATOM   317  C CE1 . PHE A 1 43  ? 2.150   10.836  -7.925  1.00 25.07 ? 44  PHE X CE1 1 
ATOM   318  C CE2 . PHE A 1 43  ? 1.797   12.970  -6.886  1.00 24.91 ? 44  PHE X CE2 1 
ATOM   319  C CZ  . PHE A 1 43  ? 1.291   11.851  -7.535  1.00 26.48 ? 44  PHE X CZ  1 
ATOM   320  N N   . THR A 1 44  ? 7.978   10.094  -5.933  1.00 16.29 ? 45  THR X N   1 
ATOM   321  C CA  . THR A 1 44  ? 9.410   9.880   -5.987  1.00 16.24 ? 45  THR X CA  1 
ATOM   322  C C   . THR A 1 44  ? 9.979   10.395  -7.325  1.00 16.95 ? 45  THR X C   1 
ATOM   323  O O   . THR A 1 44  ? 11.173  10.586  -7.433  1.00 17.93 ? 45  THR X O   1 
ATOM   324  C CB  . THR A 1 44  ? 9.798   8.387   -5.878  1.00 15.26 ? 45  THR X CB  1 
ATOM   325  O OG1 . THR A 1 44  ? 9.289   7.689   -7.027  1.00 16.30 ? 45  THR X OG1 1 
ATOM   326  C CG2 . THR A 1 44  ? 9.212   7.778   -4.585  1.00 15.45 ? 45  THR X CG2 1 
ATOM   327  N N   . GLU A 1 45  ? 9.116   10.565  -8.319  1.00 17.71 ? 46  GLU X N   1 
ATOM   328  C CA  . GLU A 1 45  ? 9.541   11.018  -9.660  1.00 19.08 ? 46  GLU X CA  1 
ATOM   329  C C   . GLU A 1 45  ? 8.535   11.985  -10.229 1.00 19.68 ? 46  GLU X C   1 
ATOM   330  O O   . GLU A 1 45  ? 7.420   12.099  -9.730  1.00 18.25 ? 46  GLU X O   1 
ATOM   331  C CB  . GLU A 1 45  ? 9.652   9.815   -10.607 1.00 19.24 ? 46  GLU X CB  1 
ATOM   332  C CG  . GLU A 1 45  ? 10.676  8.830   -10.161 1.00 20.76 ? 46  GLU X CG  1 
ATOM   333  C CD  . GLU A 1 45  ? 10.742  7.588   -11.035 1.00 23.60 ? 46  GLU X CD  1 
ATOM   334  O OE1 . GLU A 1 45  ? 10.005  7.486   -12.027 1.00 25.94 ? 46  GLU X OE1 1 
ATOM   335  O OE2 . GLU A 1 45  ? 11.548  6.691   -10.715 1.00 28.30 ? 46  GLU X OE2 1 
ATOM   336  N N   . SER A 1 46  ? 8.917   12.672  -11.308 1.00 20.28 ? 47  SER X N   1 
ATOM   337  C CA  . SER A 1 46  ? 7.973   13.455  -12.066 1.00 21.20 ? 47  SER X CA  1 
ATOM   338  C C   . SER A 1 46  ? 7.147   12.616  -13.030 1.00 21.30 ? 47  SER X C   1 
ATOM   339  O O   . SER A 1 46  ? 7.358   11.418  -13.200 1.00 20.90 ? 47  SER X O   1 
ATOM   340  C CB  . SER A 1 46  ? 8.713   14.560  -12.840 1.00 21.34 ? 47  SER X CB  1 
ATOM   341  O OG  . SER A 1 46  ? 9.453   15.350  -11.944 1.00 23.11 ? 47  SER X OG  1 
ATOM   342  N N   . GLY A 1 47  ? 6.178   13.251  -13.662 1.00 22.22 ? 48  GLY X N   1 
ATOM   343  C CA  . GLY A 1 47  ? 5.447   12.603  -14.726 1.00 23.30 ? 48  GLY X CA  1 
ATOM   344  C C   . GLY A 1 47  ? 4.332   11.709  -14.229 1.00 24.78 ? 48  GLY X C   1 
ATOM   345  O O   . GLY A 1 47  ? 4.158   11.536  -13.020 1.00 25.01 ? 48  GLY X O   1 
ATOM   346  N N   . ASP A 1 48  ? 3.593   11.135  -15.173 1.00 26.01 ? 49  ASP X N   1 
ATOM   347  C CA  . ASP A 1 48  ? 2.423   10.328  -14.866 1.00 27.47 ? 49  ASP X CA  1 
ATOM   348  C C   . ASP A 1 48  ? 2.819   8.938   -14.379 1.00 27.53 ? 49  ASP X C   1 
ATOM   349  O O   . ASP A 1 48  ? 3.840   8.383   -14.784 1.00 27.81 ? 49  ASP X O   1 
ATOM   350  C CB  . ASP A 1 48  ? 1.543   10.168  -16.103 1.00 27.68 ? 49  ASP X CB  1 
ATOM   351  C CG  . ASP A 1 48  ? 1.024   11.499  -16.636 1.00 31.52 ? 49  ASP X CG  1 
ATOM   352  O OD1 . ASP A 1 48  ? 0.934   12.465  -15.844 1.00 35.06 ? 49  ASP X OD1 1 
ATOM   353  O OD2 . ASP A 1 48  ? 0.702   11.565  -17.850 1.00 34.17 ? 49  ASP X OD2 1 
ATOM   354  N N   . TYR A 1 49  ? 1.973   8.355   -13.548 1.00 27.08 ? 50  TYR X N   1 
ATOM   355  C CA  . TYR A 1 49  ? 2.279   7.053   -12.974 1.00 26.92 ? 50  TYR X CA  1 
ATOM   356  C C   . TYR A 1 49  ? 3.623   6.992   -12.217 1.00 25.49 ? 50  TYR X C   1 
ATOM   357  O O   . TYR A 1 49  ? 4.197   5.913   -12.083 1.00 25.58 ? 50  TYR X O   1 
ATOM   358  C CB  . TYR A 1 49  ? 2.211   5.959   -14.059 1.00 26.97 ? 50  TYR X CB  1 
ATOM   359  C CG  . TYR A 1 49  ? 1.049   6.083   -15.031 1.00 30.13 ? 50  TYR X CG  1 
ATOM   360  C CD1 . TYR A 1 49  ? -0.253  5.749   -14.649 1.00 32.17 ? 50  TYR X CD1 1 
ATOM   361  C CD2 . TYR A 1 49  ? 1.253   6.518   -16.340 1.00 30.46 ? 50  TYR X CD2 1 
ATOM   362  C CE1 . TYR A 1 49  ? -1.317  5.854   -15.542 1.00 33.59 ? 50  TYR X CE1 1 
ATOM   363  C CE2 . TYR A 1 49  ? 0.202   6.621   -17.231 1.00 32.20 ? 50  TYR X CE2 1 
ATOM   364  C CZ  . TYR A 1 49  ? -1.079  6.291   -16.825 1.00 33.73 ? 50  TYR X CZ  1 
ATOM   365  O OH  . TYR A 1 49  ? -2.124  6.400   -17.716 1.00 35.65 ? 50  TYR X OH  1 
ATOM   366  N N   . ALA A 1 50  ? 4.121   8.132   -11.720 1.00 23.44 ? 51  ALA X N   1 
ATOM   367  C CA  . ALA A 1 50  ? 5.264   8.156   -10.796 1.00 21.30 ? 51  ALA X CA  1 
ATOM   368  C C   . ALA A 1 50  ? 4.898   7.397   -9.531  1.00 19.70 ? 51  ALA X C   1 
ATOM   369  O O   . ALA A 1 50  ? 3.733   7.425   -9.133  1.00 18.94 ? 51  ALA X O   1 
ATOM   370  C CB  . ALA A 1 50  ? 5.607   9.585   -10.404 1.00 21.85 ? 51  ALA X CB  1 
ATOM   371  N N   . PRO A 1 51  ? 5.887   6.763   -8.882  1.00 17.67 ? 52  PRO X N   1 
ATOM   372  C CA  . PRO A 1 51  ? 5.585   6.117   -7.608  1.00 16.60 ? 52  PRO X CA  1 
ATOM   373  C C   . PRO A 1 51  ? 5.319   7.178   -6.533  1.00 16.06 ? 52  PRO X C   1 
ATOM   374  O O   . PRO A 1 51  ? 5.873   8.284   -6.575  1.00 13.85 ? 52  PRO X O   1 
ATOM   375  C CB  . PRO A 1 51  ? 6.862   5.337   -7.290  1.00 17.53 ? 52  PRO X CB  1 
ATOM   376  C CG  . PRO A 1 51  ? 7.598   5.206   -8.646  1.00 17.48 ? 52  PRO X CG  1 
ATOM   377  C CD  . PRO A 1 51  ? 7.256   6.496   -9.342  1.00 17.36 ? 52  PRO X CD  1 
ATOM   378  N N   . TYR A 1 52  ? 4.465   6.859   -5.574  1.00 13.97 ? 53  TYR X N   1 
ATOM   379  C CA  . TYR A 1 52  ? 4.106   7.870   -4.599  1.00 12.93 ? 53  TYR X CA  1 
ATOM   380  C C   . TYR A 1 52  ? 3.736   7.185   -3.283  1.00 12.48 ? 53  TYR X C   1 
ATOM   381  O O   . TYR A 1 52  ? 3.491   5.966   -3.245  1.00 11.09 ? 53  TYR X O   1 
ATOM   382  C CB  . TYR A 1 52  ? 2.915   8.705   -5.097  1.00 12.40 ? 53  TYR X CB  1 
ATOM   383  C CG  . TYR A 1 52  ? 1.627   7.905   -5.264  1.00 14.19 ? 53  TYR X CG  1 
ATOM   384  C CD1 . TYR A 1 52  ? 0.738   7.752   -4.197  1.00 13.07 ? 53  TYR X CD1 1 
ATOM   385  C CD2 . TYR A 1 52  ? 1.324   7.275   -6.468  1.00 14.49 ? 53  TYR X CD2 1 
ATOM   386  C CE1 . TYR A 1 52  ? -0.440  7.001   -4.336  1.00 16.84 ? 53  TYR X CE1 1 
ATOM   387  C CE2 . TYR A 1 52  ? 0.145   6.548   -6.628  1.00 17.32 ? 53  TYR X CE2 1 
ATOM   388  C CZ  . TYR A 1 52  ? -0.732  6.410   -5.547  1.00 18.80 ? 53  TYR X CZ  1 
ATOM   389  O OH  . TYR A 1 52  ? -1.897  5.668   -5.688  1.00 21.07 ? 53  TYR X OH  1 
ATOM   390  N N   . GLY A 1 53  ? 3.721   7.981   -2.220  1.00 11.72 ? 54  GLY X N   1 
ATOM   391  C CA  . GLY A 1 53  ? 3.117   7.561   -0.948  1.00 11.31 ? 54  GLY X CA  1 
ATOM   392  C C   . GLY A 1 53  ? 2.045   8.585   -0.577  1.00 11.06 ? 54  GLY X C   1 
ATOM   393  O O   . GLY A 1 53  ? 2.213   9.798   -0.805  1.00 10.53 ? 54  GLY X O   1 
ATOM   394  N N   . GLY A 1 54  ? 0.940   8.116   0.004   1.00 10.12 ? 55  GLY X N   1 
ATOM   395  C CA  . GLY A 1 54  ? -0.118  9.015   0.493   1.00 8.91  ? 55  GLY X CA  1 
ATOM   396  C C   . GLY A 1 54  ? -0.334  8.734   1.974   1.00 9.25  ? 55  GLY X C   1 
ATOM   397  O O   . GLY A 1 54  ? -0.294  7.566   2.405   1.00 9.22  ? 55  GLY X O   1 
ATOM   398  N N   . PHE A 1 55  ? -0.547  9.785   2.762   1.00 8.81  ? 56  PHE X N   1 
ATOM   399  C CA  . PHE A 1 55  ? -0.627  9.653   4.208   1.00 8.79  ? 56  PHE X CA  1 
ATOM   400  C C   . PHE A 1 55  ? -1.847  10.421  4.690   1.00 9.30  ? 56  PHE X C   1 
ATOM   401  O O   . PHE A 1 55  ? -2.011  11.594  4.348   1.00 8.27  ? 56  PHE X O   1 
ATOM   402  C CB  . PHE A 1 55  ? 0.656   10.263  4.809   1.00 8.76  ? 56  PHE X CB  1 
ATOM   403  C CG  . PHE A 1 55  ? 1.870   9.666   4.223   1.00 7.91  ? 56  PHE X CG  1 
ATOM   404  C CD1 . PHE A 1 55  ? 2.230   8.362   4.560   1.00 7.01  ? 56  PHE X CD1 1 
ATOM   405  C CD2 . PHE A 1 55  ? 2.570   10.326  3.224   1.00 10.49 ? 56  PHE X CD2 1 
ATOM   406  C CE1 . PHE A 1 55  ? 3.346   7.756   3.970   1.00 10.03 ? 56  PHE X CE1 1 
ATOM   407  C CE2 . PHE A 1 55  ? 3.702   9.742   2.634   1.00 9.70  ? 56  PHE X CE2 1 
ATOM   408  C CZ  . PHE A 1 55  ? 4.097   8.450   2.988   1.00 9.13  ? 56  PHE X CZ  1 
ATOM   409  N N   . SER A 1 56  ? -2.678  9.781   5.505   1.00 9.44  ? 57  SER X N   1 
ATOM   410  C CA  . SER A 1 56  ? -3.879  10.454  6.019   1.00 9.18  ? 57  SER X CA  1 
ATOM   411  C C   . SER A 1 56  ? -3.887  10.452  7.525   1.00 8.26  ? 57  SER X C   1 
ATOM   412  O O   . SER A 1 56  ? -3.301  9.549   8.157   1.00 8.25  ? 57  SER X O   1 
ATOM   413  C CB  . SER A 1 56  ? -5.145  9.805   5.472   1.00 9.05  ? 57  SER X CB  1 
ATOM   414  O OG  . SER A 1 56  ? -5.195  10.010  4.059   1.00 12.65 ? 57  SER X OG  1 
ATOM   415  N N   . PHE A 1 57  ? -4.528  11.475  8.087   1.00 8.25  ? 58  PHE X N   1 
ATOM   416  C CA  . PHE A 1 57  ? -4.441  11.788  9.521   1.00 7.10  ? 58  PHE X CA  1 
ATOM   417  C C   . PHE A 1 57  ? -5.791  11.819  10.226  1.00 7.91  ? 58  PHE X C   1 
ATOM   418  O O   . PHE A 1 57  ? -6.778  12.170  9.630   1.00 7.55  ? 58  PHE X O   1 
ATOM   419  C CB  . PHE A 1 57  ? -3.747  13.138  9.683   1.00 7.29  ? 58  PHE X CB  1 
ATOM   420  C CG  . PHE A 1 57  ? -2.365  13.125  9.119   1.00 7.82  ? 58  PHE X CG  1 
ATOM   421  C CD1 . PHE A 1 57  ? -2.142  13.382  7.766   1.00 8.50  ? 58  PHE X CD1 1 
ATOM   422  C CD2 . PHE A 1 57  ? -1.317  12.704  9.905   1.00 6.56  ? 58  PHE X CD2 1 
ATOM   423  C CE1 . PHE A 1 57  ? -0.862  13.307  7.231   1.00 11.08 ? 58  PHE X CE1 1 
ATOM   424  C CE2 . PHE A 1 57  ? -0.020  12.641  9.387   1.00 8.32  ? 58  PHE X CE2 1 
ATOM   425  C CZ  . PHE A 1 57  ? 0.212   12.921  8.066   1.00 8.68  ? 58  PHE X CZ  1 
ATOM   426  N N   . THR A 1 58  ? -5.817  11.468  11.515  1.00 8.13  ? 59  THR X N   1 
ATOM   427  C CA  . THR A 1 58  ? -7.066  11.547  12.276  1.00 9.68  ? 59  THR X CA  1 
ATOM   428  C C   . THR A 1 58  ? -7.379  13.017  12.607  1.00 10.61 ? 59  THR X C   1 
ATOM   429  O O   . THR A 1 58  ? -6.590  13.939  12.369  1.00 10.64 ? 59  THR X O   1 
ATOM   430  C CB  . THR A 1 58  ? -6.948  10.802  13.616  1.00 9.87  ? 59  THR X CB  1 
ATOM   431  O OG1 . THR A 1 58  ? -5.951  11.481  14.375  1.00 10.13 ? 59  THR X OG1 1 
ATOM   432  C CG2 . THR A 1 58  ? -6.524  9.347   13.435  1.00 10.92 ? 59  THR X CG2 1 
ATOM   433  N N   . ASP A 1 59  ? -8.540  13.242  13.200  1.00 12.77 ? 60  ASP X N   1 
ATOM   434  C CA  . ASP A 1 59  ? -8.921  14.571  13.616  1.00 13.52 ? 60  ASP X CA  1 
ATOM   435  C C   . ASP A 1 59  ? -7.969  15.147  14.683  1.00 13.52 ? 60  ASP X C   1 
ATOM   436  O O   . ASP A 1 59  ? -7.929  16.362  14.894  1.00 13.09 ? 60  ASP X O   1 
ATOM   437  C CB  . ASP A 1 59  ? -10.369 14.565  14.135  1.00 13.76 ? 60  ASP X CB  1 
ATOM   438  C CG  . ASP A 1 59  ? -11.390 14.314  13.027  1.00 17.36 ? 60  ASP X CG  1 
ATOM   439  O OD1 . ASP A 1 59  ? -11.084 14.496  11.820  1.00 20.37 ? 60  ASP X OD1 1 
ATOM   440  O OD2 . ASP A 1 59  ? -12.529 13.929  13.368  1.00 23.83 ? 60  ASP X OD2 1 
ATOM   441  N N   . GLU A 1 60  ? -7.180  14.283  15.316  1.00 14.36 ? 61  GLU X N   1 
ATOM   442  C CA  . GLU A 1 60  ? -6.144  14.720  16.264  1.00 15.27 ? 61  GLU X CA  1 
ATOM   443  C C   . GLU A 1 60  ? -4.753  14.906  15.614  1.00 14.94 ? 61  GLU X C   1 
ATOM   444  O O   . GLU A 1 60  ? -3.792  15.313  16.276  1.00 15.30 ? 61  GLU X O   1 
ATOM   445  C CB  . GLU A 1 60  ? -6.092  13.769  17.471  1.00 17.06 ? 61  GLU X CB  1 
ATOM   446  C CG  . GLU A 1 60  ? -7.289  13.890  18.395  1.00 21.99 ? 61  GLU X CG  1 
ATOM   447  C CD  . GLU A 1 60  ? -8.595  13.441  17.750  1.00 29.65 ? 61  GLU X CD  1 
ATOM   448  O OE1 . GLU A 1 60  ? -8.596  12.396  17.053  1.00 32.76 ? 61  GLU X OE1 1 
ATOM   449  O OE2 . GLU A 1 60  ? -9.631  14.137  17.940  1.00 34.06 ? 61  GLU X OE2 1 
ATOM   450  N N   . GLY A 1 61  ? -4.677  14.691  14.306  1.00 11.71 ? 62  GLY X N   1 
ATOM   451  C CA  . GLY A 1 61  ? -3.480  15.011  13.507  1.00 11.50 ? 62  GLY X CA  1 
ATOM   452  C C   . GLY A 1 61  ? -2.471  13.879  13.421  1.00 10.67 ? 62  GLY X C   1 
ATOM   453  O O   . GLY A 1 61  ? -1.316  14.111  13.059  1.00 11.06 ? 62  GLY X O   1 
ATOM   454  N N   . GLU A 1 62  ? -2.910  12.656  13.722  1.00 9.39  ? 63  GLU X N   1 
ATOM   455  C CA  . GLU A 1 62  ? -2.007  11.496  13.824  1.00 9.48  ? 63  GLU X CA  1 
ATOM   456  C C   . GLU A 1 62  ? -2.196  10.558  12.635  1.00 8.46  ? 63  GLU X C   1 
ATOM   457  O O   . GLU A 1 62  ? -3.323  10.317  12.210  1.00 6.98  ? 63  GLU X O   1 
ATOM   458  C CB  . GLU A 1 62  ? -2.277  10.732  15.119  1.00 10.38 ? 63  GLU X CB  1 
ATOM   459  C CG  . GLU A 1 62  ? -1.931  11.567  16.345  1.00 10.95 ? 63  GLU X CG  1 
ATOM   460  C CD  . GLU A 1 62  ? -2.294  10.905  17.665  1.00 11.58 ? 63  GLU X CD  1 
ATOM   461  O OE1 . GLU A 1 62  ? -2.806  9.768   17.676  1.00 10.87 ? 63  GLU X OE1 1 
ATOM   462  O OE2 . GLU A 1 62  ? -2.028  11.529  18.718  1.00 12.70 ? 63  GLU X OE2 1 
ATOM   463  N N   . LEU A 1 63  ? -1.090  10.001  12.124  1.00 7.33  ? 64  LEU X N   1 
ATOM   464  C CA  . LEU A 1 63  ? -1.157  9.144   10.918  1.00 6.86  ? 64  LEU X CA  1 
ATOM   465  C C   . LEU A 1 63  ? -1.925  7.858   11.199  1.00 7.27  ? 64  LEU X C   1 
ATOM   466  O O   . LEU A 1 63  ? -1.547  7.089   12.091  1.00 7.38  ? 64  LEU X O   1 
ATOM   467  C CB  . LEU A 1 63  ? 0.295   8.771   10.524  1.00 7.61  ? 64  LEU X CB  1 
ATOM   468  C CG  . LEU A 1 63  ? 0.412   7.955   9.262   1.00 7.53  ? 64  LEU X CG  1 
ATOM   469  C CD1 . LEU A 1 63  ? 0.101   8.939   8.100   1.00 6.43  ? 64  LEU X CD1 1 
ATOM   470  C CD2 . LEU A 1 63  ? 1.801   7.329   9.076   1.00 8.59  ? 64  LEU X CD2 1 
ATOM   471  N N   . TRP A 1 64  ? -2.989  7.588   10.442  1.00 6.50  ? 65  TRP X N   1 
ATOM   472  C CA  . TRP A 1 64  ? -3.686  6.315   10.588  1.00 7.58  ? 65  TRP X CA  1 
ATOM   473  C C   . TRP A 1 64  ? -3.587  5.491   9.300   1.00 8.19  ? 65  TRP X C   1 
ATOM   474  O O   . TRP A 1 64  ? -3.903  4.297   9.302   1.00 7.44  ? 65  TRP X O   1 
ATOM   475  C CB  . TRP A 1 64  ? -5.180  6.540   10.949  1.00 7.64  ? 65  TRP X CB  1 
ATOM   476  C CG  . TRP A 1 64  ? -5.965  7.172   9.847   1.00 8.06  ? 65  TRP X CG  1 
ATOM   477  C CD1 . TRP A 1 64  ? -6.093  8.518   9.598   1.00 8.74  ? 65  TRP X CD1 1 
ATOM   478  C CD2 . TRP A 1 64  ? -6.709  6.508   8.821   1.00 9.81  ? 65  TRP X CD2 1 
ATOM   479  N NE1 . TRP A 1 64  ? -6.861  8.728   8.483   1.00 10.16 ? 65  TRP X NE1 1 
ATOM   480  C CE2 . TRP A 1 64  ? -7.255  7.512   7.985   1.00 10.68 ? 65  TRP X CE2 1 
ATOM   481  C CE3 . TRP A 1 64  ? -6.964  5.166   8.524   1.00 10.40 ? 65  TRP X CE3 1 
ATOM   482  C CZ2 . TRP A 1 64  ? -8.032  7.218   6.859   1.00 13.70 ? 65  TRP X CZ2 1 
ATOM   483  C CZ3 . TRP A 1 64  ? -7.767  4.874   7.398   1.00 10.78 ? 65  TRP X CZ3 1 
ATOM   484  C CH2 . TRP A 1 64  ? -8.279  5.895   6.590   1.00 12.51 ? 65  TRP X CH2 1 
ATOM   485  N N   . SER A 1 65  ? -3.178  6.110   8.193   1.00 7.45  ? 66  SER X N   1 
ATOM   486  C CA  . SER A 1 65  ? -3.202  5.397   6.915   1.00 9.57  ? 66  SER X CA  1 
ATOM   487  C C   . SER A 1 65  ? -1.966  5.718   6.056   1.00 8.71  ? 66  SER X C   1 
ATOM   488  O O   . SER A 1 65  ? -1.619  6.881   5.889   1.00 8.95  ? 66  SER X O   1 
ATOM   489  C CB  . SER A 1 65  ? -4.451  5.801   6.129   1.00 10.61 ? 66  SER X CB  1 
ATOM   490  O OG  . SER A 1 65  ? -4.452  5.153   4.854   1.00 13.24 ? 66  SER X OG  1 
ATOM   491  N N   . LYS A 1 66  ? -1.346  4.670   5.511   1.00 7.97  ? 67  LYS X N   1 
ATOM   492  C CA  . LYS A 1 66  ? -0.316  4.789   4.504   1.00 8.02  ? 67  LYS X CA  1 
ATOM   493  C C   . LYS A 1 66  ? -0.756  4.045   3.265   1.00 8.55  ? 67  LYS X C   1 
ATOM   494  O O   . LYS A 1 66  ? -1.258  2.919   3.366   1.00 9.85  ? 67  LYS X O   1 
ATOM   495  C CB  . LYS A 1 66  ? 0.990   4.136   4.998   1.00 7.93  ? 67  LYS X CB  1 
ATOM   496  C CG  . LYS A 1 66  ? 1.557   4.803   6.255   1.00 7.50  ? 67  LYS X CG  1 
ATOM   497  C CD  . LYS A 1 66  ? 2.707   4.020   6.910   1.00 9.79  ? 67  LYS X CD  1 
ATOM   498  C CE  . LYS A 1 66  ? 3.897   3.872   5.993   1.00 9.86  ? 67  LYS X CE  1 
ATOM   499  N NZ  . LYS A 1 66  ? 4.964   3.097   6.697   1.00 9.10  ? 67  LYS X NZ  1 
ATOM   500  N N   . ARG A 1 67  ? -0.502  4.631   2.101   1.00 9.11  ? 68  ARG X N   1 
ATOM   501  C CA  . ARG A 1 67  ? -0.791  3.937   0.848   1.00 10.56 ? 68  ARG X CA  1 
ATOM   502  C C   . ARG A 1 67  ? 0.323   4.295   -0.119  1.00 11.28 ? 68  ARG X C   1 
ATOM   503  O O   . ARG A 1 67  ? 1.004   5.331   0.046   1.00 11.72 ? 68  ARG X O   1 
ATOM   504  C CB  . ARG A 1 67  ? -2.173  4.342   0.279   1.00 11.87 ? 68  ARG X CB  1 
ATOM   505  C CG  . ARG A 1 67  ? -2.312  5.823   -0.144  1.00 14.25 ? 68  ARG X CG  1 
ATOM   506  C CD  . ARG A 1 67  ? -3.792  6.202   -0.346  1.00 20.32 ? 68  ARG X CD  1 
ATOM   507  N NE  . ARG A 1 67  ? -3.939  7.612   -0.709  1.00 21.93 ? 68  ARG X NE  1 
ATOM   508  C CZ  . ARG A 1 67  ? -3.993  8.064   -1.959  1.00 26.63 ? 68  ARG X CZ  1 
ATOM   509  N NH1 . ARG A 1 67  ? -3.901  7.231   -2.986  1.00 28.59 ? 68  ARG X NH1 1 
ATOM   510  N NH2 . ARG A 1 67  ? -4.141  9.359   -2.187  1.00 27.46 ? 68  ARG X NH2 1 
ATOM   511  N N   . ASN A 1 68  ? 0.514   3.451   -1.125  1.00 10.84 ? 69  ASN X N   1 
ATOM   512  C CA  . ASN A 1 68  ? 1.458   3.788   -2.169  1.00 11.83 ? 69  ASN X CA  1 
ATOM   513  C C   . ASN A 1 68  ? 1.144   3.009   -3.426  1.00 13.06 ? 69  ASN X C   1 
ATOM   514  O O   . ASN A 1 68  ? 0.424   1.986   -3.401  1.00 13.31 ? 69  ASN X O   1 
ATOM   515  C CB  . ASN A 1 68  ? 2.886   3.478   -1.714  1.00 10.97 ? 69  ASN X CB  1 
ATOM   516  C CG  . ASN A 1 68  ? 3.236   2.004   -1.867  1.00 12.57 ? 69  ASN X CG  1 
ATOM   517  O OD1 . ASN A 1 68  ? 3.629   1.565   -2.959  1.00 12.68 ? 69  ASN X OD1 1 
ATOM   518  N ND2 . ASN A 1 68  ? 3.159   1.241   -0.762  1.00 10.04 ? 69  ASN X ND2 1 
ATOM   519  N N   . GLU A 1 69  ? 1.659   3.506   -4.542  1.00 13.62 ? 70  GLU X N   1 
ATOM   520  C CA  . GLU A 1 69  ? 1.753   2.676   -5.732  1.00 14.47 ? 70  GLU X CA  1 
ATOM   521  C C   . GLU A 1 69  ? 3.163   2.772   -6.247  1.00 15.01 ? 70  GLU X C   1 
ATOM   522  O O   . GLU A 1 69  ? 3.759   3.858   -6.288  1.00 14.11 ? 70  GLU X O   1 
ATOM   523  C CB  . GLU A 1 69  ? 0.767   3.108   -6.809  1.00 14.08 ? 70  GLU X CB  1 
ATOM   524  C CG  . GLU A 1 69  ? -0.673  2.720   -6.467  1.00 15.21 ? 70  GLU X CG  1 
ATOM   525  C CD  . GLU A 1 69  ? -1.609  3.022   -7.607  1.00 16.93 ? 70  GLU X CD  1 
ATOM   526  O OE1 . GLU A 1 69  ? -2.076  4.169   -7.676  1.00 15.35 ? 70  GLU X OE1 1 
ATOM   527  O OE2 . GLU A 1 69  ? -1.863  2.122   -8.436  1.00 19.66 ? 70  GLU X OE2 1 
ATOM   528  N N   . TYR A 1 70  ? 3.713   1.616   -6.583  1.00 14.75 ? 71  TYR X N   1 
ATOM   529  C CA  . TYR A 1 70  ? 4.991   1.527   -7.311  1.00 15.82 ? 71  TYR X CA  1 
ATOM   530  C C   . TYR A 1 70  ? 6.252   1.769   -6.504  1.00 15.19 ? 71  TYR X C   1 
ATOM   531  O O   . TYR A 1 70  ? 7.340   1.771   -7.075  1.00 15.27 ? 71  TYR X O   1 
ATOM   532  C CB  . TYR A 1 70  ? 4.989   2.407   -8.601  1.00 16.08 ? 71  TYR X CB  1 
ATOM   533  C CG  . TYR A 1 70  ? 3.696   2.388   -9.391  1.00 19.80 ? 71  TYR X CG  1 
ATOM   534  C CD1 . TYR A 1 70  ? 3.026   1.190   -9.636  1.00 24.72 ? 71  TYR X CD1 1 
ATOM   535  C CD2 . TYR A 1 70  ? 3.137   3.563   -9.878  1.00 23.13 ? 71  TYR X CD2 1 
ATOM   536  C CE1 . TYR A 1 70  ? 1.835   1.166   -10.335 1.00 26.68 ? 71  TYR X CE1 1 
ATOM   537  C CE2 . TYR A 1 70  ? 1.931   3.547   -10.591 1.00 26.32 ? 71  TYR X CE2 1 
ATOM   538  C CZ  . TYR A 1 70  ? 1.297   2.339   -10.814 1.00 27.11 ? 71  TYR X CZ  1 
ATOM   539  O OH  . TYR A 1 70  ? 0.104   2.308   -11.501 1.00 30.48 ? 71  TYR X OH  1 
ATOM   540  N N   . LEU A 1 71  ? 6.159   1.937   -5.185  1.00 13.85 ? 72  LEU X N   1 
ATOM   541  C CA  . LEU A 1 71  ? 7.373   2.105   -4.398  1.00 14.64 ? 72  LEU X CA  1 
ATOM   542  C C   . LEU A 1 71  ? 8.190   0.827   -4.342  1.00 14.84 ? 72  LEU X C   1 
ATOM   543  O O   . LEU A 1 71  ? 9.388   0.877   -4.109  1.00 15.54 ? 72  LEU X O   1 
ATOM   544  C CB  . LEU A 1 71  ? 7.071   2.543   -2.952  1.00 13.31 ? 72  LEU X CB  1 
ATOM   545  C CG  . LEU A 1 71  ? 6.484   3.944   -2.811  1.00 15.07 ? 72  LEU X CG  1 
ATOM   546  C CD1 . LEU A 1 71  ? 6.189   4.271   -1.350  1.00 12.84 ? 72  LEU X CD1 1 
ATOM   547  C CD2 . LEU A 1 71  ? 7.463   4.996   -3.420  1.00 14.41 ? 72  LEU X CD2 1 
ATOM   548  N N   . TYR A 1 72  ? 7.524   -0.318  -4.494  1.00 13.65 ? 73  TYR X N   1 
ATOM   549  C CA  . TYR A 1 72  ? 8.179   -1.610  -4.448  1.00 13.55 ? 73  TYR X CA  1 
ATOM   550  C C   . TYR A 1 72  ? 7.833   -2.421  -5.693  1.00 13.27 ? 73  TYR X C   1 
ATOM   551  O O   . TYR A 1 72  ? 6.767   -2.266  -6.255  1.00 13.12 ? 73  TYR X O   1 
ATOM   552  C CB  . TYR A 1 72  ? 7.684   -2.395  -3.233  1.00 13.79 ? 73  TYR X CB  1 
ATOM   553  C CG  . TYR A 1 72  ? 7.949   -1.685  -1.942  1.00 13.93 ? 73  TYR X CG  1 
ATOM   554  C CD1 . TYR A 1 72  ? 9.182   -1.785  -1.326  1.00 16.01 ? 73  TYR X CD1 1 
ATOM   555  C CD2 . TYR A 1 72  ? 6.952   -0.926  -1.328  1.00 16.91 ? 73  TYR X CD2 1 
ATOM   556  C CE1 . TYR A 1 72  ? 9.425   -1.133  -0.127  1.00 19.40 ? 73  TYR X CE1 1 
ATOM   557  C CE2 . TYR A 1 72  ? 7.190   -0.261  -0.138  1.00 16.79 ? 73  TYR X CE2 1 
ATOM   558  C CZ  . TYR A 1 72  ? 8.421   -0.369  0.452   1.00 16.81 ? 73  TYR X CZ  1 
ATOM   559  O OH  . TYR A 1 72  ? 8.677   0.291   1.632   1.00 19.88 ? 73  TYR X OH  1 
ATOM   560  N N   . LYS A 1 73  ? 8.761   -3.264  -6.136  1.00 13.73 ? 74  LYS X N   1 
ATOM   561  C CA  . LYS A 1 73  ? 8.478   -4.161  -7.255  1.00 14.66 ? 74  LYS X CA  1 
ATOM   562  C C   . LYS A 1 73  ? 8.571   -5.577  -6.693  1.00 13.15 ? 74  LYS X C   1 
ATOM   563  O O   . LYS A 1 73  ? 9.430   -5.875  -5.872  1.00 14.08 ? 74  LYS X O   1 
ATOM   564  C CB  . LYS A 1 73  ? 9.522   -3.951  -8.378  1.00 16.07 ? 74  LYS X CB  1 
ATOM   565  C CG  . LYS A 1 73  ? 9.392   -2.599  -9.098  1.00 20.11 ? 74  LYS X CG  1 
ATOM   566  C CD  . LYS A 1 73  ? 10.597  -2.356  -10.024 1.00 24.46 ? 74  LYS X CD  1 
ATOM   567  C CE  . LYS A 1 73  ? 10.656  -0.899  -10.471 1.00 27.97 ? 74  LYS X CE  1 
ATOM   568  N NZ  . LYS A 1 73  ? 9.334   -0.485  -11.022 1.00 31.39 ? 74  LYS X NZ  1 
ATOM   569  N N   . ALA A 1 74  ? 7.701   -6.459  -7.140  1.00 13.04 ? 75  ALA X N   1 
ATOM   570  C CA  . ALA A 1 74  ? 7.742   -7.841  -6.681  1.00 12.71 ? 75  ALA X CA  1 
ATOM   571  C C   . ALA A 1 74  ? 9.080   -8.485  -6.947  1.00 13.29 ? 75  ALA X C   1 
ATOM   572  O O   . ALA A 1 74  ? 9.686   -8.243  -7.982  1.00 13.67 ? 75  ALA X O   1 
ATOM   573  C CB  . ALA A 1 74  ? 6.637   -8.658  -7.368  1.00 12.99 ? 75  ALA X CB  1 
ATOM   574  N N   . LYS A 1 75  ? 9.528   -9.296  -6.007  1.00 13.38 ? 76  LYS X N   1 
ATOM   575  C CA  . LYS A 1 75  ? 10.771  -10.050 -6.138  1.00 15.42 ? 76  LYS X CA  1 
ATOM   576  C C   . LYS A 1 75  ? 10.695  -11.014 -7.302  1.00 15.56 ? 76  LYS X C   1 
ATOM   577  O O   . LYS A 1 75  ? 11.614  -11.063 -8.156  1.00 15.49 ? 76  LYS X O   1 
ATOM   578  C CB  . LYS A 1 75  ? 11.089  -10.802 -4.857  1.00 15.63 ? 76  LYS X CB  1 
ATOM   579  C CG  . LYS A 1 75  ? 12.226  -11.824 -4.989  1.00 20.18 ? 76  LYS X CG  1 
ATOM   580  C CD  . LYS A 1 75  ? 12.747  -12.301 -3.630  1.00 25.57 ? 76  LYS X CD  1 
ATOM   581  C CE  . LYS A 1 75  ? 13.402  -13.693 -3.766  1.00 28.88 ? 76  LYS X CE  1 
ATOM   582  N NZ  . LYS A 1 75  ? 13.752  -14.326 -2.469  1.00 31.52 ? 76  LYS X NZ  1 
ATOM   583  N N   . THR A 1 76  ? 9.581   -11.738 -7.348  1.00 15.39 ? 77  THR X N   1 
ATOM   584  C CA  . THR A 1 76  ? 9.328   -12.741 -8.385  1.00 15.17 ? 77  THR X CA  1 
ATOM   585  C C   . THR A 1 76  ? 7.908   -12.650 -8.910  1.00 14.01 ? 77  THR X C   1 
ATOM   586  O O   . THR A 1 76  ? 7.037   -13.407 -8.464  1.00 14.13 ? 77  THR X O   1 
ATOM   587  C CB  . THR A 1 76  ? 9.564   -14.132 -7.832  1.00 16.08 ? 77  THR X CB  1 
ATOM   588  O OG1 . THR A 1 76  ? 10.806  -14.137 -7.101  1.00 19.16 ? 77  THR X OG1 1 
ATOM   589  C CG2 . THR A 1 76  ? 9.606   -15.185 -8.967  1.00 18.04 ? 77  THR X CG2 1 
ATOM   590  N N   . PRO A 1 77  ? 7.659   -11.725 -9.856  1.00 13.88 ? 78  PRO X N   1 
ATOM   591  C CA  . PRO A 1 77  ? 6.323   -11.614 -10.446 1.00 12.62 ? 78  PRO X CA  1 
ATOM   592  C C   . PRO A 1 77  ? 5.950   -12.934 -11.132 1.00 12.37 ? 78  PRO X C   1 
ATOM   593  O O   . PRO A 1 77  ? 6.603   -13.352 -12.093 1.00 12.44 ? 78  PRO X O   1 
ATOM   594  C CB  . PRO A 1 77  ? 6.478   -10.527 -11.513 1.00 13.71 ? 78  PRO X CB  1 
ATOM   595  C CG  . PRO A 1 77  ? 7.821   -9.867  -11.252 1.00 13.90 ? 78  PRO X CG  1 
ATOM   596  C CD  . PRO A 1 77  ? 8.641   -10.806 -10.460 1.00 14.34 ? 78  PRO X CD  1 
ATOM   597  N N   . SER A 1 78  ? 4.901   -13.583 -10.666 1.00 10.73 ? 79  SER X N   1 
ATOM   598  C CA  . SER A 1 78  ? 4.635   -14.931 -11.106 1.00 10.63 ? 79  SER X CA  1 
ATOM   599  C C   . SER A 1 78  ? 3.233   -15.402 -10.805 1.00 10.06 ? 79  SER X C   1 
ATOM   600  O O   . SER A 1 78  ? 2.893   -16.581 -11.041 1.00 10.19 ? 79  SER X O   1 
ATOM   601  C CB  . SER A 1 78  ? 5.618   -15.871 -10.434 1.00 10.00 ? 79  SER X CB  1 
ATOM   602  O OG  . SER A 1 78  ? 5.494   -15.828 -9.035  1.00 13.00 ? 79  SER X OG  1 
ATOM   603  N N   . VAL A 1 79  ? 2.393   -14.519 -10.268 1.00 8.97  ? 80  VAL X N   1 
ATOM   604  C CA  . VAL A 1 79  ? 1.052   -14.986 -9.904  1.00 8.21  ? 80  VAL X CA  1 
ATOM   605  C C   . VAL A 1 79  ? 0.245   -15.377 -11.150 1.00 8.36  ? 80  VAL X C   1 
ATOM   606  O O   . VAL A 1 79  ? 0.363   -14.733 -12.217 1.00 7.79  ? 80  VAL X O   1 
ATOM   607  C CB  . VAL A 1 79  ? 0.305   -13.932 -9.032  1.00 7.00  ? 80  VAL X CB  1 
ATOM   608  C CG1 . VAL A 1 79  ? 0.082   -12.600 -9.845  1.00 8.93  ? 80  VAL X CG1 1 
ATOM   609  C CG2 . VAL A 1 79  ? -1.023  -14.487 -8.500  1.00 7.26  ? 80  VAL X CG2 1 
ATOM   610  N N   . LYS A 1 80  ? -0.532  -16.460 -11.017 1.00 8.84  ? 81  LYS X N   1 
ATOM   611  C CA  . LYS A 1 80  ? -1.327  -17.038 -12.090 1.00 9.03  ? 81  LYS X CA  1 
ATOM   612  C C   . LYS A 1 80  ? -2.800  -17.021 -11.716 1.00 8.67  ? 81  LYS X C   1 
ATOM   613  O O   . LYS A 1 80  ? -3.145  -16.983 -10.533 1.00 9.50  ? 81  LYS X O   1 
ATOM   614  C CB  . LYS A 1 80  ? -0.925  -18.519 -12.288 1.00 9.42  ? 81  LYS X CB  1 
ATOM   615  C CG  . LYS A 1 80  ? 0.516   -18.742 -12.712 1.00 9.39  ? 81  LYS X CG  1 
ATOM   616  C CD  . LYS A 1 80  ? 0.885   -18.013 -14.026 1.00 10.70 ? 81  LYS X CD  1 
ATOM   617  C CE  . LYS A 1 80  ? 2.402   -18.130 -14.281 1.00 16.49 ? 81  LYS X CE  1 
ATOM   618  N NZ  . LYS A 1 80  ? 2.761   -17.201 -15.403 1.00 18.65 ? 81  LYS X NZ  1 
ATOM   619  N N   . LEU A 1 81  ? -3.674  -17.077 -12.723 1.00 8.34  ? 82  LEU X N   1 
ATOM   620  C CA  . LEU A 1 81  ? -5.102  -17.211 -12.459 1.00 8.16  ? 82  LEU X CA  1 
ATOM   621  C C   . LEU A 1 81  ? -5.384  -18.455 -11.633 1.00 8.51  ? 82  LEU X C   1 
ATOM   622  O O   . LEU A 1 81  ? -6.252  -18.454 -10.778 1.00 7.83  ? 82  LEU X O   1 
ATOM   623  C CB  . LEU A 1 81  ? -5.905  -17.212 -13.771 1.00 8.71  ? 82  LEU X CB  1 
ATOM   624  C CG  . LEU A 1 81  ? -7.416  -17.164 -13.616 1.00 9.91  ? 82  LEU X CG  1 
ATOM   625  C CD1 . LEU A 1 81  ? -7.855  -15.961 -12.756 1.00 13.44 ? 82  LEU X CD1 1 
ATOM   626  C CD2 . LEU A 1 81  ? -7.994  -17.110 -15.024 1.00 11.34 ? 82  LEU X CD2 1 
ATOM   627  N N   . SER A 1 82  ? -4.613  -19.520 -11.845 1.00 7.92  ? 83  SER X N   1 
ATOM   628  C CA  . SER A 1 82  ? -4.787  -20.738 -11.042 1.00 8.25  ? 83  SER X CA  1 
ATOM   629  C C   . SER A 1 82  ? -4.653  -20.429 -9.533  1.00 7.18  ? 83  SER X C   1 
ATOM   630  O O   . SER A 1 82  ? -5.450  -20.901 -8.699  1.00 7.05  ? 83  SER X O   1 
ATOM   631  C CB  . SER A 1 82  ? -3.711  -21.750 -11.457 1.00 7.76  ? 83  SER X CB  1 
ATOM   632  O OG  . SER A 1 82  ? -3.877  -22.998 -10.780 1.00 8.19  ? 83  SER X OG  1 
ATOM   633  N N   . HIS A 1 83  ? -3.637  -19.660 -9.173  1.00 7.61  ? 84  HIS X N   1 
ATOM   634  C CA  . HIS A 1 83  ? -3.450  -19.294 -7.769  1.00 7.36  ? 84  HIS X CA  1 
ATOM   635  C C   . HIS A 1 83  ? -4.651  -18.495 -7.287  1.00 7.03  ? 84  HIS X C   1 
ATOM   636  O O   . HIS A 1 83  ? -5.189  -18.727 -6.186  1.00 6.61  ? 84  HIS X O   1 
ATOM   637  C CB  . HIS A 1 83  ? -2.262  -18.364 -7.553  1.00 8.92  ? 84  HIS X CB  1 
ATOM   638  C CG  . HIS A 1 83  ? -0.929  -18.929 -7.913  1.00 8.20  ? 84  HIS X CG  1 
ATOM   639  N ND1 . HIS A 1 83  ? -0.124  -18.351 -8.868  1.00 8.92  ? 84  HIS X ND1 1 
ATOM   640  C CD2 . HIS A 1 83  ? -0.210  -19.942 -7.371  1.00 9.65  ? 84  HIS X CD2 1 
ATOM   641  C CE1 . HIS A 1 83  ? 1.024   -19.003 -8.927  1.00 11.93 ? 84  HIS X CE1 1 
ATOM   642  N NE2 . HIS A 1 83  ? 0.999   -19.969 -8.027  1.00 9.03  ? 84  HIS X NE2 1 
ATOM   643  N N   . TYR A 1 84  ? -5.015  -17.486 -8.068  1.00 6.83  ? 85  TYR X N   1 
ATOM   644  C CA  . TYR A 1 84  ? -6.102  -16.592 -7.707  1.00 6.75  ? 85  TYR X CA  1 
ATOM   645  C C   . TYR A 1 84  ? -7.403  -17.365 -7.452  1.00 7.33  ? 85  TYR X C   1 
ATOM   646  O O   . TYR A 1 84  ? -8.147  -17.080 -6.493  1.00 7.14  ? 85  TYR X O   1 
ATOM   647  C CB  . TYR A 1 84  ? -6.306  -15.528 -8.825  1.00 7.62  ? 85  TYR X CB  1 
ATOM   648  C CG  . TYR A 1 84  ? -7.433  -14.571 -8.460  1.00 6.21  ? 85  TYR X CG  1 
ATOM   649  C CD1 . TYR A 1 84  ? -7.193  -13.489 -7.616  1.00 5.78  ? 85  TYR X CD1 1 
ATOM   650  C CD2 . TYR A 1 84  ? -8.711  -14.762 -8.951  1.00 9.59  ? 85  TYR X CD2 1 
ATOM   651  C CE1 . TYR A 1 84  ? -8.200  -12.616 -7.274  1.00 7.01  ? 85  TYR X CE1 1 
ATOM   652  C CE2 . TYR A 1 84  ? -9.732  -13.903 -8.609  1.00 7.97  ? 85  TYR X CE2 1 
ATOM   653  C CZ  . TYR A 1 84  ? -9.477  -12.849 -7.772  1.00 10.32 ? 85  TYR X CZ  1 
ATOM   654  O OH  . TYR A 1 84  ? -10.498 -12.008 -7.430  1.00 9.56  ? 85  TYR X OH  1 
ATOM   655  N N   . ASN A 1 85  ? -7.661  -18.361 -8.296  1.00 7.53  ? 86  ASN X N   1 
ATOM   656  C CA  . ASN A 1 85  ? -8.870  -19.189 -8.189  1.00 8.07  ? 86  ASN X CA  1 
ATOM   657  C C   . ASN A 1 85  ? -8.920  -20.062 -6.946  1.00 8.71  ? 86  ASN X C   1 
ATOM   658  O O   . ASN A 1 85  ? -9.978  -20.634 -6.632  1.00 8.52  ? 86  ASN X O   1 
ATOM   659  C CB  . ASN A 1 85  ? -9.032  -20.068 -9.424  1.00 8.41  ? 86  ASN X CB  1 
ATOM   660  C CG  . ASN A 1 85  ? -9.513  -19.289 -10.614 1.00 8.69  ? 86  ASN X CG  1 
ATOM   661  O OD1 . ASN A 1 85  ? -10.049 -18.189 -10.464 1.00 10.22 ? 86  ASN X OD1 1 
ATOM   662  N ND2 . ASN A 1 85  ? -9.342  -19.855 -11.822 1.00 10.49 ? 86  ASN X ND2 1 
ATOM   663  N N   . ARG A 1 86  ? -7.810  -20.118 -6.213  1.00 7.75  ? 87  ARG X N   1 
ATOM   664  C CA  . ARG A 1 86  ? -7.795  -20.833 -4.951  1.00 8.55  ? 87  ARG X CA  1 
ATOM   665  C C   . ARG A 1 86  ? -7.731  -19.889 -3.755  1.00 8.98  ? 87  ARG X C   1 
ATOM   666  O O   . ARG A 1 86  ? -7.337  -20.282 -2.639  1.00 10.82 ? 87  ARG X O   1 
ATOM   667  C CB  . ARG A 1 86  ? -6.685  -21.901 -4.930  1.00 8.76  ? 87  ARG X CB  1 
ATOM   668  C CG  . ARG A 1 86  ? -6.973  -23.042 -5.911  1.00 8.12  ? 87  ARG X CG  1 
ATOM   669  C CD  . ARG A 1 86  ? -5.877  -24.169 -5.815  1.00 8.99  ? 87  ARG X CD  1 
ATOM   670  N NE  . ARG A 1 86  ? -4.592  -23.677 -6.324  1.00 9.00  ? 87  ARG X NE  1 
ATOM   671  C CZ  . ARG A 1 86  ? -4.226  -23.655 -7.606  1.00 9.37  ? 87  ARG X CZ  1 
ATOM   672  N NH1 . ARG A 1 86  ? -5.052  -24.113 -8.543  1.00 8.81  ? 87  ARG X NH1 1 
ATOM   673  N NH2 . ARG A 1 86  ? -3.026  -23.175 -7.964  1.00 7.74  ? 87  ARG X NH2 1 
ATOM   674  N N   . THR A 1 87  ? -8.179  -18.654 -3.970  1.00 8.74  ? 88  THR X N   1 
ATOM   675  C CA  . THR A 1 87  ? -8.391  -17.734 -2.875  1.00 8.16  ? 88  THR X CA  1 
ATOM   676  C C   . THR A 1 87  ? -9.885  -17.484 -2.755  1.00 8.35  ? 88  THR X C   1 
ATOM   677  O O   . THR A 1 87  ? -10.662 -17.679 -3.727  1.00 8.72  ? 88  THR X O   1 
ATOM   678  C CB  . THR A 1 87  ? -7.647  -16.390 -3.060  1.00 7.26  ? 88  THR X CB  1 
ATOM   679  O OG1 . THR A 1 87  ? -8.121  -15.737 -4.256  1.00 7.77  ? 88  THR X OG1 1 
ATOM   680  C CG2 . THR A 1 87  ? -6.134  -16.640 -3.222  1.00 7.64  ? 88  THR X CG2 1 
ATOM   681  N N   . ALA A 1 88  ? -10.292 -17.042 -1.575  1.00 9.02  ? 89  ALA X N   1 
ATOM   682  C CA  . ALA A 1 88  ? -11.705 -16.755 -1.307  1.00 8.77  ? 89  ALA X CA  1 
ATOM   683  C C   . ALA A 1 88  ? -11.773 -15.838 -0.095  1.00 8.80  ? 89  ALA X C   1 
ATOM   684  O O   . ALA A 1 88  ? -10.980 -15.988 0.828   1.00 8.11  ? 89  ALA X O   1 
ATOM   685  C CB  . ALA A 1 88  ? -12.478 -18.073 -1.004  1.00 8.85  ? 89  ALA X CB  1 
ATOM   686  N N   . LEU A 1 89  ? -12.747 -14.914 -0.080  1.00 8.76  ? 90  LEU X N   1 
ATOM   687  C CA  . LEU A 1 89  ? -12.947 -14.064 1.103   1.00 8.94  ? 90  LEU X CA  1 
ATOM   688  C C   . LEU A 1 89  ? -13.101 -14.937 2.348   1.00 9.12  ? 90  LEU X C   1 
ATOM   689  O O   . LEU A 1 89  ? -13.745 -15.998 2.282   1.00 9.96  ? 90  LEU X O   1 
ATOM   690  C CB  . LEU A 1 89  ? -14.179 -13.158 0.931   1.00 8.44  ? 90  LEU X CB  1 
ATOM   691  C CG  . LEU A 1 89  ? -14.039 -12.183 -0.240  1.00 8.16  ? 90  LEU X CG  1 
ATOM   692  C CD1 . LEU A 1 89  ? -15.195 -11.173 -0.248  1.00 9.29  ? 90  LEU X CD1 1 
ATOM   693  C CD2 . LEU A 1 89  ? -12.714 -11.457 -0.197  1.00 9.18  ? 90  LEU X CD2 1 
ATOM   694  N N   . GLY A 1 90  ? -12.489 -14.523 3.454   1.00 8.78  ? 91  GLY X N   1 
ATOM   695  C CA  . GLY A 1 90  ? -12.623 -15.212 4.733   1.00 9.36  ? 91  GLY X CA  1 
ATOM   696  C C   . GLY A 1 90  ? -11.462 -16.144 5.026   1.00 9.67  ? 91  GLY X C   1 
ATOM   697  O O   . GLY A 1 90  ? -11.315 -16.614 6.162   1.00 10.80 ? 91  GLY X O   1 
ATOM   698  N N   . MET A 1 91  ? -10.651 -16.448 4.015   1.00 8.88  ? 92  MET X N   1 
ATOM   699  C CA  . MET A 1 91  ? -9.448  -17.284 4.234   1.00 10.28 ? 92  MET X CA  1 
ATOM   700  C C   . MET A 1 91  ? -8.449  -16.526 5.098   1.00 10.42 ? 92  MET X C   1 
ATOM   701  O O   . MET A 1 91  ? -8.447  -15.289 5.099   1.00 9.27  ? 92  MET X O   1 
ATOM   702  C CB  . MET A 1 91  ? -8.825  -17.750 2.906   1.00 9.93  ? 92  MET X CB  1 
ATOM   703  C CG  . MET A 1 91  ? -7.877  -16.727 2.243   1.00 10.16 ? 92  MET X CG  1 
ATOM   704  S SD  . MET A 1 91  ? -7.465  -17.111 0.529   1.00 10.76 ? 92  MET X SD  1 
ATOM   705  C CE  . MET A 1 91  ? -6.819  -18.781 0.637   1.00 12.12 ? 92  MET X CE  1 
ATOM   706  N N   . THR A 1 92  ? -7.623  -17.247 5.862   1.00 9.98  ? 93  THR X N   1 
ATOM   707  C CA  . THR A 1 92  ? -6.638  -16.607 6.686   1.00 10.70 ? 93  THR X CA  1 
ATOM   708  C C   . THR A 1 92  ? -5.451  -16.192 5.859   1.00 10.96 ? 93  THR X C   1 
ATOM   709  O O   . THR A 1 92  ? -5.281  -16.671 4.749   1.00 10.65 ? 93  THR X O   1 
ATOM   710  C CB  . THR A 1 92  ? -6.111  -17.532 7.785   1.00 10.80 ? 93  THR X CB  1 
ATOM   711  O OG1 . THR A 1 92  ? -5.399  -18.608 7.175   1.00 12.25 ? 93  THR X OG1 1 
ATOM   712  C CG2 . THR A 1 92  ? -7.277  -18.082 8.618   1.00 11.11 ? 93  THR X CG2 1 
ATOM   713  N N   . GLU A 1 93  ? -4.642  -15.292 6.410   1.00 11.44 ? 94  GLU X N   1 
ATOM   714  C CA  . GLU A 1 93  ? -3.424  -14.871 5.766   1.00 12.71 ? 94  GLU X CA  1 
ATOM   715  C C   . GLU A 1 93  ? -2.541  -16.092 5.490   1.00 13.15 ? 94  GLU X C   1 
ATOM   716  O O   . GLU A 1 93  ? -1.933  -16.194 4.416   1.00 12.95 ? 94  GLU X O   1 
ATOM   717  C CB  . GLU A 1 93  ? -2.677  -13.822 6.584   1.00 12.97 ? 94  GLU X CB  1 
ATOM   718  C CG  . GLU A 1 93  ? -1.345  -13.474 5.963   1.00 14.43 ? 94  GLU X CG  1 
ATOM   719  C CD  . GLU A 1 93  ? -0.643  -12.341 6.631   1.00 19.04 ? 94  GLU X CD  1 
ATOM   720  O OE1 . GLU A 1 93  ? -1.006  -12.031 7.789   1.00 19.87 ? 94  GLU X OE1 1 
ATOM   721  O OE2 . GLU A 1 93  ? 0.267   -11.755 5.988   1.00 16.77 ? 94  GLU X OE2 1 
ATOM   722  N N   . ALA A 1 94  ? -2.489  -17.030 6.443   1.00 13.70 ? 95  ALA X N   1 
ATOM   723  C CA  . ALA A 1 94  ? -1.719  -18.271 6.227   1.00 13.86 ? 95  ALA X CA  1 
ATOM   724  C C   . ALA A 1 94  ? -2.213  -19.012 4.976   1.00 13.22 ? 95  ALA X C   1 
ATOM   725  O O   . ALA A 1 94  ? -1.410  -19.414 4.138   1.00 14.52 ? 95  ALA X O   1 
ATOM   726  C CB  . ALA A 1 94  ? -1.783  -19.212 7.473   1.00 14.16 ? 95  ALA X CB  1 
ATOM   727  N N   . GLN A 1 95  ? -3.520  -19.174 4.857   1.00 12.84 ? 96  GLN X N   1 
ATOM   728  C CA  . GLN A 1 95  ? -4.102  -19.797 3.679   1.00 12.86 ? 96  GLN X CA  1 
ATOM   729  C C   . GLN A 1 95  ? -3.774  -19.005 2.396   1.00 11.84 ? 96  GLN X C   1 
ATOM   730  O O   . GLN A 1 95  ? -3.446  -19.598 1.373   1.00 10.45 ? 96  GLN X O   1 
ATOM   731  C CB  . GLN A 1 95  ? -5.611  -19.996 3.857   1.00 13.25 ? 96  GLN X CB  1 
ATOM   732  C CG  . GLN A 1 95  ? -5.912  -21.012 5.027   1.00 14.29 ? 96  GLN X CG  1 
ATOM   733  C CD  . GLN A 1 95  ? -7.356  -21.046 5.423   1.00 19.81 ? 96  GLN X CD  1 
ATOM   734  O OE1 . GLN A 1 95  ? -8.040  -20.013 5.498   1.00 14.71 ? 96  GLN X OE1 1 
ATOM   735  N NE2 . GLN A 1 95  ? -7.836  -22.250 5.742   1.00 25.62 ? 96  GLN X NE2 1 
ATOM   736  N N   . LEU A 1 96  ? -3.881  -17.679 2.458   1.00 10.76 ? 97  LEU X N   1 
ATOM   737  C CA  . LEU A 1 96  ? -3.582  -16.852 1.295   1.00 10.21 ? 97  LEU X CA  1 
ATOM   738  C C   . LEU A 1 96  ? -2.150  -17.107 0.788   1.00 10.00 ? 97  LEU X C   1 
ATOM   739  O O   . LEU A 1 96  ? -1.959  -17.347 -0.378  1.00 9.05  ? 97  LEU X O   1 
ATOM   740  C CB  . LEU A 1 96  ? -3.783  -15.368 1.626   1.00 10.43 ? 97  LEU X CB  1 
ATOM   741  C CG  . LEU A 1 96  ? -3.383  -14.424 0.501   1.00 9.63  ? 97  LEU X CG  1 
ATOM   742  C CD1 . LEU A 1 96  ? -4.284  -14.650 -0.785  1.00 9.25  ? 97  LEU X CD1 1 
ATOM   743  C CD2 . LEU A 1 96  ? -3.415  -12.965 0.942   1.00 8.13  ? 97  LEU X CD2 1 
ATOM   744  N N   . TRP A 1 97  ? -1.150  -17.061 1.665   1.00 9.00  ? 98  TRP X N   1 
ATOM   745  C CA  . TRP A 1 97  ? 0.213   -17.216 1.208   1.00 10.08 ? 98  TRP X CA  1 
ATOM   746  C C   . TRP A 1 97  ? 0.580   -18.694 0.932   1.00 10.64 ? 98  TRP X C   1 
ATOM   747  O O   . TRP A 1 97  ? 1.624   -18.964 0.376   1.00 12.26 ? 98  TRP X O   1 
ATOM   748  C CB  . TRP A 1 97  ? 1.197   -16.518 2.151   1.00 10.89 ? 98  TRP X CB  1 
ATOM   749  C CG  . TRP A 1 97  ? 0.926   -15.030 2.315   1.00 10.05 ? 98  TRP X CG  1 
ATOM   750  C CD1 . TRP A 1 97  ? 0.826   -14.337 3.488   1.00 11.36 ? 98  TRP X CD1 1 
ATOM   751  C CD2 . TRP A 1 97  ? 0.686   -14.081 1.266   1.00 11.70 ? 98  TRP X CD2 1 
ATOM   752  N NE1 . TRP A 1 97  ? 0.539   -13.012 3.233   1.00 13.54 ? 98  TRP X NE1 1 
ATOM   753  C CE2 . TRP A 1 97  ? 0.458   -12.833 1.875   1.00 12.60 ? 98  TRP X CE2 1 
ATOM   754  C CE3 . TRP A 1 97  ? 0.663   -14.166 -0.129  1.00 10.48 ? 98  TRP X CE3 1 
ATOM   755  C CZ2 . TRP A 1 97  ? 0.196   -11.689 1.147   1.00 13.06 ? 98  TRP X CZ2 1 
ATOM   756  C CZ3 . TRP A 1 97  ? 0.390   -13.015 -0.862  1.00 13.40 ? 98  TRP X CZ3 1 
ATOM   757  C CH2 . TRP A 1 97  ? 0.163   -11.801 -0.232  1.00 13.41 ? 98  TRP X CH2 1 
ATOM   758  N N   . ALA A 1 98  ? -0.287  -19.632 1.306   1.00 11.74 ? 99  ALA X N   1 
ATOM   759  C CA  . ALA A 1 98  ? -0.132  -21.019 0.867   1.00 11.67 ? 99  ALA X CA  1 
ATOM   760  C C   . ALA A 1 98  ? -0.682  -21.189 -0.538  1.00 12.82 ? 99  ALA X C   1 
ATOM   761  O O   . ALA A 1 98  ? -0.245  -22.088 -1.263  1.00 12.92 ? 99  ALA X O   1 
ATOM   762  C CB  . ALA A 1 98  ? -0.845  -22.003 1.852   1.00 12.59 ? 99  ALA X CB  1 
ATOM   763  N N   . ALA A 1 99  ? -1.634  -20.329 -0.927  1.00 11.56 ? 100 ALA X N   1 
ATOM   764  C CA  . ALA A 1 99  ? -2.222  -20.374 -2.300  1.00 10.48 ? 100 ALA X CA  1 
ATOM   765  C C   . ALA A 1 99  ? -1.481  -19.515 -3.315  1.00 10.03 ? 100 ALA X C   1 
ATOM   766  O O   . ALA A 1 99  ? -1.385  -19.871 -4.491  1.00 9.88  ? 100 ALA X O   1 
ATOM   767  C CB  . ALA A 1 99  ? -3.686  -19.944 -2.261  1.00 8.99  ? 100 ALA X CB  1 
ATOM   768  N N   . VAL A 1 100 ? -0.938  -18.385 -2.866  1.00 9.11  ? 101 VAL X N   1 
ATOM   769  C CA  . VAL A 1 100 ? -0.363  -17.389 -3.762  1.00 10.17 ? 101 VAL X CA  1 
ATOM   770  C C   . VAL A 1 100 ? 1.082   -17.190 -3.360  1.00 10.59 ? 101 VAL X C   1 
ATOM   771  O O   . VAL A 1 100 ? 1.369   -17.088 -2.164  1.00 10.64 ? 101 VAL X O   1 
ATOM   772  C CB  . VAL A 1 100 ? -1.100  -16.007 -3.594  1.00 10.05 ? 101 VAL X CB  1 
ATOM   773  C CG1 . VAL A 1 100 ? -0.411  -14.904 -4.396  1.00 11.96 ? 101 VAL X CG1 1 
ATOM   774  C CG2 . VAL A 1 100 ? -2.573  -16.106 -4.025  1.00 9.06  ? 101 VAL X CG2 1 
ATOM   775  N N   . PRO A 1 101 ? 2.000   -17.098 -4.327  1.00 10.96 ? 102 PRO X N   1 
ATOM   776  C CA  . PRO A 1 101 ? 3.413   -16.892 -3.879  1.00 11.06 ? 102 PRO X CA  1 
ATOM   777  C C   . PRO A 1 101 ? 3.662   -15.432 -3.419  1.00 11.10 ? 102 PRO X C   1 
ATOM   778  O O   . PRO A 1 101 ? 3.589   -14.480 -4.234  1.00 10.36 ? 102 PRO X O   1 
ATOM   779  C CB  . PRO A 1 101 ? 4.241   -17.251 -5.121  1.00 11.27 ? 102 PRO X CB  1 
ATOM   780  C CG  . PRO A 1 101 ? 3.297   -17.061 -6.297  1.00 11.45 ? 102 PRO X CG  1 
ATOM   781  C CD  . PRO A 1 101 ? 1.886   -17.325 -5.774  1.00 10.34 ? 102 PRO X CD  1 
ATOM   782  N N   . LYS A 1 102 ? 3.925   -15.259 -2.120  1.00 11.37 ? 103 LYS X N   1 
ATOM   783  C CA  . LYS A 1 102 ? 4.087   -13.924 -1.578  1.00 12.74 ? 103 LYS X CA  1 
ATOM   784  C C   . LYS A 1 102 ? 5.215   -13.145 -2.249  1.00 12.61 ? 103 LYS X C   1 
ATOM   785  O O   . LYS A 1 102 ? 5.179   -11.904 -2.300  1.00 12.01 ? 103 LYS X O   1 
ATOM   786  C CB  . LYS A 1 102 ? 4.280   -13.961 -0.050  1.00 12.90 ? 103 LYS X CB  1 
ATOM   787  C CG  . LYS A 1 102 ? 3.999   -12.617 0.589   1.00 15.44 ? 103 LYS X CG  1 
ATOM   788  C CD  . LYS A 1 102 ? 4.015   -12.702 2.114   1.00 19.43 ? 103 LYS X CD  1 
ATOM   789  C CE  . LYS A 1 102 ? 4.522   -11.413 2.737   1.00 24.43 ? 103 LYS X CE  1 
ATOM   790  N NZ  . LYS A 1 102 ? 3.477   -10.407 2.809   1.00 29.65 ? 103 LYS X NZ  1 
ATOM   791  N N   . ASP A 1 103 ? 6.220   -13.842 -2.783  1.00 13.03 ? 104 ASP X N   1 
ATOM   792  C CA  . ASP A 1 103 ? 7.295   -13.127 -3.484  1.00 12.44 ? 104 ASP X CA  1 
ATOM   793  C C   . ASP A 1 103 ? 6.777   -12.484 -4.770  1.00 11.53 ? 104 ASP X C   1 
ATOM   794  O O   . ASP A 1 103 ? 7.492   -11.714 -5.413  1.00 10.65 ? 104 ASP X O   1 
ATOM   795  C CB  . ASP A 1 103 ? 8.474   -14.059 -3.838  1.00 13.57 ? 104 ASP X CB  1 
ATOM   796  C CG  . ASP A 1 103 ? 9.372   -14.372 -2.652  1.00 17.98 ? 104 ASP X CG  1 
ATOM   797  O OD1 . ASP A 1 103 ? 9.271   -13.706 -1.605  1.00 20.99 ? 104 ASP X OD1 1 
ATOM   798  O OD2 . ASP A 1 103 ? 10.187  -15.311 -2.786  1.00 21.64 ? 104 ASP X OD2 1 
ATOM   799  N N   . SER A 1 104 ? 5.535   -12.813 -5.175  1.00 10.87 ? 105 SER X N   1 
ATOM   800  C CA  . SER A 1 104 ? 4.961   -12.150 -6.357  1.00 9.32  ? 105 SER X CA  1 
ATOM   801  C C   . SER A 1 104 ? 4.236   -10.868 -6.003  1.00 9.93  ? 105 SER X C   1 
ATOM   802  O O   . SER A 1 104 ? 3.571   -10.318 -6.869  1.00 9.47  ? 105 SER X O   1 
ATOM   803  C CB  . SER A 1 104 ? 3.972   -13.071 -7.100  1.00 9.17  ? 105 SER X CB  1 
ATOM   804  O OG  . SER A 1 104 ? 3.574   -12.515 -8.346  1.00 9.75  ? 105 SER X OG  1 
ATOM   805  N N   . CYS A 1 105 ? 4.336   -10.430 -4.739  1.00 10.21 ? 106 CYS X N   1 
ATOM   806  C CA  . CYS A 1 105 ? 3.485   -9.366  -4.206  1.00 9.67  ? 106 CYS X CA  1 
ATOM   807  C C   . CYS A 1 105 ? 4.265   -8.326  -3.399  1.00 10.04 ? 106 CYS X C   1 
ATOM   808  O O   . CYS A 1 105 ? 5.335   -8.616  -2.842  1.00 10.52 ? 106 CYS X O   1 
ATOM   809  C CB  . CYS A 1 105 ? 2.433   -9.938  -3.279  1.00 10.06 ? 106 CYS X CB  1 
ATOM   810  S SG  . CYS A 1 105 ? 1.535   -11.390 -3.992  1.00 9.34  ? 106 CYS X SG  1 
ATOM   811  N N   . VAL A 1 106 ? 3.694   -7.138  -3.302  1.00 9.46  ? 107 VAL X N   1 
ATOM   812  C CA  . VAL A 1 106 ? 4.276   -6.096  -2.480  1.00 9.92  ? 107 VAL X CA  1 
ATOM   813  C C   . VAL A 1 106 ? 3.140   -5.386  -1.776  1.00 10.27 ? 107 VAL X C   1 
ATOM   814  O O   . VAL A 1 106 ? 1.984   -5.503  -2.187  1.00 10.04 ? 107 VAL X O   1 
ATOM   815  C CB  . VAL A 1 106 ? 5.019   -5.032  -3.339  1.00 9.28  ? 107 VAL X CB  1 
ATOM   816  C CG1 . VAL A 1 106 ? 6.166   -5.660  -4.109  1.00 11.35 ? 107 VAL X CG1 1 
ATOM   817  C CG2 . VAL A 1 106 ? 4.020   -4.271  -4.263  1.00 9.64  ? 107 VAL X CG2 1 
ATOM   818  N N   . SER A 1 107 ? 3.485   -4.591  -0.753  1.00 10.49 ? 108 SER X N   1 
ATOM   819  C CA  . SER A 1 107 ? 2.480   -3.759  -0.097  1.00 10.49 ? 108 SER X CA  1 
ATOM   820  C C   . SER A 1 107 ? 2.158   -2.472  -0.823  1.00 10.76 ? 108 SER X C   1 
ATOM   821  O O   . SER A 1 107 ? 3.060   -1.714  -1.236  1.00 11.81 ? 108 SER X O   1 
ATOM   822  C CB  . SER A 1 107 ? 2.877   -3.474  1.360   1.00 10.96 ? 108 SER X CB  1 
ATOM   823  O OG  . SER A 1 107 ? 1.870   -2.715  2.019   1.00 11.77 ? 108 SER X OG  1 
ATOM   824  N N   . GLN A 1 108 ? 0.863   -2.212  -1.000  1.00 8.70  ? 109 GLN X N   1 
ATOM   825  C CA  . GLN A 1 108 ? 0.403   -0.911  -1.440  1.00 9.06  ? 109 GLN X CA  1 
ATOM   826  C C   . GLN A 1 108 ? -0.298  -0.147  -0.328  1.00 8.86  ? 109 GLN X C   1 
ATOM   827  O O   . GLN A 1 108 ? -0.969  0.868   -0.569  1.00 8.94  ? 109 GLN X O   1 
ATOM   828  C CB  . GLN A 1 108 ? -0.516  -1.060  -2.673  1.00 8.38  ? 109 GLN X CB  1 
ATOM   829  C CG  . GLN A 1 108 ? 0.331   -1.355  -3.929  1.00 10.11 ? 109 GLN X CG  1 
ATOM   830  C CD  . GLN A 1 108 ? -0.482  -1.226  -5.196  1.00 10.46 ? 109 GLN X CD  1 
ATOM   831  O OE1 . GLN A 1 108 ? -1.713  -1.162  -5.156  1.00 13.53 ? 109 GLN X OE1 1 
ATOM   832  N NE2 . GLN A 1 108 ? 0.194   -1.183  -6.325  1.00 12.62 ? 109 GLN X NE2 1 
ATOM   833  N N   . GLY A 1 109 ? -0.201  -0.637  0.898   1.00 8.83  ? 110 GLY X N   1 
ATOM   834  C CA  . GLY A 1 109 ? -0.802  0.157   1.967   1.00 9.73  ? 110 GLY X CA  1 
ATOM   835  C C   . GLY A 1 109 ? -1.068  -0.585  3.265   1.00 10.68 ? 110 GLY X C   1 
ATOM   836  O O   . GLY A 1 109 ? -1.216  -1.819  3.279   1.00 11.26 ? 110 GLY X O   1 
ATOM   837  N N   . GLU A 1 110 ? -1.118  0.175   4.363   1.00 10.67 ? 111 GLU X N   1 
ATOM   838  C CA  . GLU A 1 110 ? -1.507  -0.372  5.684   1.00 11.37 ? 111 GLU X CA  1 
ATOM   839  C C   . GLU A 1 110 ? -2.305  0.716   6.390   1.00 11.48 ? 111 GLU X C   1 
ATOM   840  O O   . GLU A 1 110 ? -2.033  1.912   6.197   1.00 10.59 ? 111 GLU X O   1 
ATOM   841  C CB  . GLU A 1 110 ? -0.288  -0.758  6.536   1.00 12.12 ? 111 GLU X CB  1 
ATOM   842  C CG  . GLU A 1 110 ? 0.507   -1.954  6.032   1.00 13.37 ? 111 GLU X CG  1 
ATOM   843  C CD  . GLU A 1 110 ? 1.675   -2.291  6.912   1.00 18.46 ? 111 GLU X CD  1 
ATOM   844  O OE1 . GLU A 1 110 ? 2.179   -1.384  7.614   1.00 17.46 ? 111 GLU X OE1 1 
ATOM   845  O OE2 . GLU A 1 110 ? 2.113   -3.463  6.888   1.00 18.17 ? 111 GLU X OE2 1 
ATOM   846  N N   . SER A 1 111 ? -3.292  0.348   7.205   1.00 10.63 ? 112 SER X N   1 
ATOM   847  C CA  . SER A 1 111 ? -4.023  1.395   7.903   1.00 11.35 ? 112 SER X CA  1 
ATOM   848  C C   . SER A 1 111 ? -4.639  0.859   9.187   1.00 11.61 ? 112 SER X C   1 
ATOM   849  O O   . SER A 1 111 ? -4.927  -0.338  9.288   1.00 10.91 ? 112 SER X O   1 
ATOM   850  C CB  . SER A 1 111 ? -5.103  2.002   7.003   1.00 12.83 ? 112 SER X CB  1 
ATOM   851  O OG  . SER A 1 111 ? -6.183  1.089   6.828   1.00 14.85 ? 112 SER X OG  1 
ATOM   852  N N   . TYR A 1 112 ? -4.760  1.755   10.164  1.00 11.45 ? 113 TYR X N   1 
ATOM   853  C CA  . TYR A 1 112 ? -5.490  1.497   11.402  1.00 11.88 ? 113 TYR X CA  1 
ATOM   854  C C   . TYR A 1 112 ? -6.719  2.416   11.425  1.00 12.55 ? 113 TYR X C   1 
ATOM   855  O O   . TYR A 1 112 ? -6.647  3.554   11.889  1.00 11.59 ? 113 TYR X O   1 
ATOM   856  C CB  . TYR A 1 112 ? -4.584  1.777   12.605  1.00 12.17 ? 113 TYR X CB  1 
ATOM   857  C CG  . TYR A 1 112 ? -3.529  0.719   12.857  1.00 12.06 ? 113 TYR X CG  1 
ATOM   858  C CD1 . TYR A 1 112 ? -3.872  -0.517  13.432  1.00 11.02 ? 113 TYR X CD1 1 
ATOM   859  C CD2 . TYR A 1 112 ? -2.182  0.955   12.550  1.00 12.98 ? 113 TYR X CD2 1 
ATOM   860  C CE1 . TYR A 1 112 ? -2.921  -1.482  13.668  1.00 14.26 ? 113 TYR X CE1 1 
ATOM   861  C CE2 . TYR A 1 112 ? -1.206  -0.021  12.790  1.00 14.86 ? 113 TYR X CE2 1 
ATOM   862  C CZ  . TYR A 1 112 ? -1.593  -1.236  13.351  1.00 14.12 ? 113 TYR X CZ  1 
ATOM   863  O OH  . TYR A 1 112 ? -0.631  -2.192  13.593  1.00 17.89 ? 113 TYR X OH  1 
ATOM   864  N N   . PRO A 1 113 ? -7.844  1.946   10.873  1.00 13.55 ? 114 PRO X N   1 
ATOM   865  C CA  . PRO A 1 113 ? -9.003  2.819   10.725  1.00 14.88 ? 114 PRO X CA  1 
ATOM   866  C C   . PRO A 1 113 ? -9.565  3.276   12.058  1.00 15.57 ? 114 PRO X C   1 
ATOM   867  O O   . PRO A 1 113 ? -10.277 4.266   12.110  1.00 17.34 ? 114 PRO X O   1 
ATOM   868  C CB  . PRO A 1 113 ? -10.021 1.956   9.981   1.00 15.56 ? 114 PRO X CB  1 
ATOM   869  C CG  . PRO A 1 113 ? -9.240  0.821   9.410   1.00 16.03 ? 114 PRO X CG  1 
ATOM   870  C CD  . PRO A 1 113 ? -8.098  0.595   10.342  1.00 14.05 ? 114 PRO X CD  1 
ATOM   871  N N   . ASN A 1 114 ? -9.195  2.598   13.132  1.00 16.17 ? 115 ASN X N   1 
ATOM   872  C CA  . ASN A 1 114 ? -9.717  2.950   14.444  1.00 16.59 ? 115 ASN X CA  1 
ATOM   873  C C   . ASN A 1 114 ? -8.660  3.612   15.316  1.00 16.34 ? 115 ASN X C   1 
ATOM   874  O O   . ASN A 1 114 ? -8.820  3.716   16.535  1.00 16.67 ? 115 ASN X O   1 
ATOM   875  C CB  . ASN A 1 114 ? -10.297 1.682   15.095  1.00 16.04 ? 115 ASN X CB  1 
ATOM   876  C CG  . ASN A 1 114 ? -11.424 1.102   14.259  1.00 19.29 ? 115 ASN X CG  1 
ATOM   877  O OD1 . ASN A 1 114 ? -12.276 1.842   13.767  1.00 21.11 ? 115 ASN X OD1 1 
ATOM   878  N ND2 . ASN A 1 114 ? -11.409 -0.219  14.048  1.00 20.47 ? 115 ASN X ND2 1 
ATOM   879  N N   . TRP A 1 115 ? -7.570  4.052   14.683  1.00 15.56 ? 116 TRP X N   1 
ATOM   880  C CA  . TRP A 1 115 ? -6.432  4.665   15.398  1.00 15.89 ? 116 TRP X CA  1 
ATOM   881  C C   . TRP A 1 115 ? -6.915  5.688   16.413  1.00 17.29 ? 116 TRP X C   1 
ATOM   882  O O   . TRP A 1 115 ? -7.733  6.530   16.063  1.00 17.63 ? 116 TRP X O   1 
ATOM   883  C CB  . TRP A 1 115 ? -5.472  5.373   14.406  1.00 14.42 ? 116 TRP X CB  1 
ATOM   884  C CG  . TRP A 1 115 ? -4.256  5.868   15.144  1.00 14.05 ? 116 TRP X CG  1 
ATOM   885  C CD1 . TRP A 1 115 ? -4.065  7.128   15.680  1.00 10.79 ? 116 TRP X CD1 1 
ATOM   886  C CD2 . TRP A 1 115 ? -3.092  5.109   15.483  1.00 12.03 ? 116 TRP X CD2 1 
ATOM   887  N NE1 . TRP A 1 115 ? -2.854  7.183   16.327  1.00 10.69 ? 116 TRP X NE1 1 
ATOM   888  C CE2 . TRP A 1 115 ? -2.238  5.959   16.229  1.00 10.92 ? 116 TRP X CE2 1 
ATOM   889  C CE3 . TRP A 1 115 ? -2.681  3.792   15.229  1.00 10.25 ? 116 TRP X CE3 1 
ATOM   890  C CZ2 . TRP A 1 115 ? -1.002  5.537   16.718  1.00 9.99  ? 116 TRP X CZ2 1 
ATOM   891  C CZ3 . TRP A 1 115 ? -1.454  3.378   15.719  1.00 10.31 ? 116 TRP X CZ3 1 
ATOM   892  C CH2 . TRP A 1 115 ? -0.636  4.234   16.470  1.00 10.50 ? 116 TRP X CH2 1 
ATOM   893  N N   . PRO A 1 116 ? -6.367  5.657   17.649  1.00 18.93 ? 117 PRO X N   1 
ATOM   894  C CA  . PRO A 1 116 ? -5.232  4.887   18.157  1.00 19.39 ? 117 PRO X CA  1 
ATOM   895  C C   . PRO A 1 116 ? -5.472  3.417   18.532  1.00 19.36 ? 117 PRO X C   1 
ATOM   896  O O   . PRO A 1 116 ? -4.527  2.721   18.874  1.00 19.81 ? 117 PRO X O   1 
ATOM   897  C CB  . PRO A 1 116 ? -4.816  5.688   19.405  1.00 20.10 ? 117 PRO X CB  1 
ATOM   898  C CG  . PRO A 1 116 ? -6.084  6.281   19.865  1.00 19.99 ? 117 PRO X CG  1 
ATOM   899  C CD  . PRO A 1 116 ? -6.871  6.607   18.660  1.00 20.09 ? 117 PRO X CD  1 
ATOM   900  N N   . ALA A 1 117 ? -6.718  2.958   18.487  1.00 20.10 ? 118 ALA X N   1 
ATOM   901  C CA  . ALA A 1 117 ? -7.026  1.536   18.604  1.00 19.52 ? 118 ALA X CA  1 
ATOM   902  C C   . ALA A 1 117 ? -6.447  0.795   17.395  1.00 20.09 ? 118 ALA X C   1 
ATOM   903  O O   . ALA A 1 117 ? -6.373  1.335   16.279  1.00 18.96 ? 118 ALA X O   1 
ATOM   904  C CB  . ALA A 1 117 ? -8.540  1.340   18.707  1.00 19.52 ? 118 ALA X CB  1 
ATOM   905  N N   . LYS A 1 118 ? -6.005  -0.435  17.612  1.00 20.35 ? 119 LYS X N   1 
ATOM   906  C CA  . LYS A 1 118 ? -5.260  -1.139  16.583  1.00 20.54 ? 119 LYS X CA  1 
ATOM   907  C C   . LYS A 1 118 ? -6.090  -2.258  15.948  1.00 20.38 ? 119 LYS X C   1 
ATOM   908  O O   . LYS A 1 118 ? -5.587  -3.073  15.170  1.00 20.77 ? 119 LYS X O   1 
ATOM   909  C CB  . LYS A 1 118 ? -3.947  -1.668  17.142  1.00 21.95 ? 119 LYS X CB  1 
ATOM   910  C CG  . LYS A 1 118 ? -2.843  -0.599  17.240  1.00 24.51 ? 119 LYS X CG  1 
ATOM   911  C CD  . LYS A 1 118 ? -1.482  -1.249  17.406  1.00 30.50 ? 119 LYS X CD  1 
ATOM   912  C CE  . LYS A 1 118 ? -0.351  -0.316  16.968  1.00 33.99 ? 119 LYS X CE  1 
ATOM   913  N NZ  . LYS A 1 118 ? 0.073   0.608   18.059  1.00 34.81 ? 119 LYS X NZ  1 
ATOM   914  N N   . THR A 1 119 ? -7.371  -2.265  16.276  1.00 19.93 ? 120 THR X N   1 
ATOM   915  C CA  . THR A 1 119 ? -8.327  -3.237  15.748  1.00 20.00 ? 120 THR X CA  1 
ATOM   916  C C   . THR A 1 119 ? -8.651  -2.958  14.284  1.00 18.67 ? 120 THR X C   1 
ATOM   917  O O   . THR A 1 119 ? -8.710  -1.796  13.874  1.00 18.76 ? 120 THR X O   1 
ATOM   918  C CB  . THR A 1 119 ? -9.628  -3.104  16.536  1.00 20.28 ? 120 THR X CB  1 
ATOM   919  O OG1 . THR A 1 119 ? -9.940  -1.709  16.646  1.00 24.33 ? 120 THR X OG1 1 
ATOM   920  C CG2 . THR A 1 119 ? -9.429  -3.643  17.930  1.00 22.28 ? 120 THR X CG2 1 
ATOM   921  N N   . GLY A 1 120 ? -8.888  -3.999  13.491  1.00 16.17 ? 121 GLY X N   1 
ATOM   922  C CA  . GLY A 1 120 ? -9.258  -3.780  12.092  1.00 14.17 ? 121 GLY X CA  1 
ATOM   923  C C   . GLY A 1 120 ? -8.084  -3.309  11.237  1.00 12.46 ? 121 GLY X C   1 
ATOM   924  O O   . GLY A 1 120 ? -8.268  -2.634  10.226  1.00 13.13 ? 121 GLY X O   1 
ATOM   925  N N   . PHE A 1 121 ? -6.880  -3.715  11.614  1.00 12.83 ? 122 PHE X N   1 
ATOM   926  C CA  . PHE A 1 121 ? -5.653  -3.381  10.852  1.00 12.48 ? 122 PHE X CA  1 
ATOM   927  C C   . PHE A 1 121 ? -5.761  -3.903  9.430   1.00 12.88 ? 122 PHE X C   1 
ATOM   928  O O   . PHE A 1 121 ? -5.997  -5.102  9.233   1.00 12.85 ? 122 PHE X O   1 
ATOM   929  C CB  . PHE A 1 121 ? -4.458  -4.028  11.517  1.00 12.24 ? 122 PHE X CB  1 
ATOM   930  C CG  . PHE A 1 121 ? -3.145  -3.796  10.804  1.00 13.56 ? 122 PHE X CG  1 
ATOM   931  C CD1 . PHE A 1 121 ? -2.732  -2.517  10.472  1.00 13.06 ? 122 PHE X CD1 1 
ATOM   932  C CD2 . PHE A 1 121 ? -2.315  -4.857  10.531  1.00 16.25 ? 122 PHE X CD2 1 
ATOM   933  C CE1 . PHE A 1 121 ? -1.495  -2.290  9.841   1.00 14.90 ? 122 PHE X CE1 1 
ATOM   934  C CE2 . PHE A 1 121 ? -1.079  -4.641  9.897   1.00 17.47 ? 122 PHE X CE2 1 
ATOM   935  C CZ  . PHE A 1 121 ? -0.684  -3.350  9.564   1.00 17.25 ? 122 PHE X CZ  1 
ATOM   936  N N   . GLU A 1 122 ? -5.625  -3.026  8.447   1.00 12.33 ? 123 GLU X N   1 
ATOM   937  C CA  A GLU A 1 122 ? -5.854  -3.400  7.044   0.50 12.38 ? 123 GLU X CA  1 
ATOM   938  C CA  B GLU A 1 122 ? -5.829  -3.433  7.067   0.50 12.90 ? 123 GLU X CA  1 
ATOM   939  C C   . GLU A 1 122 ? -4.532  -3.347  6.297   1.00 12.65 ? 123 GLU X C   1 
ATOM   940  O O   . GLU A 1 122 ? -3.807  -2.358  6.422   1.00 13.96 ? 123 GLU X O   1 
ATOM   941  C CB  A GLU A 1 122 ? -6.865  -2.450  6.377   0.50 12.26 ? 123 GLU X CB  1 
ATOM   942  C CB  B GLU A 1 122 ? -6.883  -2.556  6.416   0.50 12.96 ? 123 GLU X CB  1 
ATOM   943  C CG  A GLU A 1 122 ? -7.189  -2.765  4.893   0.50 12.40 ? 123 GLU X CG  1 
ATOM   944  C CG  B GLU A 1 122 ? -8.209  -2.659  7.116   0.50 15.80 ? 123 GLU X CG  1 
ATOM   945  C CD  A GLU A 1 122 ? -8.033  -1.682  4.213   0.50 14.32 ? 123 GLU X CD  1 
ATOM   946  C CD  B GLU A 1 122 ? -9.371  -2.473  6.187   0.50 18.02 ? 123 GLU X CD  1 
ATOM   947  O OE1 A GLU A 1 122 ? -9.268  -1.740  4.326   0.50 15.83 ? 123 GLU X OE1 1 
ATOM   948  O OE1 B GLU A 1 122 ? -9.296  -1.494  5.408   0.50 17.83 ? 123 GLU X OE1 1 
ATOM   949  O OE2 A GLU A 1 122 ? -7.470  -0.792  3.537   0.50 15.04 ? 123 GLU X OE2 1 
ATOM   950  O OE2 B GLU A 1 122 ? -10.334 -3.304  6.247   0.50 14.77 ? 123 GLU X OE2 1 
ATOM   951  N N   . GLU A 1 123 ? -4.228  -4.403  5.543   1.00 11.27 ? 124 GLU X N   1 
ATOM   952  C CA  . GLU A 1 123 ? -3.011  -4.459  4.738   1.00 10.81 ? 124 GLU X CA  1 
ATOM   953  C C   . GLU A 1 123 ? -3.435  -4.705  3.307   1.00 10.24 ? 124 GLU X C   1 
ATOM   954  O O   . GLU A 1 123 ? -4.305  -5.559  3.053   1.00 9.64  ? 124 GLU X O   1 
ATOM   955  C CB  . GLU A 1 123 ? -2.146  -5.638  5.177   1.00 10.69 ? 124 GLU X CB  1 
ATOM   956  C CG  . GLU A 1 123 ? -1.581  -5.562  6.626   1.00 12.33 ? 124 GLU X CG  1 
ATOM   957  C CD  . GLU A 1 123 ? -1.067  -6.908  7.120   1.00 14.37 ? 124 GLU X CD  1 
ATOM   958  O OE1 . GLU A 1 123 ? -1.849  -7.708  7.692   1.00 15.19 ? 124 GLU X OE1 1 
ATOM   959  O OE2 . GLU A 1 123 ? 0.128   -7.177  6.953   1.00 15.23 ? 124 GLU X OE2 1 
ATOM   960  N N   . LYS A 1 124 ? -2.839  -3.974  2.372   1.00 10.04 ? 125 LYS X N   1 
ATOM   961  C CA  . LYS A 1 124 ? -3.218  -4.086  0.978   1.00 10.29 ? 125 LYS X CA  1 
ATOM   962  C C   . LYS A 1 124 ? -2.021  -4.627  0.220   1.00 10.42 ? 125 LYS X C   1 
ATOM   963  O O   . LYS A 1 124 ? -0.946  -4.009  0.233   1.00 10.10 ? 125 LYS X O   1 
ATOM   964  C CB  . LYS A 1 124 ? -3.642  -2.726  0.392   1.00 11.05 ? 125 LYS X CB  1 
ATOM   965  C CG  . LYS A 1 124 ? -4.966  -2.168  0.999   1.00 11.59 ? 125 LYS X CG  1 
ATOM   966  C CD  . LYS A 1 124 ? -5.496  -0.986  0.194   1.00 15.96 ? 125 LYS X CD  1 
ATOM   967  C CE  . LYS A 1 124 ? -6.765  -0.449  0.882   1.00 19.90 ? 125 LYS X CE  1 
ATOM   968  N NZ  . LYS A 1 124 ? -7.322  0.781   0.217   1.00 23.44 ? 125 LYS X NZ  1 
ATOM   969  N N   . TYR A 1 125 ? -2.212  -5.777  -0.431  1.00 9.33  ? 126 TYR X N   1 
ATOM   970  C CA  . TYR A 1 125 ? -1.183  -6.373  -1.270  1.00 8.54  ? 126 TYR X CA  1 
ATOM   971  C C   . TYR A 1 125 ? -1.519  -6.306  -2.767  1.00 8.63  ? 126 TYR X C   1 
ATOM   972  O O   . TYR A 1 125 ? -2.674  -6.450  -3.189  1.00 8.94  ? 126 TYR X O   1 
ATOM   973  C CB  . TYR A 1 125 ? -0.950  -7.818  -0.824  1.00 8.00  ? 126 TYR X CB  1 
ATOM   974  C CG  . TYR A 1 125 ? -0.108  -7.961  0.414   1.00 8.99  ? 126 TYR X CG  1 
ATOM   975  C CD1 . TYR A 1 125 ? 1.275   -7.918  0.325   1.00 9.72  ? 126 TYR X CD1 1 
ATOM   976  C CD2 . TYR A 1 125 ? -0.694  -8.135  1.679   1.00 9.21  ? 126 TYR X CD2 1 
ATOM   977  C CE1 . TYR A 1 125 ? 2.066   -8.072  1.465   1.00 11.69 ? 126 TYR X CE1 1 
ATOM   978  C CE2 . TYR A 1 125 ? 0.097   -8.292  2.832   1.00 12.39 ? 126 TYR X CE2 1 
ATOM   979  C CZ  . TYR A 1 125 ? 1.478   -8.245  2.697   1.00 14.51 ? 126 TYR X CZ  1 
ATOM   980  O OH  . TYR A 1 125 ? 2.310   -8.392  3.773   1.00 15.78 ? 126 TYR X OH  1 
ATOM   981  N N   . TYR A 1 126 ? -0.492  -6.062  -3.568  1.00 8.20  ? 127 TYR X N   1 
ATOM   982  C CA  . TYR A 1 126 ? -0.624  -6.015  -5.007  1.00 7.92  ? 127 TYR X CA  1 
ATOM   983  C C   . TYR A 1 126 ? 0.350   -7.032  -5.574  1.00 8.25  ? 127 TYR X C   1 
ATOM   984  O O   . TYR A 1 126 ? 1.552   -7.006  -5.283  1.00 8.30  ? 127 TYR X O   1 
ATOM   985  C CB  . TYR A 1 126 ? -0.245  -4.616  -5.457  1.00 8.86  ? 127 TYR X CB  1 
ATOM   986  C CG  . TYR A 1 126 ? -0.009  -4.453  -6.951  1.00 9.30  ? 127 TYR X CG  1 
ATOM   987  C CD1 . TYR A 1 126 ? -1.056  -4.461  -7.858  1.00 12.30 ? 127 TYR X CD1 1 
ATOM   988  C CD2 . TYR A 1 126 ? 1.288   -4.293  -7.449  1.00 11.12 ? 127 TYR X CD2 1 
ATOM   989  C CE1 . TYR A 1 126 ? -0.811  -4.276  -9.249  1.00 13.61 ? 127 TYR X CE1 1 
ATOM   990  C CE2 . TYR A 1 126 ? 1.525   -4.116  -8.807  1.00 12.77 ? 127 TYR X CE2 1 
ATOM   991  C CZ  . TYR A 1 126 ? 0.486   -4.110  -9.687  1.00 15.99 ? 127 TYR X CZ  1 
ATOM   992  O OH  . TYR A 1 126 ? 0.780   -3.954  -11.031 1.00 17.90 ? 127 TYR X OH  1 
ATOM   993  N N   . CYS A 1 127 ? -0.173  -7.969  -6.344  1.00 8.96  ? 128 CYS X N   1 
ATOM   994  C CA  . CYS A 1 127 ? 0.661   -9.041  -6.850  1.00 9.12  ? 128 CYS X CA  1 
ATOM   995  C C   . CYS A 1 127 ? 0.763   -8.973  -8.375  1.00 8.81  ? 128 CYS X C   1 
ATOM   996  O O   . CYS A 1 127 ? -0.213  -9.270  -9.082  1.00 8.67  ? 128 CYS X O   1 
ATOM   997  C CB  . CYS A 1 127 ? 0.053   -10.385 -6.425  1.00 8.60  ? 128 CYS X CB  1 
ATOM   998  S SG  . CYS A 1 127 ? -0.179  -10.542 -4.674  1.00 10.45 ? 128 CYS X SG  1 
ATOM   999  N N   . ALA A 1 128 ? 1.936   -8.616  -8.894  1.00 9.49  ? 129 ALA X N   1 
ATOM   1000 C CA  . ALA A 1 128 ? 2.087   -8.454  -10.359 1.00 10.09 ? 129 ALA X CA  1 
ATOM   1001 C C   . ALA A 1 128 ? 2.425   -9.804  -10.982 1.00 9.96  ? 129 ALA X C   1 
ATOM   1002 O O   . ALA A 1 128 ? 3.216   -10.551 -10.429 1.00 9.07  ? 129 ALA X O   1 
ATOM   1003 C CB  . ALA A 1 128 ? 3.219   -7.478  -10.652 1.00 10.60 ? 129 ALA X CB  1 
ATOM   1004 N N   . ALA A 1 129 ? 1.828   -10.103 -12.137 1.00 10.05 ? 130 ALA X N   1 
ATOM   1005 C CA  . ALA A 1 129 ? 2.116   -11.332 -12.847 1.00 10.79 ? 130 ALA X CA  1 
ATOM   1006 C C   . ALA A 1 129 ? 3.385   -11.213 -13.705 1.00 11.68 ? 130 ALA X C   1 
ATOM   1007 O O   . ALA A 1 129 ? 3.912   -12.231 -14.175 1.00 12.56 ? 130 ALA X O   1 
ATOM   1008 C CB  . ALA A 1 129 ? 0.915   -11.737 -13.734 1.00 10.45 ? 130 ALA X CB  1 
ATOM   1009 N N   . ALA A 1 130 ? 3.865   -9.989  -13.908 1.00 12.08 ? 131 ALA X N   1 
ATOM   1010 C CA  . ALA A 1 130 ? 5.027   -9.772  -14.788 1.00 13.14 ? 131 ALA X CA  1 
ATOM   1011 C C   . ALA A 1 130 ? 5.737   -8.474  -14.433 1.00 14.31 ? 131 ALA X C   1 
ATOM   1012 O O   . ALA A 1 130 ? 5.224   -7.666  -13.677 1.00 13.36 ? 131 ALA X O   1 
ATOM   1013 C CB  . ALA A 1 130 ? 4.576   -9.754  -16.264 1.00 13.53 ? 131 ALA X CB  1 
ATOM   1014 N N   . THR A 1 131 ? 6.969   -8.305  -14.909 1.00 15.46 ? 132 THR X N   1 
ATOM   1015 C CA  . THR A 1 131 ? 7.641   -7.015  -14.736 1.00 16.83 ? 132 THR X CA  1 
ATOM   1016 C C   . THR A 1 131 ? 7.009   -5.964  -15.636 1.00 17.82 ? 132 THR X C   1 
ATOM   1017 O O   . THR A 1 131 ? 6.159   -6.275  -16.485 1.00 18.71 ? 132 THR X O   1 
ATOM   1018 C CB  . THR A 1 131 ? 9.100   -7.147  -15.104 1.00 17.51 ? 132 THR X CB  1 
ATOM   1019 O OG1 . THR A 1 131 ? 9.174   -7.668  -16.443 1.00 17.17 ? 132 THR X OG1 1 
ATOM   1020 C CG2 . THR A 1 131 ? 9.794   -8.099  -14.152 1.00 18.53 ? 132 THR X CG2 1 
ATOM   1021 N N   . GLY A 1 132 ? 7.398   -4.705  -15.441 1.00 18.13 ? 133 GLY X N   1 
ATOM   1022 C CA  . GLY A 1 132 ? 7.021   -3.647  -16.358 1.00 19.15 ? 133 GLY X CA  1 
ATOM   1023 C C   . GLY A 1 132 ? 5.801   -2.885  -15.922 1.00 20.65 ? 133 GLY X C   1 
ATOM   1024 O O   . GLY A 1 132 ? 5.302   -3.081  -14.802 1.00 20.33 ? 133 GLY X O   1 
ATOM   1025 N N   . LEU A 1 133 ? 5.301   -2.034  -16.816 1.00 21.21 ? 134 LEU X N   1 
ATOM   1026 C CA  . LEU A 1 133 ? 4.151   -1.181  -16.528 1.00 22.55 ? 134 LEU X CA  1 
ATOM   1027 C C   . LEU A 1 133 ? 2.845   -1.919  -16.768 1.00 22.19 ? 134 LEU X C   1 
ATOM   1028 O O   . LEU A 1 133 ? 2.696   -2.662  -17.757 1.00 22.67 ? 134 LEU X O   1 
ATOM   1029 C CB  . LEU A 1 133 ? 4.154   0.074   -17.414 1.00 23.39 ? 134 LEU X CB  1 
ATOM   1030 C CG  . LEU A 1 133 ? 5.120   1.218   -17.099 1.00 26.42 ? 134 LEU X CG  1 
ATOM   1031 C CD1 . LEU A 1 133 ? 4.972   2.317   -18.177 1.00 29.96 ? 134 LEU X CD1 1 
ATOM   1032 C CD2 . LEU A 1 133 ? 4.836   1.794   -15.725 1.00 28.27 ? 134 LEU X CD2 1 
ATOM   1033 N N   . PHE A 1 134 ? 1.892   -1.672  -15.883 1.00 21.17 ? 135 PHE X N   1 
ATOM   1034 C CA  . PHE A 1 134 ? 0.550   -2.186  -16.027 1.00 20.27 ? 135 PHE X CA  1 
ATOM   1035 C C   . PHE A 1 134 ? 0.517   -3.658  -16.382 1.00 18.10 ? 135 PHE X C   1 
ATOM   1036 O O   . PHE A 1 134 ? -0.151  -4.050  -17.309 1.00 17.65 ? 135 PHE X O   1 
ATOM   1037 C CB  . PHE A 1 134 ? -0.239  -1.317  -17.014 1.00 21.30 ? 135 PHE X CB  1 
ATOM   1038 C CG  . PHE A 1 134 ? -0.508  0.068   -16.475 1.00 25.52 ? 135 PHE X CG  1 
ATOM   1039 C CD1 . PHE A 1 134 ? -1.360  0.239   -15.379 1.00 28.66 ? 135 PHE X CD1 1 
ATOM   1040 C CD2 . PHE A 1 134 ? 0.129   1.181   -17.004 1.00 28.31 ? 135 PHE X CD2 1 
ATOM   1041 C CE1 . PHE A 1 134 ? -1.612  1.505   -14.847 1.00 28.70 ? 135 PHE X CE1 1 
ATOM   1042 C CE2 . PHE A 1 134 ? -0.107  2.450   -16.474 1.00 26.72 ? 135 PHE X CE2 1 
ATOM   1043 C CZ  . PHE A 1 134 ? -0.977  2.612   -15.401 1.00 30.15 ? 135 PHE X CZ  1 
ATOM   1044 N N   . PRO A 1 135 ? 1.208   -4.490  -15.596 1.00 16.52 ? 136 PRO X N   1 
ATOM   1045 C CA  . PRO A 1 135 ? 1.092   -5.921  -15.844 1.00 15.53 ? 136 PRO X CA  1 
ATOM   1046 C C   . PRO A 1 135 ? -0.272  -6.469  -15.385 1.00 14.81 ? 136 PRO X C   1 
ATOM   1047 O O   . PRO A 1 135 ? -0.987  -5.789  -14.640 1.00 15.30 ? 136 PRO X O   1 
ATOM   1048 C CB  . PRO A 1 135 ? 2.197   -6.508  -14.977 1.00 15.83 ? 136 PRO X CB  1 
ATOM   1049 C CG  . PRO A 1 135 ? 2.302   -5.548  -13.789 1.00 16.04 ? 136 PRO X CG  1 
ATOM   1050 C CD  . PRO A 1 135 ? 1.929   -4.174  -14.347 1.00 16.47 ? 136 PRO X CD  1 
ATOM   1051 N N   . PRO A 1 136 ? -0.640  -7.680  -15.835 1.00 13.18 ? 137 PRO X N   1 
ATOM   1052 C CA  . PRO A 1 136 ? -1.770  -8.377  -15.219 1.00 12.43 ? 137 PRO X CA  1 
ATOM   1053 C C   . PRO A 1 136 ? -1.483  -8.486  -13.715 1.00 11.73 ? 137 PRO X C   1 
ATOM   1054 O O   . PRO A 1 136 ? -0.330  -8.546  -13.331 1.00 11.00 ? 137 PRO X O   1 
ATOM   1055 C CB  . PRO A 1 136 ? -1.725  -9.764  -15.873 1.00 12.56 ? 137 PRO X CB  1 
ATOM   1056 C CG  . PRO A 1 136 ? -0.961  -9.542  -17.212 1.00 13.07 ? 137 PRO X CG  1 
ATOM   1057 C CD  . PRO A 1 136 ? 0.083   -8.522  -16.811 1.00 12.79 ? 137 PRO X CD  1 
ATOM   1058 N N   . SER A 1 137 ? -2.506  -8.470  -12.867 1.00 11.49 ? 138 SER X N   1 
ATOM   1059 C CA  . SER A 1 137 ? -2.226  -8.459  -11.435 1.00 9.94  ? 138 SER X CA  1 
ATOM   1060 C C   . SER A 1 137 ? -3.391  -9.003  -10.643 1.00 9.53  ? 138 SER X C   1 
ATOM   1061 O O   . SER A 1 137 ? -4.491  -9.180  -11.158 1.00 9.24  ? 138 SER X O   1 
ATOM   1062 C CB  . SER A 1 137 ? -1.912  -7.039  -10.943 1.00 9.92  ? 138 SER X CB  1 
ATOM   1063 O OG  . SER A 1 137 ? -3.063  -6.206  -11.034 1.00 11.50 ? 138 SER X OG  1 
ATOM   1064 N N   . ALA A 1 138 ? -3.110  -9.286  -9.384  1.00 8.24  ? 139 ALA X N   1 
ATOM   1065 C CA  . ALA A 1 138 ? -4.175  -9.504  -8.407  1.00 8.85  ? 139 ALA X CA  1 
ATOM   1066 C C   . ALA A 1 138 ? -3.939  -8.601  -7.202  1.00 8.40  ? 139 ALA X C   1 
ATOM   1067 O O   . ALA A 1 138 ? -2.791  -8.228  -6.899  1.00 10.17 ? 139 ALA X O   1 
ATOM   1068 C CB  . ALA A 1 138 ? -4.230  -10.981 -8.000  1.00 8.26  ? 139 ALA X CB  1 
ATOM   1069 N N   . SER A 1 139 ? -5.028  -8.240  -6.524  1.00 7.84  ? 140 SER X N   1 
ATOM   1070 C CA  . SER A 1 139 ? -4.980  -7.456  -5.296  1.00 8.45  ? 140 SER X CA  1 
ATOM   1071 C C   . SER A 1 139 ? -5.651  -8.276  -4.200  1.00 7.79  ? 140 SER X C   1 
ATOM   1072 O O   . SER A 1 139 ? -6.708  -8.887  -4.420  1.00 7.57  ? 140 SER X O   1 
ATOM   1073 C CB  . SER A 1 139 ? -5.773  -6.159  -5.461  1.00 9.23  ? 140 SER X CB  1 
ATOM   1074 O OG  . SER A 1 139 ? -5.124  -5.340  -6.438  1.00 12.84 ? 140 SER X OG  1 
ATOM   1075 N N   . PHE A 1 140 ? -5.087  -8.206  -3.003  1.00 7.86  ? 141 PHE X N   1 
ATOM   1076 C CA  . PHE A 1 140 ? -5.621  -8.929  -1.866  1.00 9.12  ? 141 PHE X CA  1 
ATOM   1077 C C   . PHE A 1 140 ? -5.536  -8.004  -0.679  1.00 9.28  ? 141 PHE X C   1 
ATOM   1078 O O   . PHE A 1 140 ? -4.471  -7.455  -0.408  1.00 10.68 ? 141 PHE X O   1 
ATOM   1079 C CB  . PHE A 1 140 ? -4.758  -10.169 -1.578  1.00 8.54  ? 141 PHE X CB  1 
ATOM   1080 C CG  . PHE A 1 140 ? -4.771  -11.183 -2.683  1.00 7.09  ? 141 PHE X CG  1 
ATOM   1081 C CD1 . PHE A 1 140 ? -5.910  -11.949 -2.923  1.00 6.12  ? 141 PHE X CD1 1 
ATOM   1082 C CD2 . PHE A 1 140 ? -3.632  -11.413 -3.449  1.00 8.16  ? 141 PHE X CD2 1 
ATOM   1083 C CE1 . PHE A 1 140 ? -5.902  -12.897 -3.968  1.00 7.01  ? 141 PHE X CE1 1 
ATOM   1084 C CE2 . PHE A 1 140 ? -3.617  -12.379 -4.458  1.00 9.41  ? 141 PHE X CE2 1 
ATOM   1085 C CZ  . PHE A 1 140 ? -4.754  -13.102 -4.727  1.00 6.88  ? 141 PHE X CZ  1 
ATOM   1086 N N   . HIS A 1 141 ? -6.635  -7.822  0.048   1.00 8.34  ? 142 HIS X N   1 
ATOM   1087 C CA  . HIS A 1 141 ? -6.566  -6.999  1.258   1.00 9.37  ? 142 HIS X CA  1 
ATOM   1088 C C   . HIS A 1 141 ? -6.834  -7.879  2.482   1.00 9.01  ? 142 HIS X C   1 
ATOM   1089 O O   . HIS A 1 141 ? -7.760  -8.700  2.468   1.00 10.20 ? 142 HIS X O   1 
ATOM   1090 C CB  . HIS A 1 141 ? -7.580  -5.824  1.196   1.00 9.75  ? 142 HIS X CB  1 
ATOM   1091 C CG  . HIS A 1 141 ? -7.377  -4.912  0.020   1.00 11.69 ? 142 HIS X CG  1 
ATOM   1092 N ND1 . HIS A 1 141 ? -8.236  -3.880  -0.265  1.00 13.34 ? 142 HIS X ND1 1 
ATOM   1093 C CD2 . HIS A 1 141 ? -6.445  -4.905  -0.961  1.00 11.29 ? 142 HIS X CD2 1 
ATOM   1094 C CE1 . HIS A 1 141 ? -7.835  -3.258  -1.356  1.00 10.51 ? 142 HIS X CE1 1 
ATOM   1095 N NE2 . HIS A 1 141 ? -6.758  -3.867  -1.812  1.00 12.46 ? 142 HIS X NE2 1 
ATOM   1096 N N   . LEU A 1 142 ? -6.054  -7.694  3.547   1.00 8.65  ? 143 LEU X N   1 
ATOM   1097 C CA  . LEU A 1 142 ? -6.245  -8.448  4.783   1.00 9.35  ? 143 LEU X CA  1 
ATOM   1098 C C   . LEU A 1 142 ? -6.756  -7.497  5.853   1.00 9.54  ? 143 LEU X C   1 
ATOM   1099 O O   . LEU A 1 142 ? -6.342  -6.334  5.881   1.00 10.14 ? 143 LEU X O   1 
ATOM   1100 C CB  . LEU A 1 142 ? -4.904  -9.052  5.224   1.00 8.67  ? 143 LEU X CB  1 
ATOM   1101 C CG  . LEU A 1 142 ? -4.280  -10.098 4.319   1.00 9.59  ? 143 LEU X CG  1 
ATOM   1102 C CD1 . LEU A 1 142 ? -2.843  -10.414 4.832   1.00 12.86 ? 143 LEU X CD1 1 
ATOM   1103 C CD2 . LEU A 1 142 ? -5.146  -11.359 4.316   1.00 11.52 ? 143 LEU X CD2 1 
ATOM   1104 N N   . THR A 1 143 ? -7.695  -7.949  6.686   1.00 9.30  ? 144 THR X N   1 
ATOM   1105 C CA  . THR A 1 143 ? -8.134  -7.155  7.828   1.00 10.00 ? 144 THR X CA  1 
ATOM   1106 C C   . THR A 1 143 ? -7.956  -8.077  9.055   1.00 10.96 ? 144 THR X C   1 
ATOM   1107 O O   . THR A 1 143 ? -8.558  -9.161  9.096   1.00 10.22 ? 144 THR X O   1 
ATOM   1108 C CB  . THR A 1 143 ? -9.620  -6.706  7.669   1.00 9.30  ? 144 THR X CB  1 
ATOM   1109 O OG1 . THR A 1 143 ? -9.799  -5.973  6.442   1.00 9.57  ? 144 THR X OG1 1 
ATOM   1110 C CG2 . THR A 1 143 ? -10.062 -5.818  8.845   1.00 11.24 ? 144 THR X CG2 1 
ATOM   1111 N N   . ASP A 1 144 ? -7.145  -7.649  10.029  1.00 11.63 ? 145 ASP X N   1 
ATOM   1112 C CA  . ASP A 1 144 ? -6.717  -8.520  11.136  1.00 13.20 ? 145 ASP X CA  1 
ATOM   1113 C C   . ASP A 1 144 ? -6.399  -9.943  10.669  1.00 13.71 ? 145 ASP X C   1 
ATOM   1114 O O   . ASP A 1 144 ? -6.875  -10.938 11.228  1.00 13.15 ? 145 ASP X O   1 
ATOM   1115 C CB  . ASP A 1 144 ? -7.764  -8.507  12.237  1.00 14.56 ? 145 ASP X CB  1 
ATOM   1116 C CG  . ASP A 1 144 ? -7.886  -7.135  12.886  1.00 16.96 ? 145 ASP X CG  1 
ATOM   1117 O OD1 . ASP A 1 144 ? -6.856  -6.434  13.003  1.00 21.37 ? 145 ASP X OD1 1 
ATOM   1118 O OD2 . ASP A 1 144 ? -9.003  -6.744  13.240  1.00 21.81 ? 145 ASP X OD2 1 
ATOM   1119 N N   . GLY A 1 145 ? -5.638  -10.014 9.587   1.00 12.94 ? 146 GLY X N   1 
ATOM   1120 C CA  . GLY A 1 145 ? -5.088  -11.274 9.116   1.00 12.50 ? 146 GLY X CA  1 
ATOM   1121 C C   . GLY A 1 145 ? -6.068  -12.203 8.441   1.00 11.43 ? 146 GLY X C   1 
ATOM   1122 O O   . GLY A 1 145 ? -5.783  -13.401 8.312   1.00 11.04 ? 146 GLY X O   1 
ATOM   1123 N N   . VAL A 1 146 ? -7.201  -11.653 7.993   1.00 10.84 ? 147 VAL X N   1 
ATOM   1124 C CA  . VAL A 1 146 ? -8.211  -12.422 7.233   1.00 10.10 ? 147 VAL X CA  1 
ATOM   1125 C C   . VAL A 1 146 ? -8.506  -11.756 5.883   1.00 9.05  ? 147 VAL X C   1 
ATOM   1126 O O   . VAL A 1 146 ? -8.570  -10.522 5.783   1.00 8.55  ? 147 VAL X O   1 
ATOM   1127 C CB  . VAL A 1 146 ? -9.509  -12.568 8.033   1.00 11.44 ? 147 VAL X CB  1 
ATOM   1128 C CG1 . VAL A 1 146 ? -10.628 -13.279 7.201   1.00 9.84  ? 147 VAL X CG1 1 
ATOM   1129 C CG2 . VAL A 1 146 ? -9.220  -13.289 9.383   1.00 11.23 ? 147 VAL X CG2 1 
ATOM   1130 N N   . LEU A 1 147 ? -8.652  -12.566 4.833   1.00 8.50  ? 148 LEU X N   1 
ATOM   1131 C CA  . LEU A 1 147 ? -8.889  -11.959 3.512   1.00 7.64  ? 148 LEU X CA  1 
ATOM   1132 C C   . LEU A 1 147 ? -10.265 -11.273 3.402   1.00 7.69  ? 148 LEU X C   1 
ATOM   1133 O O   . LEU A 1 147 ? -11.310 -11.921 3.535   1.00 8.89  ? 148 LEU X O   1 
ATOM   1134 C CB  . LEU A 1 147 ? -8.676  -12.995 2.386   1.00 6.24  ? 148 LEU X CB  1 
ATOM   1135 C CG  . LEU A 1 147 ? -8.696  -12.419 0.958   1.00 6.98  ? 148 LEU X CG  1 
ATOM   1136 C CD1 . LEU A 1 147 ? -7.449  -11.550 0.693   1.00 7.06  ? 148 LEU X CD1 1 
ATOM   1137 C CD2 . LEU A 1 147 ? -8.688  -13.569 -0.052  1.00 6.42  ? 148 LEU X CD2 1 
ATOM   1138 N N   . THR A 1 148 ? -10.269 -9.955  3.199   1.00 7.47  ? 149 THR X N   1 
ATOM   1139 C CA  . THR A 1 148 ? -11.517 -9.191  3.101   1.00 8.65  ? 149 THR X CA  1 
ATOM   1140 C C   . THR A 1 148 ? -11.725 -8.569  1.718   1.00 8.67  ? 149 THR X C   1 
ATOM   1141 O O   . THR A 1 148 ? -12.778 -7.988  1.457   1.00 8.25  ? 149 THR X O   1 
ATOM   1142 C CB  . THR A 1 148 ? -11.583 -8.093  4.203   1.00 8.55  ? 149 THR X CB  1 
ATOM   1143 O OG1 . THR A 1 148 ? -10.373 -7.327  4.147   1.00 10.20 ? 149 THR X OG1 1 
ATOM   1144 C CG2 . THR A 1 148 ? -11.672 -8.741  5.593   1.00 9.29  ? 149 THR X CG2 1 
ATOM   1145 N N   . TYR A 1 149 ? -10.726 -8.672  0.832   1.00 8.29  ? 150 TYR X N   1 
ATOM   1146 C CA  . TYR A 1 149 ? -10.916 -8.197  -0.560  1.00 8.13  ? 150 TYR X CA  1 
ATOM   1147 C C   . TYR A 1 149 ? -10.012 -8.963  -1.500  1.00 8.95  ? 150 TYR X C   1 
ATOM   1148 O O   . TYR A 1 149 ? -8.852  -9.152  -1.198  1.00 8.57  ? 150 TYR X O   1 
ATOM   1149 C CB  . TYR A 1 149 ? -10.565 -6.709  -0.689  1.00 8.04  ? 150 TYR X CB  1 
ATOM   1150 C CG  . TYR A 1 149 ? -10.835 -6.153  -2.085  1.00 7.82  ? 150 TYR X CG  1 
ATOM   1151 C CD1 . TYR A 1 149 ? -12.133 -5.999  -2.553  1.00 8.38  ? 150 TYR X CD1 1 
ATOM   1152 C CD2 . TYR A 1 149 ? -9.797  -5.807  -2.928  1.00 5.15  ? 150 TYR X CD2 1 
ATOM   1153 C CE1 . TYR A 1 149 ? -12.404 -5.477  -3.814  1.00 9.03  ? 150 TYR X CE1 1 
ATOM   1154 C CE2 . TYR A 1 149 ? -10.063 -5.290  -4.249  1.00 6.82  ? 150 TYR X CE2 1 
ATOM   1155 C CZ  . TYR A 1 149 ? -11.368 -5.147  -4.661  1.00 8.81  ? 150 TYR X CZ  1 
ATOM   1156 O OH  . TYR A 1 149 ? -11.648 -4.643  -5.909  1.00 9.03  ? 150 TYR X OH  1 
ATOM   1157 N N   . ARG A 1 150 ? -10.523 -9.361  -2.661  1.00 7.42  ? 151 ARG X N   1 
ATOM   1158 C CA  . ARG A 1 150 ? -9.670  -9.997  -3.668  1.00 6.22  ? 151 ARG X CA  1 
ATOM   1159 C C   . ARG A 1 150 ? -10.170 -9.515  -5.037  1.00 6.23  ? 151 ARG X C   1 
ATOM   1160 O O   . ARG A 1 150 ? -11.379 -9.384  -5.249  1.00 7.15  ? 151 ARG X O   1 
ATOM   1161 C CB  . ARG A 1 150 ? -9.736  -11.530 -3.542  1.00 5.86  ? 151 ARG X CB  1 
ATOM   1162 C CG  . ARG A 1 150 ? -11.200 -12.105 -3.516  1.00 7.51  ? 151 ARG X CG  1 
ATOM   1163 C CD  . ARG A 1 150 ? -11.204 -13.636 -3.222  1.00 7.87  ? 151 ARG X CD  1 
ATOM   1164 N NE  . ARG A 1 150 ? -10.753 -14.480 -4.344  1.00 7.07  ? 151 ARG X NE  1 
ATOM   1165 C CZ  . ARG A 1 150 ? -11.514 -14.861 -5.375  1.00 9.82  ? 151 ARG X CZ  1 
ATOM   1166 N NH1 . ARG A 1 150 ? -12.779 -14.423 -5.495  1.00 9.12  ? 151 ARG X NH1 1 
ATOM   1167 N NH2 . ARG A 1 150 ? -11.021 -15.663 -6.320  1.00 8.65  ? 151 ARG X NH2 1 
ATOM   1168 N N   . TYR A 1 151 ? -9.247  -9.219  -5.933  1.00 7.24  ? 152 TYR X N   1 
ATOM   1169 C CA  . TYR A 1 151 ? -9.590  -8.757  -7.271  1.00 8.04  ? 152 TYR X CA  1 
ATOM   1170 C C   . TYR A 1 151 ? -8.481  -9.208  -8.206  1.00 8.31  ? 152 TYR X C   1 
ATOM   1171 O O   . TYR A 1 151 ? -7.312  -9.276  -7.795  1.00 8.49  ? 152 TYR X O   1 
ATOM   1172 C CB  . TYR A 1 151 ? -9.677  -7.226  -7.278  1.00 8.85  ? 152 TYR X CB  1 
ATOM   1173 C CG  . TYR A 1 151 ? -10.214 -6.682  -8.569  1.00 9.25  ? 152 TYR X CG  1 
ATOM   1174 C CD1 . TYR A 1 151 ? -11.589 -6.693  -8.819  1.00 10.39 ? 152 TYR X CD1 1 
ATOM   1175 C CD2 . TYR A 1 151 ? -9.369  -6.155  -9.533  1.00 13.13 ? 152 TYR X CD2 1 
ATOM   1176 C CE1 . TYR A 1 151 ? -12.088 -6.203  -10.007 1.00 13.10 ? 152 TYR X CE1 1 
ATOM   1177 C CE2 . TYR A 1 151 ? -9.884  -5.658  -10.727 1.00 13.47 ? 152 TYR X CE2 1 
ATOM   1178 C CZ  . TYR A 1 151 ? -11.238 -5.689  -10.940 1.00 13.73 ? 152 TYR X CZ  1 
ATOM   1179 O OH  . TYR A 1 151 ? -11.720 -5.198  -12.140 1.00 14.60 ? 152 TYR X OH  1 
ATOM   1180 N N   . GLN A 1 152 ? -8.814  -9.487  -9.467  1.00 8.83  ? 153 GLN X N   1 
ATOM   1181 C CA  . GLN A 1 152 ? -7.767  -9.707  -10.456 1.00 10.01 ? 153 GLN X CA  1 
ATOM   1182 C C   . GLN A 1 152 ? -8.077  -9.063  -11.801 1.00 10.57 ? 153 GLN X C   1 
ATOM   1183 O O   . GLN A 1 152 ? -9.229  -8.922  -12.191 1.00 10.28 ? 153 GLN X O   1 
ATOM   1184 C CB  . GLN A 1 152 ? -7.433  -11.197 -10.633 1.00 10.56 ? 153 GLN X CB  1 
ATOM   1185 C CG  . GLN A 1 152 ? -8.510  -11.998 -11.346 1.00 10.62 ? 153 GLN X CG  1 
ATOM   1186 C CD  . GLN A 1 152 ? -8.401  -11.919 -12.867 1.00 12.73 ? 153 GLN X CD  1 
ATOM   1187 O OE1 . GLN A 1 152 ? -7.347  -11.595 -13.423 1.00 13.97 ? 153 GLN X OE1 1 
ATOM   1188 N NE2 . GLN A 1 152 ? -9.483  -12.224 -13.532 1.00 18.83 ? 153 GLN X NE2 1 
ATOM   1189 N N   . ARG A 1 153 ? -7.018  -8.654  -12.488 1.00 11.61 ? 154 ARG X N   1 
ATOM   1190 C CA  . ARG A 1 153 ? -7.147  -8.036  -13.800 1.00 13.16 ? 154 ARG X CA  1 
ATOM   1191 C C   . ARG A 1 153 ? -6.207  -8.730  -14.767 1.00 12.46 ? 154 ARG X C   1 
ATOM   1192 O O   . ARG A 1 153 ? -4.990  -8.695  -14.597 1.00 10.93 ? 154 ARG X O   1 
ATOM   1193 C CB  . ARG A 1 153 ? -6.768  -6.563  -13.695 1.00 15.84 ? 154 ARG X CB  1 
ATOM   1194 C CG  . ARG A 1 153 ? -5.291  -6.376  -13.249 1.00 19.69 ? 154 ARG X CG  1 
ATOM   1195 C CD  . ARG A 1 153 ? -4.673  -5.056  -13.739 1.00 27.26 ? 154 ARG X CD  1 
ATOM   1196 N NE  . ARG A 1 153 ? -3.227  -4.955  -13.520 1.00 26.06 ? 154 ARG X NE  1 
ATOM   1197 C CZ  . ARG A 1 153 ? -2.648  -4.023  -12.747 1.00 31.48 ? 154 ARG X CZ  1 
ATOM   1198 N NH1 . ARG A 1 153 ? -1.319  -3.983  -12.611 1.00 29.90 ? 154 ARG X NH1 1 
ATOM   1199 N NH2 . ARG A 1 153 ? -3.397  -3.103  -12.132 1.00 29.74 ? 154 ARG X NH2 1 
ATOM   1200 N N   . SER A 1 154 ? -6.791  -9.400  -15.758 1.00 12.27 ? 155 SER X N   1 
ATOM   1201 C CA  . SER A 1 154 ? -6.042  -9.928  -16.891 1.00 13.38 ? 155 SER X CA  1 
ATOM   1202 C C   . SER A 1 154 ? -5.112  -11.072 -16.590 1.00 13.29 ? 155 SER X C   1 
ATOM   1203 O O   . SER A 1 154 ? -4.231  -11.348 -17.403 1.00 13.25 ? 155 SER X O   1 
ATOM   1204 C CB  . SER A 1 154 ? -5.222  -8.818  -17.583 1.00 13.17 ? 155 SER X CB  1 
ATOM   1205 O OG  . SER A 1 154 ? -6.113  -7.849  -18.099 1.00 15.70 ? 155 SER X OG  1 
ATOM   1206 N N   . LEU A 1 155 ? -5.289  -11.756 -15.456 1.00 12.69 ? 156 LEU X N   1 
ATOM   1207 C CA  . LEU A 1 155 ? -4.426  -12.902 -15.176 1.00 12.41 ? 156 LEU X CA  1 
ATOM   1208 C C   . LEU A 1 155 ? -4.617  -14.011 -16.187 1.00 12.76 ? 156 LEU X C   1 
ATOM   1209 O O   . LEU A 1 155 ? -5.717  -14.186 -16.721 1.00 14.52 ? 156 LEU X O   1 
ATOM   1210 C CB  . LEU A 1 155 ? -4.676  -13.462 -13.777 1.00 12.09 ? 156 LEU X CB  1 
ATOM   1211 C CG  . LEU A 1 155 ? -4.214  -12.586 -12.614 1.00 11.95 ? 156 LEU X CG  1 
ATOM   1212 C CD1 . LEU A 1 155 ? -4.584  -13.328 -11.324 1.00 11.49 ? 156 LEU X CD1 1 
ATOM   1213 C CD2 . LEU A 1 155 ? -2.702  -12.261 -12.682 1.00 11.02 ? 156 LEU X CD2 1 
ATOM   1214 N N   . THR A 1 156 ? -3.555  -14.785 -16.396 1.00 13.78 ? 157 THR X N   1 
ATOM   1215 C CA  . THR A 1 156 ? -3.569  -15.989 -17.227 1.00 15.25 ? 157 THR X CA  1 
ATOM   1216 C C   . THR A 1 156 ? -3.392  -17.144 -16.278 1.00 14.09 ? 157 THR X C   1 
ATOM   1217 O O   . THR A 1 156 ? -2.587  -17.037 -15.343 1.00 13.91 ? 157 THR X O   1 
ATOM   1218 C CB  . THR A 1 156 ? -2.322  -16.051 -18.159 1.00 14.85 ? 157 THR X CB  1 
ATOM   1219 O OG1 . THR A 1 156 ? -2.351  -14.947 -19.060 1.00 22.83 ? 157 THR X OG1 1 
ATOM   1220 C CG2 . THR A 1 156 ? -2.326  -17.342 -18.985 1.00 18.36 ? 157 THR X CG2 1 
ATOM   1221 O OXT . THR A 1 156 ? -4.021  -18.186 -16.432 1.00 14.11 ? 157 THR X OXT 1 
HETATM 1222 C C   . TAM B 2 .   ? -10.889 7.585   10.148  1.00 40.14 ? 1   TAM X C   1 
HETATM 1223 C C1  . TAM B 2 .   ? -11.418 6.932   8.889   1.00 40.41 ? 1   TAM X C1  1 
HETATM 1224 C C2  . TAM B 2 .   ? -11.749 7.214   11.354  1.00 40.59 ? 1   TAM X C2  1 
HETATM 1225 C C3  . TAM B 2 .   ? -10.867 9.089   9.965   1.00 40.10 ? 1   TAM X C3  1 
HETATM 1226 C C4  . TAM B 2 .   ? -11.229 5.425   8.948   1.00 39.73 ? 1   TAM X C4  1 
HETATM 1227 C C5  . TAM B 2 .   ? -12.264 5.780   11.269  1.00 41.39 ? 1   TAM X C5  1 
HETATM 1228 C C6  . TAM B 2 .   ? -10.063 9.770   11.068  1.00 39.48 ? 1   TAM X C6  1 
HETATM 1229 N N   . TAM B 2 .   ? -9.524  7.128   10.369  1.00 40.27 ? 1   TAM X N   1 
HETATM 1230 O O4  . TAM B 2 .   ? -11.698 4.863   7.708   1.00 38.68 ? 1   TAM X O4  1 
HETATM 1231 O O5  . TAM B 2 .   ? -13.705 5.768   11.226  1.00 43.22 ? 1   TAM X O5  1 
HETATM 1232 O O6  . TAM B 2 .   ? -9.676  8.817   12.064  1.00 37.15 ? 1   TAM X O6  1 
HETATM 1233 O O   . HOH C 3 .   ? -9.960  18.050  14.090  1.00 28.46 ? 158 HOH X O   1 
HETATM 1234 O O   . HOH C 3 .   ? -12.532 -16.141 8.536   1.00 30.52 ? 159 HOH X O   1 
HETATM 1235 O O   . HOH C 3 .   ? 2.630   18.681  15.606  1.00 36.41 ? 160 HOH X O   1 
HETATM 1236 O O   . HOH C 3 .   ? -15.537 -13.869 4.509   1.00 26.93 ? 161 HOH X O   1 
HETATM 1237 O O   . HOH C 3 .   ? 1.704   -23.702 0.253   1.00 24.06 ? 162 HOH X O   1 
HETATM 1238 O O   . HOH C 3 .   ? 12.403  3.102   11.946  1.00 31.87 ? 163 HOH X O   1 
HETATM 1239 O O   . HOH C 3 .   ? -4.297  10.068  -5.218  1.00 40.75 ? 164 HOH X O   1 
HETATM 1240 O O   . HOH C 3 .   ? -5.440  19.703  -6.433  1.00 32.14 ? 165 HOH X O   1 
HETATM 1241 O O   . HOH C 3 .   ? -11.920 -10.065 -15.316 1.00 39.66 ? 166 HOH X O   1 
HETATM 1242 O O   . HOH C 3 .   ? 5.648   -3.404  -12.414 1.00 38.77 ? 167 HOH X O   1 
HETATM 1243 O O   . HOH C 3 .   ? 2.660   2.337   17.959  1.00 30.99 ? 168 HOH X O   1 
HETATM 1244 O O   . HOH C 3 .   ? 1.678   11.842  17.634  1.00 8.10  ? 169 HOH X O   1 
HETATM 1245 O O   . HOH C 3 .   ? -12.497 -19.779 -7.493  1.00 28.09 ? 170 HOH X O   1 
HETATM 1246 O O   . HOH C 3 .   ? 3.701   -21.016 0.595   1.00 27.45 ? 171 HOH X O   1 
HETATM 1247 O O   . HOH C 3 .   ? -9.296  -0.058  -1.530  1.00 33.79 ? 172 HOH X O   1 
HETATM 1248 O O   . HOH C 3 .   ? 6.011   1.949   14.700  1.00 28.07 ? 173 HOH X O   1 
HETATM 1249 O O   . HOH C 3 .   ? 4.176   -6.131  4.364   1.00 28.50 ? 174 HOH X O   1 
HETATM 1250 O O   . HOH C 3 .   ? 13.976  12.802  8.363   1.00 21.98 ? 175 HOH X O   1 
HETATM 1251 O O   . HOH C 3 .   ? -6.620  -18.556 12.572  1.00 24.36 ? 176 HOH X O   1 
HETATM 1252 O O   . HOH C 3 .   ? -2.893  2.373   -3.178  1.00 29.98 ? 177 HOH X O   1 
HETATM 1253 O O   . HOH C 3 .   ? -13.815 -13.540 9.192   1.00 29.12 ? 178 HOH X O   1 
HETATM 1254 O O   . HOH C 3 .   ? 2.170   -9.915  -19.439 1.00 26.09 ? 179 HOH X O   1 
HETATM 1255 O O   . HOH C 3 .   ? 3.189   18.330  19.644  1.00 40.66 ? 180 HOH X O   1 
HETATM 1256 O O   . HOH C 3 .   ? -4.354  12.189  -1.666  1.00 36.84 ? 181 HOH X O   1 
HETATM 1257 O O   . HOH C 3 .   ? 8.955   -7.029  -10.648 1.00 30.87 ? 182 HOH X O   1 
HETATM 1258 O O   . HOH C 3 .   ? -8.933  -2.225  -9.987  1.00 25.60 ? 183 HOH X O   1 
HETATM 1259 O O   . HOH C 3 .   ? -9.334  -8.996  -16.031 1.00 27.74 ? 184 HOH X O   1 
HETATM 1260 O O   . HOH C 3 .   ? -0.030  -17.715 -17.210 1.00 35.11 ? 185 HOH X O   1 
HETATM 1261 O O   . HOH C 3 .   ? -9.152  -6.350  15.873  1.00 43.71 ? 186 HOH X O   1 
HETATM 1262 O O   . HOH C 3 .   ? -8.070  22.388  -0.248  1.00 39.53 ? 187 HOH X O   1 
HETATM 1263 O O   . HOH C 3 .   ? -11.449 -7.323  12.283  1.00 39.05 ? 188 HOH X O   1 
HETATM 1264 O O   . HOH C 3 .   ? 1.459   -7.548  9.196   1.00 32.68 ? 189 HOH X O   1 
HETATM 1265 O O   . HOH C 3 .   ? 11.551  -9.039  -17.335 1.00 39.70 ? 190 HOH X O   1 
HETATM 1266 O O   . HOH C 3 .   ? -8.037  2.110   4.977   1.00 35.90 ? 191 HOH X O   1 
HETATM 1267 O O   . HOH C 3 .   ? -9.858  -2.990  -7.343  1.00 31.58 ? 192 HOH X O   1 
HETATM 1268 O O   . HOH C 3 .   ? 15.004  10.161  5.770   1.00 25.05 ? 193 HOH X O   1 
HETATM 1269 O O   . HOH C 3 .   ? 7.848   -10.671 -16.394 1.00 27.01 ? 194 HOH X O   1 
HETATM 1270 O O   . HOH C 3 .   ? -10.789 16.014  -4.123  1.00 35.00 ? 195 HOH X O   1 
HETATM 1271 O O   . HOH C 3 .   ? -6.305  -1.399  20.188  1.00 34.90 ? 196 HOH X O   1 
HETATM 1272 O O   . HOH C 3 .   ? 13.013  11.446  -4.976  1.00 33.51 ? 197 HOH X O   1 
HETATM 1273 O O   . HOH C 3 .   ? 4.940   12.921  -10.586 1.00 37.40 ? 198 HOH X O   1 
HETATM 1274 O O   . HOH C 3 .   ? 15.492  3.773   6.519   1.00 36.22 ? 199 HOH X O   1 
HETATM 1275 O O   . HOH C 3 .   ? 11.171  6.010   -7.982  1.00 38.87 ? 200 HOH X O   1 
HETATM 1276 O O   . HOH C 3 .   ? 5.408   15.208  -5.112  1.00 33.37 ? 201 HOH X O   1 
HETATM 1277 O O   . HOH C 3 .   ? -2.943  -8.467  11.598  1.00 27.40 ? 202 HOH X O   1 
HETATM 1278 O O   . HOH C 3 .   ? 15.650  5.173   10.065  1.00 28.90 ? 203 HOH X O   1 
HETATM 1279 O O   . HOH C 3 .   ? 7.343   19.377  9.021   1.00 10.84 ? 204 HOH X O   1 
HETATM 1280 O O   . HOH C 3 .   ? 11.376  7.437   11.661  1.00 12.87 ? 205 HOH X O   1 
HETATM 1281 O O   . HOH C 3 .   ? -5.717  13.412  6.409   1.00 11.25 ? 206 HOH X O   1 
HETATM 1282 O O   . HOH C 3 .   ? -4.181  -2.903  -6.047  1.00 29.26 ? 207 HOH X O   1 
HETATM 1283 O O   . HOH C 3 .   ? 4.398   12.264  17.494  1.00 10.79 ? 208 HOH X O   1 
HETATM 1284 O O   . HOH C 3 .   ? 1.227   -9.236  6.163   1.00 14.85 ? 209 HOH X O   1 
HETATM 1285 O O   . HOH C 3 .   ? -6.713  20.850  3.543   1.00 10.78 ? 210 HOH X O   1 
HETATM 1286 O O   . HOH C 3 .   ? -3.856  21.271  3.522   1.00 9.46  ? 211 HOH X O   1 
HETATM 1287 O O   . HOH C 3 .   ? -5.513  10.162  16.768  1.00 9.40  ? 212 HOH X O   1 
HETATM 1288 O O   . HOH C 3 .   ? 10.123  14.187  11.200  1.00 9.58  ? 213 HOH X O   1 
HETATM 1289 O O   . HOH C 3 .   ? 3.032   -1.230  -6.194  1.00 14.42 ? 214 HOH X O   1 
HETATM 1290 O O   . HOH C 3 .   ? -13.433 -9.379  -3.168  1.00 10.05 ? 215 HOH X O   1 
HETATM 1291 O O   . HOH C 3 .   ? -7.300  0.559   13.848  1.00 13.28 ? 216 HOH X O   1 
HETATM 1292 O O   . HOH C 3 .   ? -7.803  16.733  9.434   1.00 12.60 ? 217 HOH X O   1 
HETATM 1293 O O   . HOH C 3 .   ? 3.712   -7.057  -7.144  1.00 10.17 ? 218 HOH X O   1 
HETATM 1294 O O   . HOH C 3 .   ? -14.623 -14.894 -2.296  1.00 8.36  ? 219 HOH X O   1 
HETATM 1295 O O   . HOH C 3 .   ? 0.607   -4.806  2.958   1.00 16.57 ? 220 HOH X O   1 
HETATM 1296 O O   . HOH C 3 .   ? -12.918 -18.397 -4.751  1.00 19.81 ? 221 HOH X O   1 
HETATM 1297 O O   . HOH C 3 .   ? 1.360   11.717  20.257  1.00 10.83 ? 222 HOH X O   1 
HETATM 1298 O O   . HOH C 3 .   ? -12.924 -12.553 -8.549  1.00 12.82 ? 223 HOH X O   1 
HETATM 1299 O O   . HOH C 3 .   ? -8.365  10.906  7.079   1.00 13.64 ? 224 HOH X O   1 
HETATM 1300 O O   . HOH C 3 .   ? 1.598   18.298  12.976  1.00 9.69  ? 225 HOH X O   1 
HETATM 1301 O O   . HOH C 3 .   ? 1.584   -5.532  5.424   1.00 15.42 ? 226 HOH X O   1 
HETATM 1302 O O   . HOH C 3 .   ? 1.365   -19.405 4.779   1.00 14.43 ? 227 HOH X O   1 
HETATM 1303 O O   . HOH C 3 .   ? 4.311   -0.926  -3.861  1.00 15.39 ? 228 HOH X O   1 
HETATM 1304 O O   . HOH C 3 .   ? -4.357  -7.495  8.695   1.00 16.76 ? 229 HOH X O   1 
HETATM 1305 O O   . HOH C 3 .   ? -10.345 11.041  13.421  1.00 16.94 ? 230 HOH X O   1 
HETATM 1306 O O   . HOH C 3 .   ? 6.744   -17.984 -8.129  1.00 15.71 ? 231 HOH X O   1 
HETATM 1307 O O   . HOH C 3 .   ? 4.008   -17.467 -0.214  1.00 11.99 ? 232 HOH X O   1 
HETATM 1308 O O   . HOH C 3 .   ? 8.103   -9.227  -3.279  1.00 14.46 ? 233 HOH X O   1 
HETATM 1309 O O   . HOH C 3 .   ? -4.937  -0.178  4.201   1.00 14.09 ? 234 HOH X O   1 
HETATM 1310 O O   . HOH C 3 .   ? -10.920 -5.090  2.902   1.00 13.70 ? 235 HOH X O   1 
HETATM 1311 O O   . HOH C 3 .   ? -11.036 18.938  7.157   1.00 15.54 ? 236 HOH X O   1 
HETATM 1312 O O   . HOH C 3 .   ? 6.870   -16.696 -2.727  1.00 16.56 ? 237 HOH X O   1 
HETATM 1313 O O   . HOH C 3 .   ? -0.936  -14.640 -14.865 1.00 11.77 ? 238 HOH X O   1 
HETATM 1314 O O   . HOH C 3 .   ? -3.201  -16.743 9.434   1.00 17.47 ? 239 HOH X O   1 
HETATM 1315 O O   . HOH C 3 .   ? -3.195  6.976   2.930   1.00 19.93 ? 240 HOH X O   1 
HETATM 1316 O O   . HOH C 3 .   ? -13.700 -11.826 5.068   1.00 17.31 ? 241 HOH X O   1 
HETATM 1317 O O   . HOH C 3 .   ? -1.806  -22.477 -5.355  1.00 11.52 ? 242 HOH X O   1 
HETATM 1318 O O   . HOH C 3 .   ? -12.020 -17.024 -8.630  1.00 17.40 ? 243 HOH X O   1 
HETATM 1319 O O   . HOH C 3 .   ? 12.390  4.661   -3.574  1.00 17.29 ? 244 HOH X O   1 
HETATM 1320 O O   . HOH C 3 .   ? -3.853  1.745   2.662   1.00 16.84 ? 245 HOH X O   1 
HETATM 1321 O O   . HOH C 3 .   ? 3.187   2.885   15.400  1.00 26.23 ? 246 HOH X O   1 
HETATM 1322 O O   . HOH C 3 .   ? 2.370   -0.201  3.075   1.00 15.80 ? 247 HOH X O   1 
HETATM 1323 O O   . HOH C 3 .   ? 10.761  -16.223 -5.289  1.00 27.82 ? 248 HOH X O   1 
HETATM 1324 O O   . HOH C 3 .   ? 3.784   -5.416  -17.848 1.00 18.40 ? 249 HOH X O   1 
HETATM 1325 O O   . HOH C 3 .   ? -9.444  16.695  3.632   1.00 14.61 ? 250 HOH X O   1 
HETATM 1326 O O   . HOH C 3 .   ? 11.829  17.566  4.647   1.00 18.72 ? 251 HOH X O   1 
HETATM 1327 O O   . HOH C 3 .   ? 1.609   21.132  13.701  1.00 19.41 ? 252 HOH X O   1 
HETATM 1328 O O   . HOH C 3 .   ? -8.865  21.155  2.277   1.00 17.21 ? 253 HOH X O   1 
HETATM 1329 O O   . HOH C 3 .   ? 2.662   -14.826 -13.849 1.00 14.27 ? 254 HOH X O   1 
HETATM 1330 O O   . HOH C 3 .   ? 4.102   2.157   11.970  1.00 14.15 ? 255 HOH X O   1 
HETATM 1331 O O   . HOH C 3 .   ? 3.287   0.439   5.692   1.00 22.64 ? 256 HOH X O   1 
HETATM 1332 O O   . HOH C 3 .   ? 9.411   2.217   15.058  1.00 21.37 ? 257 HOH X O   1 
HETATM 1333 O O   . HOH C 3 .   ? 12.860  9.815   11.330  1.00 23.54 ? 258 HOH X O   1 
HETATM 1334 O O   . HOH C 3 .   ? -5.319  -5.970  -9.184  1.00 20.12 ? 259 HOH X O   1 
HETATM 1335 O O   . HOH C 3 .   ? -16.304 -16.646 1.177   1.00 19.92 ? 260 HOH X O   1 
HETATM 1336 O O   . HOH C 3 .   ? 4.760   17.453  15.465  1.00 18.20 ? 261 HOH X O   1 
HETATM 1337 O O   . HOH C 3 .   ? -4.533  -22.124 0.821   1.00 15.59 ? 262 HOH X O   1 
HETATM 1338 O O   . HOH C 3 .   ? -4.761  -14.922 10.292  1.00 24.45 ? 263 HOH X O   1 
HETATM 1339 O O   . HOH C 3 .   ? -1.440  -0.573  -8.797  1.00 26.42 ? 264 HOH X O   1 
HETATM 1340 O O   . HOH C 3 .   ? -0.535  17.078  14.050  1.00 26.45 ? 265 HOH X O   1 
HETATM 1341 O O   . HOH C 3 .   ? -2.723  11.279  0.164   1.00 18.10 ? 266 HOH X O   1 
HETATM 1342 O O   . HOH C 3 .   ? 5.360   -5.259  -8.719  1.00 14.56 ? 267 HOH X O   1 
HETATM 1343 O O   . HOH C 3 .   ? -13.423 -18.660 2.903   1.00 22.26 ? 268 HOH X O   1 
HETATM 1344 O O   . HOH C 3 .   ? 11.685  -0.248  -3.613  1.00 23.24 ? 269 HOH X O   1 
HETATM 1345 O O   . HOH C 3 .   ? 9.019   19.948  11.390  1.00 20.31 ? 270 HOH X O   1 
HETATM 1346 O O   . HOH C 3 .   ? 6.569   23.374  4.729   1.00 24.42 ? 271 HOH X O   1 
HETATM 1347 O O   . HOH C 3 .   ? 6.183   -4.431  0.170   1.00 18.96 ? 272 HOH X O   1 
HETATM 1348 O O   . HOH C 3 .   ? -0.244  13.793  18.225  1.00 19.07 ? 273 HOH X O   1 
HETATM 1349 O O   . HOH C 3 .   ? 1.547   21.709  -0.750  1.00 17.61 ? 274 HOH X O   1 
HETATM 1350 O O   . HOH C 3 .   ? -10.139 16.893  11.005  1.00 26.31 ? 275 HOH X O   1 
HETATM 1351 O O   . HOH C 3 .   ? 10.910  3.013   -4.873  1.00 30.65 ? 276 HOH X O   1 
HETATM 1352 O O   . HOH C 3 .   ? 9.169   -4.083  -13.212 1.00 21.22 ? 277 HOH X O   1 
HETATM 1353 O O   . HOH C 3 .   ? 4.019   -0.997  9.257   1.00 26.16 ? 278 HOH X O   1 
HETATM 1354 O O   . HOH C 3 .   ? -3.225  4.837   -3.488  1.00 27.57 ? 279 HOH X O   1 
HETATM 1355 O O   . HOH C 3 .   ? 5.155   21.400  8.870   1.00 17.37 ? 280 HOH X O   1 
HETATM 1356 O O   . HOH C 3 .   ? 9.561   20.102  7.629   1.00 21.45 ? 281 HOH X O   1 
HETATM 1357 O O   . HOH C 3 .   ? 4.859   -2.550  -8.104  1.00 15.94 ? 282 HOH X O   1 
HETATM 1358 O O   . HOH C 3 .   ? -3.931  -23.301 -3.157  1.00 19.21 ? 283 HOH X O   1 
HETATM 1359 O O   . HOH C 3 .   ? 5.434   -9.530  -0.047  1.00 21.10 ? 284 HOH X O   1 
HETATM 1360 O O   . HOH C 3 .   ? 5.940   20.865  14.305  1.00 20.84 ? 285 HOH X O   1 
HETATM 1361 O O   . HOH C 3 .   ? -3.707  -1.200  -3.084  1.00 30.27 ? 286 HOH X O   1 
HETATM 1362 O O   . HOH C 3 .   ? 0.019   -13.365 -17.074 1.00 25.62 ? 287 HOH X O   1 
HETATM 1363 O O   . HOH C 3 .   ? 15.751  8.092   0.926   1.00 20.32 ? 288 HOH X O   1 
HETATM 1364 O O   . HOH C 3 .   ? 2.819   -12.910 6.237   1.00 33.36 ? 289 HOH X O   1 
HETATM 1365 O O   . HOH C 3 .   ? 4.220   21.929  -1.271  1.00 23.53 ? 290 HOH X O   1 
HETATM 1366 O O   . HOH C 3 .   ? -5.907  12.687  -0.476  1.00 30.29 ? 291 HOH X O   1 
HETATM 1367 O O   . HOH C 3 .   ? 11.333  -2.928  -4.825  1.00 24.45 ? 292 HOH X O   1 
HETATM 1368 O O   . HOH C 3 .   ? -3.969  9.160   1.680   1.00 23.91 ? 293 HOH X O   1 
HETATM 1369 O O   . HOH C 3 .   ? 11.195  13.537  -4.367  1.00 30.31 ? 294 HOH X O   1 
HETATM 1370 O O   . HOH C 3 .   ? -2.160  21.466  -3.214  1.00 25.90 ? 295 HOH X O   1 
HETATM 1371 O O   . HOH C 3 .   ? -11.371 -8.213  -13.652 1.00 23.30 ? 296 HOH X O   1 
HETATM 1372 O O   . HOH C 3 .   ? -6.128  23.429  -0.101  1.00 15.68 ? 297 HOH X O   1 
HETATM 1373 O O   . HOH C 3 .   ? -8.135  -13.030 -16.386 1.00 22.62 ? 298 HOH X O   1 
HETATM 1374 O O   . HOH C 3 .   ? 10.663  2.117   10.162  1.00 27.39 ? 299 HOH X O   1 
HETATM 1375 O O   . HOH C 3 .   ? 4.793   1.575   9.167   1.00 22.21 ? 300 HOH X O   1 
HETATM 1376 O O   . HOH C 3 .   ? -11.682 -13.930 -12.605 1.00 24.30 ? 301 HOH X O   1 
HETATM 1377 O O   . HOH C 3 .   ? -6.488  -22.333 -1.440  1.00 21.31 ? 302 HOH X O   1 
HETATM 1378 O O   . HOH C 3 .   ? 15.864  10.288  -0.801  1.00 45.50 ? 303 HOH X O   1 
HETATM 1379 O O   . HOH C 3 .   ? 7.042   -0.468  3.287   1.00 26.35 ? 304 HOH X O   1 
HETATM 1380 O O   . HOH C 3 .   ? 4.094   -19.309 -11.562 1.00 22.22 ? 305 HOH X O   1 
HETATM 1381 O O   . HOH C 3 .   ? -11.056 -9.746  9.979   1.00 21.80 ? 306 HOH X O   1 
HETATM 1382 O O   . HOH C 3 .   ? 7.221   1.303   8.884   1.00 28.97 ? 307 HOH X O   1 
HETATM 1383 O O   . HOH C 3 .   ? -4.026  -19.514 10.328  1.00 27.22 ? 308 HOH X O   1 
HETATM 1384 O O   . HOH C 3 .   ? 2.419   -0.168  -13.311 1.00 38.61 ? 309 HOH X O   1 
HETATM 1385 O O   . HOH C 3 .   ? -10.819 -19.111 -14.385 1.00 21.01 ? 310 HOH X O   1 
HETATM 1386 O O   . HOH C 3 .   ? -7.987  14.098  7.444   1.00 26.14 ? 311 HOH X O   1 
HETATM 1387 O O   . HOH C 3 .   ? -11.661 -16.653 -12.151 1.00 23.05 ? 312 HOH X O   1 
HETATM 1388 O O   . HOH C 3 .   ? -8.254  -12.202 12.838  1.00 26.19 ? 313 HOH X O   1 
HETATM 1389 O O   . HOH C 3 .   ? 6.400   9.239   -14.289 1.00 26.15 ? 314 HOH X O   1 
HETATM 1390 O O   . HOH C 3 .   ? 2.019   -2.204  -20.216 1.00 28.14 ? 315 HOH X O   1 
HETATM 1391 O O   . HOH C 3 .   ? -17.121 -15.023 -0.876  1.00 10.52 ? 316 HOH X O   1 
HETATM 1392 O O   . HOH C 3 .   ? 8.286   17.639  12.743  1.00 16.06 ? 317 HOH X O   1 
HETATM 1393 O O   . HOH C 3 .   ? -15.108 -17.164 -3.696  1.00 11.88 ? 318 HOH X O   1 
HETATM 1394 O O   . HOH C 3 .   ? 12.700  13.206  10.765  1.00 19.26 ? 319 HOH X O   1 
HETATM 1395 O O   . HOH C 3 .   ? -2.023  -12.553 -18.449 1.00 21.94 ? 320 HOH X O   1 
HETATM 1396 O O   . HOH C 3 .   ? 10.692  20.197  5.188   1.00 20.98 ? 321 HOH X O   1 
HETATM 1397 O O   . HOH C 3 .   ? 2.533   -7.080  -19.232 1.00 23.00 ? 322 HOH X O   1 
HETATM 1398 O O   . HOH C 3 .   ? 8.949   -18.474 -9.759  1.00 19.89 ? 323 HOH X O   1 
HETATM 1399 O O   . HOH C 3 .   ? 6.958   18.510  14.909  1.00 20.23 ? 324 HOH X O   1 
HETATM 1400 O O   . HOH C 3 .   ? 3.073   -20.754 2.945   1.00 23.51 ? 325 HOH X O   1 
HETATM 1401 O O   . HOH C 3 .   ? -10.598 -2.312  9.034   1.00 19.12 ? 326 HOH X O   1 
HETATM 1402 O O   . HOH C 3 .   ? 6.116   0.629   5.653   1.00 22.56 ? 327 HOH X O   1 
HETATM 1403 O O   . HOH C 3 .   ? 5.845   -18.585 -1.609  1.00 26.06 ? 328 HOH X O   1 
HETATM 1404 O O   . HOH C 3 .   ? 5.165   -17.026 2.379   1.00 20.11 ? 329 HOH X O   1 
HETATM 1405 O O   . HOH C 3 .   ? -12.884 20.716  7.868   1.00 29.18 ? 330 HOH X O   1 
HETATM 1406 O O   . HOH C 3 .   ? 3.959   -15.294 4.820   1.00 29.89 ? 331 HOH X O   1 
HETATM 1407 O O   . HOH C 3 .   ? -5.365  -20.943 8.468   1.00 22.16 ? 332 HOH X O   1 
HETATM 1408 O O   . HOH C 3 .   ? -3.462  1.210   -1.580  1.00 34.35 ? 333 HOH X O   1 
HETATM 1409 O O   . HOH C 3 .   ? 0.470   22.065  -3.017  1.00 28.59 ? 334 HOH X O   1 
HETATM 1410 O O   . HOH C 3 .   ? -7.934  -15.339 12.118  1.00 39.80 ? 335 HOH X O   1 
HETATM 1411 O O   . HOH C 3 .   ? 11.540  20.943  0.712   1.00 30.83 ? 336 HOH X O   1 
HETATM 1412 O O   . HOH C 3 .   ? -5.935  -2.418  -3.767  1.00 23.92 ? 337 HOH X O   1 
HETATM 1413 O O   . HOH C 3 .   ? 8.159   21.782  13.463  1.00 34.56 ? 338 HOH X O   1 
HETATM 1414 O O   . HOH C 3 .   ? 9.213   -10.630 -1.296  1.00 23.99 ? 339 HOH X O   1 
HETATM 1415 O O   . HOH C 3 .   ? -9.976  15.158  6.056   1.00 28.38 ? 340 HOH X O   1 
HETATM 1416 O O   . HOH C 3 .   ? 11.354  -13.711 0.285   1.00 38.76 ? 341 HOH X O   1 
HETATM 1417 O O   . HOH C 3 .   ? 4.969   16.933  18.070  1.00 24.59 ? 342 HOH X O   1 
HETATM 1418 O O   . HOH C 3 .   ? 8.517   -5.211  -1.056  1.00 24.18 ? 343 HOH X O   1 
HETATM 1419 O O   . HOH C 3 .   ? 9.666   22.015  3.403   1.00 31.84 ? 344 HOH X O   1 
HETATM 1420 O O   . HOH C 3 .   ? 13.224  -14.175 -8.041  1.00 30.49 ? 345 HOH X O   1 
HETATM 1421 O O   . HOH C 3 .   ? -9.116  6.621   14.021  1.00 37.00 ? 346 HOH X O   1 
HETATM 1422 O O   . HOH C 3 .   ? 2.867   15.936  -4.313  1.00 29.01 ? 347 HOH X O   1 
HETATM 1423 O O   . HOH C 3 .   ? -0.287  -5.579  -19.584 1.00 42.55 ? 348 HOH X O   1 
HETATM 1424 O O   . HOH C 3 .   ? 2.693   21.340  16.097  1.00 25.28 ? 349 HOH X O   1 
HETATM 1425 O O   . HOH C 3 .   ? 13.002  5.596   10.968  1.00 24.08 ? 350 HOH X O   1 
HETATM 1426 O O   . HOH C 3 .   ? 12.934  17.127  -0.394  1.00 27.87 ? 351 HOH X O   1 
HETATM 1427 O O   . HOH C 3 .   ? 9.467   -6.664  -3.198  1.00 25.15 ? 352 HOH X O   1 
HETATM 1428 O O   . HOH C 3 .   ? 13.184  -0.154  0.761   1.00 30.22 ? 353 HOH X O   1 
HETATM 1429 O O   . HOH C 3 .   ? -13.990 -11.697 7.276   1.00 30.92 ? 354 HOH X O   1 
HETATM 1430 O O   . HOH C 3 .   ? 7.919   6.973   -12.981 1.00 25.82 ? 355 HOH X O   1 
HETATM 1431 O O   . HOH C 3 .   ? 7.874   -17.569 -5.705  1.00 22.76 ? 356 HOH X O   1 
HETATM 1432 O O   . HOH C 3 .   ? -6.298  -3.551  -10.056 1.00 33.67 ? 357 HOH X O   1 
HETATM 1433 O O   . HOH C 3 .   ? -7.001  10.767  18.596  1.00 31.10 ? 358 HOH X O   1 
# 
